data_7Z03
#
_entry.id   7Z03
#
loop_
_entity.id
_entity.type
_entity.pdbx_description
1 polymer 'Nuclease SbcCD subunit C'
2 polymer 'Nuclease SbcCD subunit D'
3 polymer 'DNA (39-MER)'
4 polymer 'DNA (39-MER)'
5 non-polymer "ADENOSINE-5'-DIPHOSPHATE"
6 non-polymer 'MAGNESIUM ION'
7 non-polymer 'MANGANESE (II) ION'
#
loop_
_entity_poly.entity_id
_entity_poly.type
_entity_poly.pdbx_seq_one_letter_code
_entity_poly.pdbx_strand_id
1 'polypeptide(L)'
;MKILSLRLKNLNSLKGEWKIDFTREPFASNGLFAITGPTGAGKTTLLDAICLALYHETPRLSNVSQSQNDLMTRDTAECL
AEVEFEVKGEAYRAFWSQNRARNQPDGNLQVPRVELARCADGKILADKVKDKLELTATLTGLDYGRFTRSMLLSQGQFAA
FLNAKPKERAELLEELTGTEIYGQISAMVFEQHKSARTELEKLQAQASGVTLLTPEQVQSLTASLQVLTDEEKQLITAQQ
QEQQSLNWLTRQDELQQEASRRQQALQQALAEEEKAQPQLAALSLAQPARNLRPHWERIAEHSAALAHIRQQIEEVNTRL
QSTMALRASIRHHAAKQSAELQQQQQSLNTWLQEHDRFRQWNNEPAGWRAQFSQQTSDREHLRQWQQQLTHAEQKLNALA
AITLTLTADEVATALAQHAEQRPLRQHLVALHGQIVPQQKRLAQLQVAIQNVTQEQTQRNAALNEMRQRYKEKTQQLADV
KTICEQEARIKTLEAQRAQLQAGQPCPLCGSTSHPAVEAYQALEPGVNQSRLLALENEVKKLGEEGATLRGQLDAITKQL
QRDENEAQSLRQDEQALTQQWQAVTASLNITLQPLDDIQPWLDAQDEHERQLRLLSQRHELQGQIAAHNQQIIQYQQQIE
QRQQLLLTTLTGYALTLPQEDEEESWLATRQQEAQSWQQRQNELTALQNRIQQLTPILETLPQSDELPHCEETVVLENWR
QVHEQCLALHSQQQTLQQQDVLAAQSLQKAQAQFDTALQASVFDDQQAFLAALMDEQTLTQLEQLKQNLENQRRQAQTLV
TQTAETLAQHQQHRPDDGLALTVTVEQIQQELAQTHQKLRENTTSQGEIRQQLKQDADNRQQQQTLMQQIAQMTQQVEDW
GYLNSLIGSKEGDKFRKFAQGLTLDNLVHLANQQLTRLHGRYLLQRKASEALEVEVVDTWQADAVRDTRTLSGGESFLVS
LALALALSDLVSHKTRIDSLFLDEGFGTLDSETLDTALDALDALNASGKTIGVISHVEAMKERIPVQIKVKKINGLGYSK
LESTFAVK
;
C,D
2 'polypeptide(L)'
;MRILHTSDWHLGQNFYSKSREAEHQAFLDWLLETAQTHQVDAIIVAGDVFDTGSPPSYARTLYNRFVVNLQQTGCHLVVL
AGNQDSVATLNESRDIMAFLNTTVVASAGHAPQILPRRDGTPGAVLCPIPFLRPRDIITSQAGLNGIEKQQHLLAAITDY
YQQHYADACKLRGDQPLPIIATGHLTTVGASKSDAVRDIYIGTLDAFPAQNFPPADYIALGHIHRAQIIGGMEHVRYCGS
PIPLSFDECGKSKYVHLVTFSNGKLESVENLNVPVTQPMAVLKGDLASITAQLEQWRDVSQEPPVWLDIEITTDEYLHDI
QRKIQALTESLPVEVLLVRRSREQRERVLASQQRETLSELSVEEVFNRRLALEELDESQQQRLQHLFTTTLHTLAGEHEA
GHHHHHH
;
A,B
3 'polydeoxyribonucleotide'
;(DC)(DC)(DA)(DG)(DT)(DT)(DG)(DA)(DT)(DC)(DG)(DG)(DC)(DG)(DC)(DG)(DA)(DG)(DA)(DT)
(DT)(DT)(DA)(DA)(DT)(DC)(DG)(DC)(DC)(DG)(DC)(DG)(DA)(DC)(DA)(DA)(DT)(DT)(DT)(DG)
(DC)(DG)(DA)(DC)(DG)(DG)(DC)(DG)(DC)(DG)(DT)(DG)(DC)(DA)(DG)(DG)(DG)(DC)(DC)(DA)
(DG)(DA)(DC)(DT)(DG)(DG)(DA)(DG)(DG)(DT)(DG)(DG)(DC)(DA)(DA)(DC)(DG)(DC)(DC)(DA)
(DA)(DT)(DC)(DA)(DG)(DC)(DA)(DA)(DC)(DG)(DA)(DC)(DT)(DG)(DT)(DT)(DT)(DG)(DC)(DC)
(DC)(DG)(DC)(DC)(DA)(DG)(DT)(DT)(DG)(DT)(DT)(DG)(DT)(DG)(DC)(DC)(DA)(DC)(DG)(DC)
;
E
4 'polydeoxyribonucleotide'
;(DG)(DC)(DG)(DT)(DG)(DG)(DC)(DA)(DC)(DA)(DA)(DC)(DA)(DA)(DC)(DT)(DG)(DG)(DC)(DG)
(DG)(DG)(DC)(DA)(DA)(DA)(DC)(DA)(DG)(DT)(DC)(DG)(DT)(DT)(DG)(DC)(DT)(DG)(DA)(DT)
(DT)(DG)(DG)(DC)(DG)(DT)(DT)(DG)(DC)(DC)(DA)(DC)(DC)(DT)(DC)(DC)(DA)(DG)(DT)(DC)
(DT)(DG)(DG)(DC)(DC)(DC)(DT)(DG)(DC)(DA)(DC)(DG)(DC)(DG)(DC)(DC)(DG)(DT)(DC)(DG)
(DC)(DA)(DA)(DA)(DT)(DT)(DG)(DT)(DC)(DG)(DC)(DG)(DG)(DC)(DG)(DA)(DT)(DT)(DA)(DA)
(DA)(DT)(DC)(DT)(DC)(DG)(DC)(DG)(DC)(DC)(DG)(DA)(DT)(DC)(DA)(DA)(DC)(DT)(DG)(DG)
;
F
#
# COMPACT_ATOMS: atom_id res chain seq x y z
N MET A 1 3.93 15.72 -12.15
CA MET A 1 2.92 16.27 -11.26
C MET A 1 3.24 17.71 -10.86
N LYS A 2 2.22 18.55 -10.89
CA LYS A 2 2.32 19.91 -10.37
C LYS A 2 0.95 20.34 -9.86
N ILE A 3 0.96 21.23 -8.88
CA ILE A 3 -0.27 21.66 -8.22
C ILE A 3 -0.79 22.93 -8.90
N LEU A 4 -2.04 22.89 -9.33
CA LEU A 4 -2.66 24.03 -10.00
C LEU A 4 -3.45 24.91 -9.03
N SER A 5 -4.25 24.31 -8.16
CA SER A 5 -5.03 25.10 -7.21
C SER A 5 -5.28 24.25 -5.97
N LEU A 6 -5.40 24.94 -4.83
CA LEU A 6 -5.65 24.31 -3.55
C LEU A 6 -6.82 25.00 -2.87
N ARG A 7 -7.80 24.20 -2.44
CA ARG A 7 -8.97 24.72 -1.74
C ARG A 7 -9.19 23.90 -0.47
N LEU A 8 -9.28 24.59 0.67
CA LEU A 8 -9.44 23.94 1.95
C LEU A 8 -10.51 24.68 2.74
N LYS A 9 -11.09 23.98 3.71
CA LYS A 9 -12.15 24.55 4.52
C LYS A 9 -12.07 24.00 5.94
N ASN A 10 -11.78 24.88 6.90
CA ASN A 10 -11.83 24.55 8.33
C ASN A 10 -10.85 23.44 8.69
N LEU A 11 -9.59 23.60 8.30
CA LEU A 11 -8.51 22.71 8.72
C LEU A 11 -7.62 23.44 9.73
N ASN A 12 -7.34 22.78 10.86
CA ASN A 12 -6.50 23.33 11.92
C ASN A 12 -6.86 24.77 12.26
N SER A 13 -5.89 25.68 12.15
CA SER A 13 -6.11 27.06 12.54
C SER A 13 -6.81 27.87 11.46
N LEU A 14 -7.06 27.28 10.29
CA LEU A 14 -7.61 28.01 9.16
C LEU A 14 -9.13 27.84 9.09
N LYS A 15 -9.81 28.51 10.02
CA LYS A 15 -11.26 28.50 10.03
C LYS A 15 -11.80 29.26 8.82
N GLY A 16 -12.83 28.71 8.22
CA GLY A 16 -13.39 29.27 7.00
C GLY A 16 -12.98 28.48 5.78
N GLU A 17 -13.36 29.02 4.62
CA GLU A 17 -13.08 28.39 3.33
C GLU A 17 -12.07 29.24 2.57
N TRP A 18 -10.96 28.63 2.19
CA TRP A 18 -9.86 29.33 1.54
C TRP A 18 -9.52 28.62 0.23
N LYS A 19 -9.26 29.40 -0.81
CA LYS A 19 -8.86 28.85 -2.11
C LYS A 19 -7.60 29.56 -2.57
N ILE A 20 -6.53 28.80 -2.73
CA ILE A 20 -5.27 29.30 -3.26
C ILE A 20 -5.12 28.75 -4.67
N ASP A 21 -5.16 29.64 -5.65
CA ASP A 21 -5.09 29.25 -7.05
C ASP A 21 -3.74 29.69 -7.61
N PHE A 22 -2.88 28.71 -7.92
CA PHE A 22 -1.67 29.02 -8.64
C PHE A 22 -1.99 29.32 -10.10
N THR A 23 -0.94 29.57 -10.88
CA THR A 23 -1.05 29.97 -12.28
C THR A 23 -1.80 31.30 -12.41
N ARG A 24 -1.97 32.01 -11.29
CA ARG A 24 -2.49 33.36 -11.33
C ARG A 24 -1.35 34.34 -11.62
N GLU A 25 -1.65 35.63 -11.43
CA GLU A 25 -0.64 36.68 -11.63
C GLU A 25 0.58 36.54 -10.71
N PRO A 26 0.45 36.35 -9.39
CA PRO A 26 1.66 36.26 -8.56
C PRO A 26 2.47 35.00 -8.79
N PHE A 27 1.83 33.90 -9.15
CA PHE A 27 2.51 32.61 -9.30
C PHE A 27 2.77 32.23 -10.75
N ALA A 28 2.57 33.15 -11.70
CA ALA A 28 2.69 32.81 -13.12
C ALA A 28 4.10 32.45 -13.53
N SER A 29 5.12 32.91 -12.81
CA SER A 29 6.51 32.69 -13.21
C SER A 29 7.04 31.32 -12.83
N ASN A 30 6.25 30.52 -12.09
CA ASN A 30 6.71 29.25 -11.54
C ASN A 30 7.95 29.44 -10.65
N GLY A 31 8.12 30.64 -10.12
CA GLY A 31 9.30 30.95 -9.32
C GLY A 31 9.18 30.49 -7.89
N LEU A 32 10.14 30.91 -7.05
CA LEU A 32 10.10 30.54 -5.65
C LEU A 32 8.94 31.25 -4.95
N PHE A 33 8.18 30.49 -4.17
CA PHE A 33 7.17 31.06 -3.29
C PHE A 33 7.36 30.49 -1.90
N ALA A 34 7.25 31.36 -0.90
CA ALA A 34 7.45 30.98 0.48
C ALA A 34 6.20 31.31 1.29
N ILE A 35 5.86 30.42 2.22
CA ILE A 35 4.72 30.61 3.11
C ILE A 35 5.26 31.12 4.43
N THR A 36 4.87 32.34 4.79
CA THR A 36 5.45 33.02 5.95
C THR A 36 4.37 33.35 6.95
N GLY A 37 4.79 33.53 8.20
CA GLY A 37 3.90 33.87 9.28
C GLY A 37 4.42 33.37 10.61
N PRO A 38 3.78 33.79 11.69
CA PRO A 38 4.21 33.36 13.03
C PRO A 38 4.04 31.86 13.22
N THR A 39 4.63 31.35 14.29
CA THR A 39 4.46 29.94 14.62
C THR A 39 3.03 29.68 15.08
N GLY A 40 2.53 28.51 14.75
CA GLY A 40 1.15 28.18 15.06
C GLY A 40 0.13 28.89 14.21
N ALA A 41 0.57 29.48 13.09
CA ALA A 41 -0.35 30.26 12.23
C ALA A 41 -1.09 29.35 11.24
N GLY A 42 -0.61 28.13 11.01
CA GLY A 42 -1.27 27.29 9.98
C GLY A 42 -0.49 27.18 8.68
N LYS A 43 0.79 27.57 8.65
CA LYS A 43 1.63 27.38 7.44
C LYS A 43 1.68 25.91 7.02
N THR A 44 2.07 25.01 7.94
CA THR A 44 2.09 23.58 7.60
C THR A 44 0.71 23.08 7.19
N THR A 45 -0.35 23.71 7.70
CA THR A 45 -1.70 23.28 7.36
C THR A 45 -1.98 23.41 5.87
N LEU A 46 -1.38 24.40 5.21
CA LEU A 46 -1.51 24.52 3.76
C LEU A 46 -0.94 23.30 3.06
N LEU A 47 0.22 22.82 3.51
CA LEU A 47 0.80 21.62 2.91
C LEU A 47 0.06 20.36 3.37
N ASP A 48 -0.58 20.41 4.54
CA ASP A 48 -1.35 19.26 5.00
C ASP A 48 -2.60 19.06 4.15
N ALA A 49 -3.19 20.14 3.64
CA ALA A 49 -4.35 20.01 2.78
C ALA A 49 -4.03 19.31 1.48
N ILE A 50 -2.86 19.64 0.88
CA ILE A 50 -2.46 19.02 -0.37
C ILE A 50 -2.29 17.51 -0.19
N CYS A 51 -1.64 17.10 0.89
CA CYS A 51 -1.48 15.67 1.15
C CYS A 51 -2.80 15.01 1.49
N LEU A 52 -3.67 15.72 2.21
CA LEU A 52 -4.95 15.15 2.63
C LEU A 52 -5.84 14.87 1.42
N ALA A 53 -6.02 15.87 0.55
CA ALA A 53 -6.92 15.72 -0.59
C ALA A 53 -6.45 14.60 -1.51
N LEU A 54 -5.15 14.30 -1.50
CA LEU A 54 -4.62 13.33 -2.45
C LEU A 54 -4.58 11.92 -1.86
N TYR A 55 -4.04 11.77 -0.65
CA TYR A 55 -3.78 10.45 -0.10
C TYR A 55 -4.52 10.18 1.21
N HIS A 56 -5.51 11.00 1.57
CA HIS A 56 -6.35 10.80 2.74
C HIS A 56 -5.54 10.69 4.03
N GLU A 57 -4.31 11.20 4.02
CA GLU A 57 -3.44 11.20 5.18
C GLU A 57 -2.70 12.53 5.24
N THR A 58 -2.19 12.84 6.43
CA THR A 58 -1.37 14.01 6.65
C THR A 58 -0.14 13.54 7.40
N PRO A 59 1.01 14.20 7.26
CA PRO A 59 2.23 13.70 7.91
C PRO A 59 2.11 13.58 9.42
N ARG A 60 1.40 14.47 10.09
CA ARG A 60 1.30 14.41 11.54
C ARG A 60 0.35 13.32 12.03
N LEU A 61 -0.78 13.12 11.35
CA LEU A 61 -1.81 12.18 11.79
C LEU A 61 -1.82 10.99 10.85
N SER A 62 -1.71 9.79 11.42
CA SER A 62 -1.59 8.58 10.61
C SER A 62 -2.81 8.39 9.71
N ASN A 63 -4.01 8.55 10.26
CA ASN A 63 -5.22 8.38 9.47
C ASN A 63 -6.33 9.25 10.02
N VAL A 64 -7.17 9.75 9.12
CA VAL A 64 -8.37 10.50 9.47
C VAL A 64 -9.56 9.76 8.87
N SER A 65 -10.57 9.49 9.70
CA SER A 65 -11.67 8.64 9.30
C SER A 65 -12.86 8.91 10.19
N GLN A 66 -13.85 8.00 10.14
CA GLN A 66 -15.01 8.11 11.02
C GLN A 66 -14.62 7.98 12.48
N SER A 67 -13.70 7.06 12.79
CA SER A 67 -13.36 6.81 14.18
C SER A 67 -12.58 7.96 14.82
N GLN A 68 -11.85 8.75 14.04
CA GLN A 68 -11.09 9.85 14.59
C GLN A 68 -10.80 10.87 13.50
N ASN A 69 -10.84 12.15 13.88
CA ASN A 69 -10.48 13.23 12.99
C ASN A 69 -10.04 14.41 13.85
N ASP A 70 -8.74 14.61 13.98
CA ASP A 70 -8.17 15.71 14.74
C ASP A 70 -7.74 16.87 13.87
N LEU A 71 -8.08 16.85 12.58
CA LEU A 71 -7.65 17.87 11.64
C LEU A 71 -8.64 19.01 11.50
N MET A 72 -9.93 18.75 11.68
CA MET A 72 -10.94 19.78 11.50
C MET A 72 -11.00 20.67 12.74
N THR A 73 -11.16 21.98 12.50
CA THR A 73 -11.05 22.96 13.57
C THR A 73 -12.16 22.80 14.60
N ARG A 74 -11.86 23.13 15.84
CA ARG A 74 -12.82 22.99 16.92
C ARG A 74 -13.99 23.95 16.73
N ASP A 75 -15.13 23.59 17.30
CA ASP A 75 -16.36 24.38 17.21
C ASP A 75 -16.79 24.57 15.76
N THR A 76 -16.56 23.54 14.94
CA THR A 76 -16.96 23.55 13.54
C THR A 76 -17.46 22.17 13.16
N ALA A 77 -18.40 22.11 12.22
CA ALA A 77 -19.12 20.88 11.91
C ALA A 77 -18.63 20.16 10.66
N GLU A 78 -17.78 20.78 9.85
CA GLU A 78 -17.34 20.13 8.62
C GLU A 78 -15.96 20.64 8.22
N CYS A 79 -15.29 19.85 7.39
CA CYS A 79 -14.00 20.21 6.83
C CYS A 79 -13.84 19.54 5.48
N LEU A 80 -13.11 20.19 4.59
CA LEU A 80 -12.86 19.61 3.28
C LEU A 80 -11.58 20.18 2.70
N ALA A 81 -10.95 19.40 1.83
CA ALA A 81 -9.77 19.82 1.10
C ALA A 81 -9.85 19.30 -0.32
N GLU A 82 -9.50 20.16 -1.28
CA GLU A 82 -9.61 19.79 -2.69
C GLU A 82 -8.46 20.44 -3.46
N VAL A 83 -7.79 19.63 -4.28
CA VAL A 83 -6.62 20.09 -5.02
C VAL A 83 -6.80 19.78 -6.50
N GLU A 84 -6.23 20.64 -7.34
CA GLU A 84 -6.17 20.42 -8.78
C GLU A 84 -4.72 20.22 -9.18
N PHE A 85 -4.42 19.07 -9.78
CA PHE A 85 -3.06 18.77 -10.21
C PHE A 85 -3.07 18.36 -11.67
N GLU A 86 -1.89 18.42 -12.28
CA GLU A 86 -1.75 18.17 -13.71
C GLU A 86 -0.65 17.14 -13.95
N VAL A 87 -1.01 16.05 -14.61
CA VAL A 87 -0.07 14.98 -14.92
C VAL A 87 -0.08 14.75 -16.43
N LYS A 88 1.08 14.89 -17.05
CA LYS A 88 1.26 14.68 -18.49
C LYS A 88 0.34 15.59 -19.31
N GLY A 89 0.16 16.82 -18.86
CA GLY A 89 -0.63 17.80 -19.59
C GLY A 89 -2.11 17.73 -19.39
N GLU A 90 -2.61 16.76 -18.62
CA GLU A 90 -4.04 16.63 -18.34
C GLU A 90 -4.28 16.89 -16.87
N ALA A 91 -5.28 17.73 -16.57
CA ALA A 91 -5.59 18.15 -15.22
C ALA A 91 -6.57 17.21 -14.57
N TYR A 92 -6.42 17.01 -13.26
CA TYR A 92 -7.31 16.18 -12.47
C TYR A 92 -7.64 16.90 -11.18
N ARG A 93 -8.73 16.47 -10.53
CA ARG A 93 -9.17 17.05 -9.27
C ARG A 93 -9.39 15.95 -8.24
N ALA A 94 -8.84 16.15 -7.05
CA ALA A 94 -9.04 15.25 -5.93
C ALA A 94 -9.83 15.97 -4.86
N PHE A 95 -10.71 15.23 -4.17
CA PHE A 95 -11.66 15.83 -3.25
C PHE A 95 -11.81 14.94 -2.03
N TRP A 96 -11.72 15.54 -0.84
CA TRP A 96 -11.93 14.83 0.40
C TRP A 96 -12.67 15.74 1.37
N SER A 97 -13.77 15.25 1.91
CA SER A 97 -14.63 16.05 2.78
C SER A 97 -15.23 15.16 3.86
N GLN A 98 -15.59 15.79 4.98
CA GLN A 98 -16.22 15.09 6.09
C GLN A 98 -17.13 16.05 6.83
N ASN A 99 -18.26 15.54 7.30
CA ASN A 99 -19.27 16.35 7.99
C ASN A 99 -19.67 15.66 9.29
N ARG A 100 -19.96 16.47 10.30
CA ARG A 100 -20.43 15.96 11.58
C ARG A 100 -21.94 15.79 11.56
N ALA A 101 -22.42 14.85 12.37
CA ALA A 101 -23.84 14.53 12.40
C ALA A 101 -24.65 15.73 12.86
N ARG A 102 -25.79 15.95 12.19
CA ARG A 102 -26.73 17.03 12.47
C ARG A 102 -26.09 18.41 12.40
N ASN A 103 -24.93 18.53 11.77
CA ASN A 103 -24.19 19.79 11.64
C ASN A 103 -23.85 20.40 12.99
N GLN A 104 -23.73 19.57 14.03
CA GLN A 104 -23.39 20.06 15.36
C GLN A 104 -22.00 19.61 15.74
N PRO A 105 -21.19 20.48 16.35
CA PRO A 105 -19.82 20.10 16.69
C PRO A 105 -19.71 18.90 17.62
N ASP A 106 -20.73 18.64 18.44
CA ASP A 106 -20.68 17.49 19.33
C ASP A 106 -21.10 16.19 18.67
N GLY A 107 -21.60 16.25 17.43
CA GLY A 107 -22.10 15.06 16.78
C GLY A 107 -20.99 14.11 16.37
N ASN A 108 -21.37 12.87 16.09
CA ASN A 108 -20.41 11.88 15.65
C ASN A 108 -19.94 12.19 14.23
N LEU A 109 -18.75 11.69 13.90
CA LEU A 109 -18.16 11.93 12.59
C LEU A 109 -18.73 10.95 11.57
N GLN A 110 -19.17 11.46 10.43
CA GLN A 110 -19.67 10.62 9.36
C GLN A 110 -18.51 10.17 8.46
N VAL A 111 -18.82 9.27 7.54
CA VAL A 111 -17.82 8.72 6.63
C VAL A 111 -17.39 9.82 5.66
N PRO A 112 -16.13 9.85 5.24
CA PRO A 112 -15.68 10.87 4.30
C PRO A 112 -16.27 10.66 2.91
N ARG A 113 -16.40 11.76 2.17
CA ARG A 113 -16.88 11.74 0.80
C ARG A 113 -15.72 12.12 -0.13
N VAL A 114 -15.25 11.15 -0.91
CA VAL A 114 -14.06 11.32 -1.72
C VAL A 114 -14.42 11.16 -3.19
N GLU A 115 -13.71 11.89 -4.04
CA GLU A 115 -13.90 11.82 -5.49
C GLU A 115 -12.57 12.09 -6.18
N LEU A 116 -12.50 11.70 -7.45
CA LEU A 116 -11.37 11.96 -8.32
C LEU A 116 -11.89 12.10 -9.73
N ALA A 117 -11.72 13.28 -10.32
CA ALA A 117 -12.37 13.57 -11.59
C ALA A 117 -11.47 14.44 -12.44
N ARG A 118 -11.55 14.24 -13.76
CA ARG A 118 -10.84 15.10 -14.69
C ARG A 118 -11.41 16.52 -14.62
N CYS A 119 -10.53 17.50 -14.80
CA CYS A 119 -10.94 18.89 -14.65
C CYS A 119 -11.70 19.39 -15.88
N ALA A 120 -11.16 19.13 -17.07
CA ALA A 120 -11.79 19.61 -18.30
C ALA A 120 -12.94 18.73 -18.76
N ASP A 121 -12.73 17.41 -18.78
CA ASP A 121 -13.81 16.49 -19.13
C ASP A 121 -14.93 16.54 -18.10
N GLY A 122 -14.59 16.59 -16.81
CA GLY A 122 -15.57 16.54 -15.76
C GLY A 122 -15.98 15.16 -15.33
N LYS A 123 -15.56 14.12 -16.05
CA LYS A 123 -15.97 12.76 -15.71
C LYS A 123 -15.34 12.32 -14.39
N ILE A 124 -16.13 11.64 -13.58
CA ILE A 124 -15.67 11.10 -12.31
C ILE A 124 -14.94 9.78 -12.55
N LEU A 125 -13.73 9.68 -12.01
CA LEU A 125 -12.91 8.47 -12.15
C LEU A 125 -13.02 7.53 -10.98
N ALA A 126 -13.17 8.03 -9.75
CA ALA A 126 -13.27 7.18 -8.57
C ALA A 126 -14.09 7.89 -7.51
N ASP A 127 -14.77 7.10 -6.68
CA ASP A 127 -15.61 7.61 -5.61
C ASP A 127 -15.43 6.92 -4.27
N LYS A 128 -14.50 5.98 -4.15
CA LYS A 128 -14.28 5.28 -2.90
C LYS A 128 -12.83 5.46 -2.46
N VAL A 129 -12.56 5.19 -1.19
CA VAL A 129 -11.23 5.44 -0.65
C VAL A 129 -10.18 4.59 -1.35
N LYS A 130 -10.41 3.28 -1.39
CA LYS A 130 -9.41 2.38 -1.97
C LYS A 130 -9.29 2.58 -3.47
N ASP A 131 -10.42 2.74 -4.15
CA ASP A 131 -10.39 2.95 -5.59
C ASP A 131 -9.64 4.24 -5.93
N LYS A 132 -9.94 5.33 -5.21
CA LYS A 132 -9.27 6.60 -5.44
C LYS A 132 -7.78 6.50 -5.16
N LEU A 133 -7.40 5.85 -4.05
CA LEU A 133 -5.98 5.75 -3.71
C LEU A 133 -5.22 4.95 -4.77
N GLU A 134 -5.77 3.79 -5.17
CA GLU A 134 -5.08 2.99 -6.18
C GLU A 134 -5.00 3.71 -7.52
N LEU A 135 -6.09 4.36 -7.93
CA LEU A 135 -6.09 5.03 -9.23
C LEU A 135 -5.14 6.21 -9.22
N THR A 136 -5.08 6.98 -8.14
CA THR A 136 -4.17 8.12 -8.11
C THR A 136 -2.72 7.66 -7.99
N ALA A 137 -2.47 6.55 -7.29
CA ALA A 137 -1.12 6.00 -7.25
C ALA A 137 -0.67 5.57 -8.63
N THR A 138 -1.54 4.87 -9.37
CA THR A 138 -1.21 4.47 -10.72
C THR A 138 -1.01 5.67 -11.64
N LEU A 139 -1.86 6.68 -11.49
CA LEU A 139 -1.82 7.84 -12.40
C LEU A 139 -0.57 8.67 -12.16
N THR A 140 -0.27 9.00 -10.90
CA THR A 140 0.87 9.85 -10.59
C THR A 140 2.18 9.08 -10.55
N GLY A 141 2.14 7.75 -10.43
CA GLY A 141 3.32 6.94 -10.27
C GLY A 141 3.69 6.74 -8.82
N LEU A 142 3.39 7.74 -7.98
CA LEU A 142 3.81 7.75 -6.58
C LEU A 142 2.60 7.83 -5.66
N ASP A 143 2.54 6.92 -4.68
CA ASP A 143 1.54 6.98 -3.63
C ASP A 143 2.05 7.85 -2.49
N TYR A 144 1.40 7.75 -1.32
CA TYR A 144 1.80 8.57 -0.17
C TYR A 144 3.23 8.28 0.26
N GLY A 145 3.59 7.01 0.32
CA GLY A 145 4.91 6.61 0.79
C GLY A 145 6.06 7.11 -0.06
N ARG A 146 5.78 7.50 -1.30
CA ARG A 146 6.77 8.09 -2.20
C ARG A 146 6.62 9.60 -2.32
N PHE A 147 5.39 10.08 -2.18
CA PHE A 147 5.14 11.52 -2.11
C PHE A 147 5.89 12.15 -0.95
N THR A 148 5.76 11.56 0.24
CA THR A 148 6.35 12.11 1.44
C THR A 148 7.87 12.00 1.46
N ARG A 149 8.48 11.29 0.50
CA ARG A 149 9.92 11.15 0.44
C ARG A 149 10.56 11.81 -0.78
N SER A 150 9.83 12.05 -1.85
CA SER A 150 10.41 12.64 -3.05
C SER A 150 9.74 13.92 -3.51
N MET A 151 8.57 14.28 -2.98
CA MET A 151 7.88 15.48 -3.43
C MET A 151 7.54 16.45 -2.31
N LEU A 152 7.24 15.98 -1.11
CA LEU A 152 7.01 16.84 0.04
C LEU A 152 7.90 16.38 1.18
N LEU A 153 8.72 17.28 1.71
CA LEU A 153 9.64 16.98 2.80
C LEU A 153 9.09 17.66 4.06
N SER A 154 8.44 16.87 4.91
CA SER A 154 7.77 17.40 6.07
C SER A 154 8.77 17.91 7.11
N GLN A 155 8.24 18.55 8.14
CA GLN A 155 9.08 19.12 9.19
C GLN A 155 9.71 18.03 10.04
N GLY A 156 11.04 18.06 10.13
CA GLY A 156 11.76 17.12 10.96
C GLY A 156 11.96 15.75 10.36
N GLN A 157 11.44 15.49 9.16
CA GLN A 157 11.54 14.18 8.54
C GLN A 157 12.35 14.20 7.24
N PHE A 158 13.19 15.22 7.04
CA PHE A 158 14.03 15.26 5.85
C PHE A 158 15.01 14.09 5.82
N ALA A 159 15.52 13.69 6.98
CA ALA A 159 16.47 12.58 7.07
C ALA A 159 15.79 11.23 7.22
N ALA A 160 14.53 11.10 6.82
CA ALA A 160 13.84 9.82 6.94
C ALA A 160 14.47 8.76 6.05
N PHE A 161 14.85 9.11 4.83
CA PHE A 161 15.41 8.12 3.91
C PHE A 161 16.72 7.57 4.43
N LEU A 162 17.64 8.44 4.86
CA LEU A 162 18.93 7.99 5.37
C LEU A 162 18.76 7.19 6.66
N ASN A 163 17.88 7.64 7.55
CA ASN A 163 17.69 7.00 8.84
C ASN A 163 16.69 5.85 8.80
N ALA A 164 16.08 5.59 7.66
CA ALA A 164 15.12 4.50 7.57
C ALA A 164 15.83 3.15 7.67
N LYS A 165 15.04 2.12 7.94
CA LYS A 165 15.58 0.77 7.95
C LYS A 165 15.96 0.37 6.52
N PRO A 166 16.95 -0.52 6.35
CA PRO A 166 17.26 -1.01 5.00
C PRO A 166 16.07 -1.66 4.32
N LYS A 167 15.20 -2.31 5.09
CA LYS A 167 13.99 -2.91 4.53
C LYS A 167 13.11 -1.84 3.89
N GLU A 168 12.86 -0.75 4.62
CA GLU A 168 12.03 0.33 4.09
C GLU A 168 12.70 1.01 2.90
N ARG A 169 14.02 1.21 2.96
CA ARG A 169 14.72 1.80 1.82
C ARG A 169 14.60 0.92 0.57
N ALA A 170 14.79 -0.38 0.72
CA ALA A 170 14.66 -1.29 -0.41
C ALA A 170 13.23 -1.33 -0.93
N GLU A 171 12.25 -1.30 -0.04
CA GLU A 171 10.85 -1.29 -0.48
C GLU A 171 10.53 -0.04 -1.28
N LEU A 172 11.03 1.11 -0.83
CA LEU A 172 10.83 2.34 -1.60
C LEU A 172 11.51 2.26 -2.96
N LEU A 173 12.72 1.69 -3.00
CA LEU A 173 13.42 1.56 -4.27
C LEU A 173 12.65 0.67 -5.24
N GLU A 174 12.09 -0.45 -4.74
CA GLU A 174 11.26 -1.29 -5.60
C GLU A 174 10.01 -0.54 -6.06
N GLU A 175 9.37 0.20 -5.16
CA GLU A 175 8.17 0.94 -5.55
C GLU A 175 8.48 1.91 -6.68
N LEU A 176 9.60 2.61 -6.60
CA LEU A 176 9.95 3.56 -7.65
C LEU A 176 10.38 2.86 -8.94
N THR A 177 11.13 1.77 -8.82
CA THR A 177 11.69 1.10 -10.05
C THR A 177 10.83 -0.08 -10.52
N GLY A 178 9.73 -0.39 -9.83
CA GLY A 178 8.82 -1.46 -10.26
C GLY A 178 9.51 -2.81 -10.41
N THR A 179 10.35 -3.20 -9.44
CA THR A 179 11.06 -4.50 -9.49
C THR A 179 10.67 -5.39 -8.29
N GLU A 180 9.42 -5.84 -8.23
CA GLU A 180 8.94 -6.65 -7.12
C GLU A 180 9.10 -8.14 -7.37
N ILE A 181 9.48 -8.53 -8.58
CA ILE A 181 9.63 -9.95 -8.91
C ILE A 181 10.69 -10.59 -8.02
N TYR A 182 11.73 -9.84 -7.67
CA TYR A 182 12.77 -10.38 -6.79
C TYR A 182 12.22 -10.68 -5.40
N GLY A 183 11.41 -9.76 -4.86
CA GLY A 183 10.78 -10.00 -3.58
C GLY A 183 9.82 -11.18 -3.63
N GLN A 184 9.06 -11.29 -4.71
CA GLN A 184 8.15 -12.43 -4.86
C GLN A 184 8.92 -13.74 -4.91
N ILE A 185 10.05 -13.76 -5.64
CA ILE A 185 10.88 -14.95 -5.70
C ILE A 185 11.36 -15.33 -4.32
N SER A 186 11.89 -14.36 -3.57
CA SER A 186 12.41 -14.66 -2.24
C SER A 186 11.30 -15.17 -1.32
N ALA A 187 10.14 -14.54 -1.37
CA ALA A 187 9.02 -14.94 -0.51
C ALA A 187 8.57 -16.36 -0.82
N MET A 188 8.45 -16.71 -2.11
CA MET A 188 7.99 -18.05 -2.44
C MET A 188 9.07 -19.08 -2.16
N VAL A 189 10.34 -18.70 -2.28
CA VAL A 189 11.41 -19.61 -1.88
C VAL A 189 11.30 -19.93 -0.39
N PHE A 190 11.09 -18.90 0.43
CA PHE A 190 10.92 -19.12 1.87
C PHE A 190 9.70 -19.99 2.16
N GLU A 191 8.59 -19.71 1.47
CA GLU A 191 7.37 -20.47 1.69
C GLU A 191 7.54 -21.94 1.31
N GLN A 192 8.20 -22.20 0.19
CA GLN A 192 8.40 -23.58 -0.25
C GLN A 192 9.39 -24.30 0.65
N HIS A 193 10.42 -23.61 1.15
CA HIS A 193 11.31 -24.22 2.12
C HIS A 193 10.55 -24.60 3.39
N LYS A 194 9.67 -23.70 3.86
CA LYS A 194 8.88 -24.01 5.04
C LYS A 194 7.96 -25.19 4.80
N SER A 195 7.34 -25.25 3.62
CA SER A 195 6.46 -26.38 3.31
C SER A 195 7.22 -27.69 3.28
N ALA A 196 8.41 -27.68 2.66
CA ALA A 196 9.24 -28.89 2.64
C ALA A 196 9.66 -29.30 4.04
N ARG A 197 10.04 -28.33 4.87
CA ARG A 197 10.45 -28.63 6.23
C ARG A 197 9.30 -29.24 7.03
N THR A 198 8.09 -28.71 6.87
CA THR A 198 6.93 -29.28 7.54
C THR A 198 6.59 -30.67 7.00
N GLU A 199 6.73 -30.89 5.70
CA GLU A 199 6.51 -32.22 5.13
C GLU A 199 7.52 -33.21 5.68
N LEU A 200 8.74 -32.76 5.97
CA LEU A 200 9.68 -33.61 6.69
C LEU A 200 9.14 -33.99 8.06
N GLU A 201 8.53 -33.02 8.75
CA GLU A 201 7.92 -33.28 10.05
C GLU A 201 6.68 -34.15 9.90
N GLN A 875 16.31 -35.49 0.23
CA GLN A 875 17.45 -34.58 0.18
C GLN A 875 17.02 -33.19 -0.27
N GLN A 876 15.71 -33.03 -0.46
CA GLN A 876 15.19 -31.75 -0.94
C GLN A 876 15.21 -30.69 0.16
N VAL A 877 15.09 -31.12 1.41
CA VAL A 877 14.95 -30.17 2.52
C VAL A 877 16.23 -29.36 2.69
N GLU A 878 17.39 -30.01 2.64
CA GLU A 878 18.64 -29.28 2.81
C GLU A 878 18.91 -28.31 1.67
N ASP A 879 18.59 -28.71 0.44
CA ASP A 879 18.75 -27.78 -0.69
C ASP A 879 17.81 -26.60 -0.58
N TRP A 880 16.56 -26.84 -0.16
CA TRP A 880 15.63 -25.74 0.04
C TRP A 880 16.12 -24.81 1.15
N GLY A 881 16.66 -25.37 2.23
CA GLY A 881 17.19 -24.54 3.29
C GLY A 881 18.40 -23.73 2.84
N TYR A 882 19.24 -24.33 1.99
CA TYR A 882 20.40 -23.62 1.46
C TYR A 882 19.95 -22.44 0.61
N LEU A 883 18.99 -22.67 -0.29
CA LEU A 883 18.47 -21.59 -1.12
C LEU A 883 17.78 -20.53 -0.28
N ASN A 884 17.10 -20.95 0.79
CA ASN A 884 16.48 -19.99 1.70
C ASN A 884 17.52 -19.14 2.41
N SER A 885 18.63 -19.76 2.83
CA SER A 885 19.68 -19.01 3.49
C SER A 885 20.33 -18.01 2.54
N LEU A 886 20.43 -18.37 1.26
CA LEU A 886 20.95 -17.41 0.30
C LEU A 886 19.96 -16.28 0.03
N ILE A 887 18.79 -16.60 -0.52
CA ILE A 887 17.91 -15.55 -1.03
C ILE A 887 16.53 -15.59 -0.36
N GLY A 888 16.26 -16.63 0.42
CA GLY A 888 14.92 -16.80 0.96
C GLY A 888 14.70 -15.99 2.23
N SER A 889 13.50 -15.40 2.33
CA SER A 889 13.05 -14.67 3.50
C SER A 889 11.59 -14.32 3.31
N LYS A 890 10.85 -14.25 4.41
CA LYS A 890 9.46 -13.79 4.33
C LYS A 890 9.44 -12.34 3.84
N GLU A 891 8.42 -12.03 3.05
CA GLU A 891 8.23 -10.74 2.37
C GLU A 891 9.48 -10.32 1.60
N GLY A 892 10.39 -11.26 1.36
CA GLY A 892 11.51 -11.08 0.45
C GLY A 892 12.57 -10.09 0.87
N ASP A 893 12.93 -10.02 2.15
CA ASP A 893 13.91 -9.03 2.60
C ASP A 893 15.28 -9.24 1.95
N LYS A 894 15.80 -10.47 2.05
CA LYS A 894 17.19 -10.72 1.66
C LYS A 894 17.43 -10.43 0.20
N PHE A 895 16.61 -11.02 -0.69
CA PHE A 895 16.86 -10.88 -2.11
C PHE A 895 16.48 -9.49 -2.61
N ARG A 896 15.49 -8.85 -1.99
CA ARG A 896 15.21 -7.45 -2.27
C ARG A 896 16.43 -6.58 -1.99
N LYS A 897 17.01 -6.74 -0.80
CA LYS A 897 18.17 -5.93 -0.43
C LYS A 897 19.35 -6.21 -1.34
N PHE A 898 19.57 -7.48 -1.69
CA PHE A 898 20.67 -7.81 -2.58
C PHE A 898 20.46 -7.22 -3.97
N ALA A 899 19.24 -7.29 -4.49
CA ALA A 899 18.98 -6.86 -5.86
C ALA A 899 18.98 -5.34 -5.98
N GLN A 900 18.58 -4.63 -4.93
CA GLN A 900 18.43 -3.19 -5.06
C GLN A 900 19.75 -2.43 -4.98
N GLY A 901 20.88 -3.12 -4.88
CA GLY A 901 22.16 -2.42 -4.86
C GLY A 901 22.44 -1.64 -6.13
N LEU A 902 22.08 -2.22 -7.28
CA LEU A 902 22.27 -1.52 -8.54
C LEU A 902 21.42 -0.26 -8.61
N THR A 903 20.16 -0.36 -8.16
CA THR A 903 19.31 0.82 -8.11
C THR A 903 19.89 1.86 -7.16
N LEU A 904 20.46 1.41 -6.03
CA LEU A 904 21.07 2.34 -5.10
C LEU A 904 22.25 3.07 -5.75
N ASP A 905 23.07 2.36 -6.51
CA ASP A 905 24.18 3.00 -7.21
C ASP A 905 23.68 4.00 -8.25
N ASN A 906 22.64 3.63 -9.01
CA ASN A 906 22.08 4.54 -9.99
C ASN A 906 21.52 5.78 -9.33
N LEU A 907 20.94 5.63 -8.14
CA LEU A 907 20.45 6.77 -7.39
C LEU A 907 21.60 7.62 -6.87
N VAL A 908 22.68 6.98 -6.41
CA VAL A 908 23.82 7.69 -5.86
C VAL A 908 24.49 8.55 -6.93
N HIS A 909 24.51 8.08 -8.18
CA HIS A 909 25.06 8.90 -9.25
C HIS A 909 24.32 10.22 -9.38
N LEU A 910 22.98 10.17 -9.47
CA LEU A 910 22.19 11.39 -9.56
C LEU A 910 22.31 12.22 -8.28
N ALA A 911 22.43 11.55 -7.13
CA ALA A 911 22.59 12.27 -5.87
C ALA A 911 23.88 13.07 -5.86
N ASN A 912 24.97 12.49 -6.36
CA ASN A 912 26.22 13.23 -6.47
C ASN A 912 26.07 14.39 -7.44
N GLN A 913 25.39 14.16 -8.57
CA GLN A 913 25.19 15.25 -9.53
C GLN A 913 24.44 16.42 -8.91
N GLN A 914 23.41 16.14 -8.12
CA GLN A 914 22.64 17.22 -7.50
C GLN A 914 23.41 17.85 -6.34
N LEU A 915 24.13 17.05 -5.57
CA LEU A 915 24.80 17.54 -4.37
C LEU A 915 26.00 18.40 -4.73
N THR A 916 26.59 18.19 -5.90
CA THR A 916 27.73 19.00 -6.31
C THR A 916 27.39 20.49 -6.31
N ARG A 917 26.15 20.84 -6.67
CA ARG A 917 25.72 22.23 -6.66
C ARG A 917 25.28 22.69 -5.28
N LEU A 918 24.62 21.82 -4.52
CA LEU A 918 24.13 22.20 -3.20
C LEU A 918 25.28 22.41 -2.21
N HIS A 919 26.21 21.46 -2.15
CA HIS A 919 27.27 21.50 -1.15
C HIS A 919 28.50 20.85 -1.77
N GLY A 920 29.47 21.66 -2.16
CA GLY A 920 30.59 21.18 -2.95
C GLY A 920 31.59 20.33 -2.20
N ARG A 921 31.49 20.25 -0.88
CA ARG A 921 32.49 19.51 -0.12
C ARG A 921 32.35 18.01 -0.28
N TYR A 922 31.12 17.49 -0.30
CA TYR A 922 30.90 16.06 -0.12
C TYR A 922 30.49 15.38 -1.43
N LEU A 923 30.71 14.08 -1.46
CA LEU A 923 30.21 13.18 -2.50
C LEU A 923 29.72 11.91 -1.83
N LEU A 924 28.85 11.18 -2.54
CA LEU A 924 28.21 10.01 -1.97
C LEU A 924 28.70 8.74 -2.65
N GLN A 925 28.82 7.68 -1.85
CA GLN A 925 29.35 6.41 -2.31
C GLN A 925 28.67 5.28 -1.54
N ARG A 926 28.35 4.19 -2.23
CA ARG A 926 27.57 3.13 -1.62
C ARG A 926 28.40 2.33 -0.63
N LYS A 927 27.79 2.00 0.50
CA LYS A 927 28.41 1.12 1.48
C LYS A 927 28.60 -0.27 0.90
N ALA A 928 29.73 -0.90 1.23
CA ALA A 928 30.02 -2.27 0.81
C ALA A 928 29.58 -3.26 1.89
N SER A 929 28.27 -3.34 2.09
CA SER A 929 27.70 -4.24 3.08
C SER A 929 26.33 -4.70 2.62
N GLU A 930 25.84 -5.77 3.24
CA GLU A 930 24.54 -6.31 2.86
C GLU A 930 23.42 -5.31 3.08
N ALA A 931 23.41 -4.65 4.23
CA ALA A 931 22.43 -3.62 4.53
C ALA A 931 22.75 -2.40 3.67
N LEU A 932 21.99 -2.21 2.59
CA LEU A 932 22.30 -1.16 1.64
C LEU A 932 22.28 0.21 2.31
N GLU A 933 23.40 0.93 2.20
CA GLU A 933 23.59 2.19 2.89
C GLU A 933 24.55 3.02 2.05
N VAL A 934 24.56 4.33 2.30
CA VAL A 934 25.35 5.28 1.52
C VAL A 934 26.42 5.87 2.42
N GLU A 935 27.68 5.62 2.08
CA GLU A 935 28.79 6.31 2.73
C GLU A 935 29.02 7.66 2.05
N VAL A 936 29.88 8.47 2.66
CA VAL A 936 30.15 9.81 2.18
C VAL A 936 31.66 9.99 2.05
N VAL A 937 32.08 10.71 1.01
CA VAL A 937 33.48 10.96 0.72
C VAL A 937 33.76 12.43 0.98
N ASP A 938 34.74 12.71 1.84
CA ASP A 938 35.09 14.08 2.20
C ASP A 938 36.24 14.52 1.29
N THR A 939 35.93 15.29 0.25
CA THR A 939 36.95 15.72 -0.69
C THR A 939 37.99 16.63 -0.06
N TRP A 940 37.62 17.38 0.98
CA TRP A 940 38.58 18.26 1.64
C TRP A 940 39.60 17.46 2.44
N GLN A 941 39.16 16.36 3.06
CA GLN A 941 40.06 15.51 3.86
C GLN A 941 40.75 14.44 3.03
N ALA A 942 41.40 14.82 1.92
CA ALA A 942 42.13 13.90 1.07
C ALA A 942 41.28 12.70 0.64
N ASP A 943 40.01 12.98 0.33
CA ASP A 943 39.05 11.96 -0.11
C ASP A 943 38.92 10.82 0.89
N ALA A 944 38.96 11.14 2.19
CA ALA A 944 38.73 10.13 3.20
C ALA A 944 37.24 9.84 3.32
N VAL A 945 36.90 8.56 3.30
CA VAL A 945 35.50 8.16 3.30
C VAL A 945 35.03 7.97 4.74
N ARG A 946 33.75 8.27 4.97
CA ARG A 946 33.18 8.24 6.31
C ARG A 946 31.76 7.69 6.26
N ASP A 947 31.30 7.18 7.39
CA ASP A 947 29.91 6.78 7.52
C ASP A 947 29.02 8.02 7.47
N THR A 948 27.76 7.82 7.07
CA THR A 948 26.85 8.96 6.92
C THR A 948 26.30 9.44 8.25
N ARG A 949 26.48 8.67 9.33
CA ARG A 949 25.99 9.10 10.64
C ARG A 949 26.78 10.28 11.18
N THR A 950 28.01 10.47 10.71
CA THR A 950 28.89 11.47 11.28
C THR A 950 28.68 12.87 10.72
N LEU A 951 27.77 13.03 9.75
CA LEU A 951 27.54 14.34 9.16
C LEU A 951 26.90 15.29 10.17
N SER A 952 27.15 16.58 9.97
CA SER A 952 26.50 17.61 10.78
C SER A 952 25.01 17.67 10.48
N GLY A 953 24.29 18.49 11.24
CA GLY A 953 22.87 18.64 10.99
C GLY A 953 22.58 19.27 9.63
N GLY A 954 23.23 20.41 9.34
CA GLY A 954 23.02 21.05 8.05
C GLY A 954 23.55 20.23 6.89
N GLU A 955 24.70 19.59 7.07
CA GLU A 955 25.22 18.73 6.01
C GLU A 955 24.29 17.56 5.75
N SER A 956 23.73 16.97 6.81
CA SER A 956 22.77 15.89 6.62
C SER A 956 21.50 16.37 5.95
N PHE A 957 21.04 17.59 6.28
CA PHE A 957 19.88 18.13 5.60
C PHE A 957 20.14 18.32 4.11
N LEU A 958 21.31 18.86 3.77
CA LEU A 958 21.63 19.06 2.35
C LEU A 958 21.79 17.74 1.62
N VAL A 959 22.41 16.76 2.28
CA VAL A 959 22.55 15.43 1.67
C VAL A 959 21.18 14.81 1.42
N SER A 960 20.27 14.93 2.40
CA SER A 960 18.93 14.38 2.23
C SER A 960 18.16 15.10 1.13
N LEU A 961 18.30 16.42 1.05
CA LEU A 961 17.63 17.18 -0.02
C LEU A 961 18.14 16.76 -1.39
N ALA A 962 19.46 16.65 -1.54
CA ALA A 962 20.02 16.22 -2.81
C ALA A 962 19.58 14.80 -3.15
N LEU A 963 19.56 13.92 -2.15
CA LEU A 963 19.15 12.54 -2.38
C LEU A 963 17.68 12.44 -2.76
N ALA A 964 16.82 13.28 -2.17
CA ALA A 964 15.42 13.30 -2.55
C ALA A 964 15.22 13.86 -3.95
N LEU A 965 15.97 14.89 -4.32
CA LEU A 965 15.89 15.41 -5.69
C LEU A 965 16.32 14.34 -6.68
N ALA A 966 17.40 13.61 -6.38
CA ALA A 966 17.80 12.49 -7.23
C ALA A 966 16.73 11.42 -7.27
N LEU A 967 16.09 11.15 -6.14
CA LEU A 967 15.04 10.15 -6.06
C LEU A 967 13.85 10.52 -6.92
N SER A 968 13.52 11.81 -7.02
CA SER A 968 12.50 12.27 -7.93
C SER A 968 12.99 12.33 -9.37
N ASP A 969 14.31 12.36 -9.59
CA ASP A 969 14.85 12.31 -10.94
C ASP A 969 15.10 10.89 -11.44
N LEU A 970 14.97 9.89 -10.56
CA LEU A 970 15.21 8.51 -10.97
C LEU A 970 14.13 8.00 -11.91
N VAL A 971 12.90 8.50 -11.77
CA VAL A 971 11.78 8.07 -12.59
C VAL A 971 11.31 9.19 -13.51
N SER A 972 12.22 10.08 -13.92
CA SER A 972 11.82 11.24 -14.73
C SER A 972 11.28 10.82 -16.10
N HIS A 973 11.77 9.71 -16.66
CA HIS A 973 11.31 9.29 -17.97
C HIS A 973 9.88 8.79 -17.93
N LYS A 974 9.49 8.09 -16.86
CA LYS A 974 8.14 7.54 -16.79
C LYS A 974 7.13 8.60 -16.35
N THR A 975 7.28 9.11 -15.12
CA THR A 975 6.34 10.07 -14.52
C THR A 975 7.17 11.17 -13.85
N ARG A 976 7.36 12.28 -14.57
CA ARG A 976 8.16 13.37 -14.03
C ARG A 976 7.41 14.11 -12.93
N ILE A 977 8.17 14.61 -11.96
CA ILE A 977 7.63 15.39 -10.85
C ILE A 977 8.12 16.81 -11.02
N ASP A 978 7.19 17.77 -11.03
CA ASP A 978 7.50 19.15 -11.39
C ASP A 978 7.37 20.12 -10.22
N SER A 979 7.32 19.62 -8.98
CA SER A 979 7.21 20.51 -7.84
C SER A 979 7.86 19.87 -6.62
N LEU A 980 8.30 20.71 -5.69
CA LEU A 980 8.97 20.28 -4.48
C LEU A 980 8.55 21.17 -3.33
N PHE A 981 8.11 20.56 -2.23
CA PHE A 981 7.75 21.27 -1.01
C PHE A 981 8.59 20.74 0.14
N LEU A 982 9.20 21.64 0.91
CA LEU A 982 9.98 21.26 2.07
C LEU A 982 9.70 22.25 3.20
N ASP A 983 9.89 21.79 4.44
CA ASP A 983 9.35 22.46 5.62
C ASP A 983 10.46 22.78 6.62
N GLU A 984 10.85 24.05 6.66
CA GLU A 984 11.74 24.61 7.68
C GLU A 984 12.98 23.75 7.92
N GLY A 985 13.52 23.21 6.84
CA GLY A 985 14.80 22.51 6.93
C GLY A 985 15.96 23.48 6.87
N PHE A 986 15.68 24.73 6.53
CA PHE A 986 16.73 25.73 6.35
C PHE A 986 17.19 26.34 7.67
N GLY A 987 16.53 26.00 8.78
CA GLY A 987 16.92 26.55 10.06
C GLY A 987 18.28 26.08 10.56
N THR A 988 18.76 24.96 10.02
CA THR A 988 20.03 24.40 10.47
C THR A 988 21.24 24.92 9.68
N LEU A 989 21.03 25.83 8.74
CA LEU A 989 22.10 26.32 7.87
C LEU A 989 22.51 27.74 8.27
N ASP A 990 23.81 28.00 8.25
CA ASP A 990 24.31 29.33 8.50
C ASP A 990 24.04 30.24 7.29
N SER A 991 24.47 31.49 7.41
CA SER A 991 24.12 32.49 6.40
C SER A 991 24.80 32.23 5.06
N GLU A 992 25.87 31.44 5.04
CA GLU A 992 26.58 31.17 3.79
C GLU A 992 26.11 29.88 3.13
N THR A 993 26.01 28.80 3.91
CA THR A 993 25.49 27.55 3.38
C THR A 993 24.05 27.72 2.90
N LEU A 994 23.25 28.49 3.64
CA LEU A 994 21.89 28.78 3.20
C LEU A 994 21.89 29.51 1.86
N ASP A 995 22.82 30.46 1.70
CA ASP A 995 22.90 31.19 0.44
C ASP A 995 23.29 30.28 -0.71
N THR A 996 24.24 29.36 -0.49
CA THR A 996 24.61 28.41 -1.54
C THR A 996 23.43 27.50 -1.89
N ALA A 997 22.71 27.02 -0.87
CA ALA A 997 21.57 26.16 -1.12
C ALA A 997 20.47 26.90 -1.88
N LEU A 998 20.24 28.16 -1.56
CA LEU A 998 19.23 28.94 -2.27
C LEU A 998 19.65 29.25 -3.70
N ASP A 999 20.94 29.50 -3.94
CA ASP A 999 21.39 29.64 -5.32
C ASP A 999 21.18 28.35 -6.10
N ALA A 1000 21.46 27.21 -5.49
CA ALA A 1000 21.23 25.93 -6.16
C ALA A 1000 19.73 25.72 -6.43
N LEU A 1001 18.88 26.06 -5.46
CA LEU A 1001 17.44 25.91 -5.66
C LEU A 1001 16.93 26.84 -6.75
N ASP A 1002 17.45 28.06 -6.82
CA ASP A 1002 17.06 28.98 -7.88
C ASP A 1002 17.49 28.44 -9.23
N ALA A 1003 18.71 27.90 -9.32
CA ALA A 1003 19.17 27.30 -10.57
C ALA A 1003 18.29 26.13 -10.99
N LEU A 1004 17.92 25.29 -10.02
CA LEU A 1004 17.02 24.16 -10.32
C LEU A 1004 15.64 24.64 -10.72
N ASN A 1005 15.26 25.85 -10.26
CA ASN A 1005 13.94 26.42 -10.63
C ASN A 1005 13.91 26.74 -12.12
N ALA A 1006 15.09 26.85 -12.75
CA ALA A 1006 15.17 27.10 -14.21
C ALA A 1006 14.55 25.91 -14.96
N SER A 1007 14.73 24.70 -14.45
CA SER A 1007 14.19 23.48 -15.10
C SER A 1007 12.66 23.54 -15.14
N GLY A 1008 12.05 24.35 -14.28
CA GLY A 1008 10.57 24.44 -14.22
C GLY A 1008 9.99 23.71 -13.03
N LYS A 1009 10.84 23.22 -12.14
CA LYS A 1009 10.32 22.57 -10.89
C LYS A 1009 9.94 23.70 -9.93
N THR A 1010 8.67 23.81 -9.56
CA THR A 1010 8.21 24.92 -8.68
C THR A 1010 8.51 24.55 -7.22
N ILE A 1011 9.23 25.41 -6.49
CA ILE A 1011 9.64 25.09 -5.14
C ILE A 1011 8.86 25.94 -4.15
N GLY A 1012 8.29 25.29 -3.14
CA GLY A 1012 7.64 25.99 -2.05
C GLY A 1012 8.36 25.71 -0.75
N VAL A 1013 8.69 26.75 0.01
CA VAL A 1013 9.51 26.62 1.20
C VAL A 1013 8.76 27.19 2.40
N ILE A 1014 8.85 26.49 3.52
CA ILE A 1014 8.37 26.97 4.81
C ILE A 1014 9.59 27.40 5.61
N SER A 1015 9.55 28.59 6.20
CA SER A 1015 10.73 29.04 6.94
C SER A 1015 10.38 30.23 7.82
N HIS A 1016 11.34 30.58 8.67
CA HIS A 1016 11.30 31.81 9.45
C HIS A 1016 12.57 32.64 9.32
N VAL A 1017 13.55 32.17 8.54
CA VAL A 1017 14.82 32.89 8.42
C VAL A 1017 14.59 34.20 7.68
N GLU A 1018 15.03 35.31 8.29
CA GLU A 1018 14.77 36.62 7.74
C GLU A 1018 15.50 36.83 6.42
N ALA A 1019 16.71 36.27 6.29
CA ALA A 1019 17.47 36.45 5.06
C ALA A 1019 16.73 35.87 3.86
N MET A 1020 16.27 34.62 3.97
CA MET A 1020 15.61 34.02 2.82
C MET A 1020 14.19 34.56 2.65
N LYS A 1021 13.54 34.96 3.75
CA LYS A 1021 12.26 35.64 3.62
C LYS A 1021 12.39 36.97 2.88
N GLU A 1022 13.50 37.69 3.06
CA GLU A 1022 13.75 38.90 2.28
C GLU A 1022 14.11 38.55 0.84
N ARG A 1023 14.86 37.46 0.64
CA ARG A 1023 15.25 37.08 -0.71
C ARG A 1023 14.05 36.74 -1.57
N ILE A 1024 13.18 35.87 -1.09
CA ILE A 1024 12.04 35.40 -1.89
C ILE A 1024 10.96 36.47 -1.93
N PRO A 1025 10.57 36.95 -3.13
CA PRO A 1025 9.60 38.04 -3.20
C PRO A 1025 8.16 37.60 -3.19
N VAL A 1026 7.89 36.35 -3.57
CA VAL A 1026 6.54 35.81 -3.63
C VAL A 1026 6.25 35.11 -2.31
N GLN A 1027 5.24 35.59 -1.59
CA GLN A 1027 4.94 35.08 -0.27
C GLN A 1027 3.44 34.87 -0.11
N ILE A 1028 3.09 33.85 0.67
CA ILE A 1028 1.72 33.61 1.10
C ILE A 1028 1.71 33.84 2.61
N LYS A 1029 1.22 35.02 3.03
CA LYS A 1029 1.31 35.42 4.42
C LYS A 1029 0.12 34.84 5.19
N VAL A 1030 0.41 33.87 6.05
CA VAL A 1030 -0.62 33.29 6.91
C VAL A 1030 -0.73 34.14 8.17
N LYS A 1031 -1.56 35.19 8.10
CA LYS A 1031 -1.72 36.08 9.24
C LYS A 1031 -2.45 35.38 10.36
N LYS A 1032 -2.13 35.77 11.59
CA LYS A 1032 -2.69 35.16 12.79
C LYS A 1032 -3.60 36.14 13.50
N ILE A 1033 -4.71 35.64 14.05
CA ILE A 1033 -5.64 36.49 14.84
C ILE A 1033 -5.37 36.20 16.33
N ASN A 1034 -4.99 37.22 17.11
CA ASN A 1034 -4.62 37.01 18.54
C ASN A 1034 -5.84 36.61 19.37
N GLY A 1035 -5.63 35.83 20.44
CA GLY A 1035 -6.72 35.46 21.36
C GLY A 1035 -7.62 34.36 20.82
N LEU A 1036 -8.21 34.56 19.63
CA LEU A 1036 -9.17 33.57 19.08
C LEU A 1036 -8.46 32.24 18.84
N GLY A 1037 -7.22 32.28 18.34
CA GLY A 1037 -6.50 31.04 18.00
C GLY A 1037 -6.72 30.68 16.56
N TYR A 1038 -7.48 31.51 15.83
CA TYR A 1038 -7.72 31.27 14.43
C TYR A 1038 -6.74 32.08 13.60
N SER A 1039 -6.80 31.90 12.28
CA SER A 1039 -5.90 32.57 11.37
C SER A 1039 -6.57 32.75 10.02
N LYS A 1040 -6.03 33.67 9.22
CA LYS A 1040 -6.60 33.96 7.92
C LYS A 1040 -5.48 34.29 6.95
N LEU A 1041 -5.73 34.02 5.67
CA LEU A 1041 -4.81 34.40 4.61
C LEU A 1041 -5.12 35.84 4.16
N GLU A 1042 -4.55 36.23 3.03
CA GLU A 1042 -4.87 37.52 2.46
C GLU A 1042 -6.31 37.51 1.93
N SER A 1043 -6.86 38.71 1.77
CA SER A 1043 -8.26 38.82 1.33
C SER A 1043 -8.48 38.25 -0.07
N THR A 1044 -7.45 38.26 -0.92
CA THR A 1044 -7.61 37.76 -2.28
C THR A 1044 -7.80 36.25 -2.33
N PHE A 1045 -7.40 35.52 -1.29
CA PHE A 1045 -7.57 34.08 -1.26
C PHE A 1045 -8.86 33.65 -0.57
N ALA A 1046 -9.64 34.58 -0.04
CA ALA A 1046 -10.91 34.24 0.58
C ALA A 1046 -11.94 33.87 -0.50
N VAL A 1047 -12.92 33.07 -0.09
CA VAL A 1047 -13.99 32.67 -0.99
C VAL A 1047 -15.29 32.53 -0.21
N MET B 1 24.90 17.37 39.68
CA MET B 1 25.41 17.12 38.34
C MET B 1 25.55 18.42 37.55
N LYS B 2 26.66 19.11 37.76
CA LYS B 2 26.97 20.33 37.03
C LYS B 2 28.34 20.16 36.37
N ILE B 3 28.42 20.52 35.10
CA ILE B 3 29.67 20.37 34.35
C ILE B 3 30.61 21.51 34.73
N LEU B 4 31.74 21.16 35.35
CA LEU B 4 32.71 22.16 35.75
C LEU B 4 33.75 22.42 34.67
N SER B 5 34.35 21.35 34.13
CA SER B 5 35.37 21.49 33.11
C SER B 5 35.17 20.43 32.04
N LEU B 6 35.55 20.76 30.81
CA LEU B 6 35.44 19.87 29.68
C LEU B 6 36.75 19.87 28.92
N ARG B 7 37.35 18.69 28.77
CA ARG B 7 38.60 18.54 28.01
C ARG B 7 38.41 17.47 26.94
N LEU B 8 38.77 17.81 25.71
CA LEU B 8 38.67 16.88 24.60
C LEU B 8 39.92 17.01 23.74
N LYS B 9 40.24 15.94 23.02
CA LYS B 9 41.43 15.91 22.18
C LYS B 9 41.11 15.18 20.89
N ASN B 10 41.11 15.91 19.78
CA ASN B 10 40.95 15.33 18.44
C ASN B 10 39.66 14.54 18.30
N LEU B 11 38.54 15.25 18.44
CA LEU B 11 37.22 14.69 18.17
C LEU B 11 36.58 15.46 17.02
N ASN B 12 36.07 14.71 16.04
CA ASN B 12 35.47 15.28 14.84
C ASN B 12 36.32 16.39 14.24
N SER B 13 35.73 17.57 14.04
CA SER B 13 36.44 18.65 13.36
C SER B 13 37.36 19.42 14.29
N LEU B 14 37.39 19.09 15.58
CA LEU B 14 38.24 19.79 16.54
C LEU B 14 39.54 19.02 16.70
N LYS B 15 40.51 19.36 15.85
CA LYS B 15 41.84 18.77 15.96
C LYS B 15 42.60 19.41 17.11
N GLY B 16 43.55 18.65 17.66
CA GLY B 16 44.32 19.11 18.80
C GLY B 16 43.59 18.88 20.11
N GLU B 17 44.19 19.37 21.18
CA GLU B 17 43.64 19.23 22.52
C GLU B 17 43.13 20.58 23.00
N TRP B 18 41.92 20.58 23.57
CA TRP B 18 41.29 21.78 24.07
C TRP B 18 40.67 21.50 25.42
N LYS B 19 40.54 22.55 26.23
CA LYS B 19 39.83 22.45 27.50
C LYS B 19 38.98 23.69 27.70
N ILE B 20 37.75 23.49 28.16
CA ILE B 20 36.83 24.57 28.49
C ILE B 20 36.50 24.46 29.97
N ASP B 21 36.73 25.52 30.71
CA ASP B 21 36.47 25.56 32.15
C ASP B 21 35.32 26.53 32.41
N PHE B 22 34.26 26.03 33.04
CA PHE B 22 33.08 26.83 33.31
C PHE B 22 33.16 27.57 34.64
N THR B 23 34.36 27.77 35.18
CA THR B 23 34.57 28.57 36.37
C THR B 23 35.55 29.72 36.15
N ARG B 24 35.90 30.02 34.90
CA ARG B 24 36.86 31.07 34.59
C ARG B 24 36.17 32.42 34.58
N GLU B 25 36.85 33.43 34.04
CA GLU B 25 36.25 34.77 33.96
C GLU B 25 34.95 34.76 33.17
N PRO B 26 34.86 34.14 31.99
CA PRO B 26 33.53 33.86 31.42
C PRO B 26 32.86 32.73 32.18
N PHE B 27 31.53 32.69 32.05
CA PHE B 27 30.65 31.74 32.74
C PHE B 27 30.65 31.95 34.25
N ALA B 28 31.23 33.04 34.75
CA ALA B 28 31.22 33.29 36.19
C ALA B 28 29.82 33.62 36.68
N SER B 29 29.01 34.27 35.84
CA SER B 29 27.63 34.57 36.20
C SER B 29 26.70 33.39 36.05
N ASN B 30 27.19 32.27 35.52
CA ASN B 30 26.39 31.06 35.29
C ASN B 30 25.22 31.32 34.36
N GLY B 31 25.35 32.29 33.46
CA GLY B 31 24.27 32.67 32.59
C GLY B 31 24.25 31.90 31.29
N LEU B 32 23.39 32.36 30.38
CA LEU B 32 23.31 31.80 29.05
C LEU B 32 24.64 31.96 28.31
N PHE B 33 25.13 30.85 27.77
CA PHE B 33 26.30 30.84 26.90
C PHE B 33 25.92 30.11 25.62
N ALA B 34 26.22 30.73 24.48
CA ALA B 34 25.75 30.25 23.18
C ALA B 34 26.95 29.78 22.35
N ILE B 35 27.05 28.47 22.16
CA ILE B 35 28.04 27.93 21.24
C ILE B 35 27.64 28.30 19.82
N THR B 36 28.44 29.15 19.18
CA THR B 36 28.07 29.69 17.88
C THR B 36 29.16 29.40 16.87
N GLY B 37 28.78 29.43 15.60
CA GLY B 37 29.70 29.20 14.51
C GLY B 37 28.98 28.70 13.27
N PRO B 38 29.74 28.47 12.20
CA PRO B 38 29.12 27.96 10.97
C PRO B 38 28.77 26.49 11.11
N THR B 39 28.04 25.99 10.11
CA THR B 39 27.65 24.59 10.10
C THR B 39 28.89 23.70 9.96
N GLY B 40 28.87 22.56 10.65
CA GLY B 40 29.99 21.65 10.60
C GLY B 40 31.26 22.22 11.21
N ALA B 41 31.15 22.87 12.37
CA ALA B 41 32.33 23.51 12.97
C ALA B 41 32.74 22.79 14.26
N GLY B 42 31.89 21.90 14.78
CA GLY B 42 32.23 21.28 16.08
C GLY B 42 31.38 21.79 17.23
N LYS B 43 30.31 22.54 16.96
CA LYS B 43 29.39 22.96 18.05
C LYS B 43 28.76 21.70 18.66
N THR B 44 28.00 20.92 17.88
CA THR B 44 27.46 19.66 18.37
C THR B 44 28.57 18.76 18.91
N THR B 45 29.79 18.93 18.42
CA THR B 45 30.89 18.08 18.86
C THR B 45 31.22 18.31 20.33
N LEU B 46 31.04 19.53 20.84
CA LEU B 46 31.29 19.77 22.25
C LEU B 46 30.35 18.96 23.14
N LEU B 47 29.04 19.02 22.85
CA LEU B 47 28.08 18.24 23.61
C LEU B 47 28.29 16.74 23.40
N ASP B 48 28.69 16.34 22.20
CA ASP B 48 29.00 14.94 21.95
C ASP B 48 30.20 14.49 22.80
N ALA B 49 31.19 15.37 22.96
CA ALA B 49 32.34 15.05 23.81
C ALA B 49 31.91 14.90 25.25
N ILE B 50 31.04 15.80 25.74
CA ILE B 50 30.53 15.67 27.10
C ILE B 50 29.83 14.33 27.29
N CYS B 51 28.93 13.99 26.36
CA CYS B 51 28.17 12.76 26.49
C CYS B 51 29.08 11.54 26.39
N LEU B 52 30.08 11.59 25.52
CA LEU B 52 31.03 10.49 25.37
C LEU B 52 31.83 10.30 26.64
N ALA B 53 32.32 11.40 27.23
CA ALA B 53 33.08 11.29 28.46
C ALA B 53 32.23 10.68 29.58
N LEU B 54 30.97 11.10 29.68
CA LEU B 54 30.13 10.57 30.76
C LEU B 54 29.77 9.09 30.54
N TYR B 55 29.31 8.73 29.34
CA TYR B 55 28.65 7.45 29.16
C TYR B 55 29.18 6.59 28.01
N HIS B 56 30.38 6.85 27.50
CA HIS B 56 31.00 6.02 26.46
C HIS B 56 30.13 5.90 25.21
N GLU B 57 29.37 6.95 24.89
CA GLU B 57 28.40 6.87 23.82
C GLU B 57 28.02 8.27 23.39
N THR B 58 27.50 8.39 22.17
CA THR B 58 27.22 9.66 21.54
C THR B 58 25.79 9.62 21.00
N PRO B 59 25.09 10.76 20.96
CA PRO B 59 23.77 10.76 20.33
C PRO B 59 23.75 10.25 18.89
N ARG B 60 24.78 10.56 18.10
CA ARG B 60 24.80 10.09 16.72
C ARG B 60 25.30 8.66 16.62
N LEU B 61 26.35 8.32 17.37
CA LEU B 61 27.02 7.04 17.26
C LEU B 61 26.54 6.11 18.37
N SER B 62 26.07 4.93 17.99
CA SER B 62 25.47 4.02 18.97
C SER B 62 26.49 3.56 20.01
N ASN B 63 27.72 3.28 19.60
CA ASN B 63 28.75 2.86 20.54
C ASN B 63 30.12 3.13 19.96
N VAL B 64 31.05 3.53 20.83
CA VAL B 64 32.47 3.68 20.47
C VAL B 64 33.24 2.67 21.30
N SER B 65 33.91 1.74 20.63
CA SER B 65 34.53 0.61 21.32
C SER B 65 35.78 0.19 20.55
N GLN B 66 36.23 -1.03 20.81
CA GLN B 66 37.42 -1.55 20.14
C GLN B 66 37.24 -1.59 18.62
N SER B 67 36.00 -1.58 18.15
CA SER B 67 35.72 -1.50 16.73
C SER B 67 34.86 -0.28 16.41
N GLN B 68 34.68 -0.04 15.11
CA GLN B 68 33.78 0.99 14.56
C GLN B 68 33.89 2.33 15.27
N ASN B 69 35.09 2.71 15.70
CA ASN B 69 35.29 4.05 16.21
C ASN B 69 35.38 5.03 15.04
N ASP B 70 34.40 5.91 14.92
CA ASP B 70 34.38 6.91 13.86
C ASP B 70 34.20 8.33 14.40
N LEU B 71 34.33 8.50 15.72
CA LEU B 71 34.33 9.82 16.32
C LEU B 71 35.71 10.46 16.30
N MET B 72 36.76 9.63 16.28
CA MET B 72 38.12 10.14 16.23
C MET B 72 38.38 10.86 14.92
N THR B 73 39.18 11.93 14.99
CA THR B 73 39.46 12.73 13.80
C THR B 73 40.30 11.92 12.81
N ARG B 74 40.14 12.23 11.53
CA ARG B 74 40.93 11.58 10.49
C ARG B 74 42.41 11.90 10.69
N ASP B 75 43.25 11.09 10.04
CA ASP B 75 44.72 11.15 10.10
C ASP B 75 45.21 11.57 11.49
N THR B 76 44.68 10.89 12.49
CA THR B 76 45.04 11.12 13.88
C THR B 76 44.99 9.79 14.62
N ALA B 77 45.96 9.59 15.51
CA ALA B 77 46.16 8.29 16.14
C ALA B 77 45.65 8.19 17.56
N GLU B 78 45.13 9.28 18.14
CA GLU B 78 44.66 9.22 19.52
C GLU B 78 43.58 10.27 19.74
N CYS B 79 42.62 9.92 20.59
CA CYS B 79 41.56 10.84 20.99
C CYS B 79 41.17 10.55 22.43
N LEU B 80 40.79 11.60 23.14
CA LEU B 80 40.38 11.46 24.53
C LEU B 80 39.41 12.58 24.88
N ALA B 81 38.54 12.29 25.85
CA ALA B 81 37.60 13.25 26.39
C ALA B 81 37.55 13.11 27.91
N GLU B 82 37.65 14.24 28.60
CA GLU B 82 37.66 14.26 30.06
C GLU B 82 36.79 15.40 30.56
N VAL B 83 35.99 15.11 31.59
CA VAL B 83 35.08 16.09 32.17
C VAL B 83 35.18 16.04 33.68
N GLU B 84 34.84 17.15 34.32
CA GLU B 84 34.73 17.22 35.77
C GLU B 84 33.34 17.70 36.14
N PHE B 85 32.65 16.91 36.96
CA PHE B 85 31.28 17.21 37.37
C PHE B 85 31.17 17.12 38.88
N GLU B 86 30.24 17.89 39.43
CA GLU B 86 30.02 17.97 40.87
C GLU B 86 28.65 17.41 41.22
N VAL B 87 28.62 16.47 42.17
CA VAL B 87 27.39 15.89 42.68
C VAL B 87 27.42 15.97 44.20
N LYS B 88 26.33 16.50 44.78
CA LYS B 88 26.18 16.64 46.22
C LYS B 88 27.34 17.41 46.83
N GLY B 89 27.80 18.45 46.14
CA GLY B 89 28.82 19.32 46.70
C GLY B 89 30.26 18.84 46.56
N GLU B 90 30.48 17.67 45.98
CA GLU B 90 31.82 17.15 45.75
C GLU B 90 32.00 16.81 44.28
N ALA B 91 33.21 17.04 43.78
CA ALA B 91 33.50 16.97 42.35
C ALA B 91 34.16 15.64 42.01
N TYR B 92 33.88 15.16 40.80
CA TYR B 92 34.48 13.94 40.27
C TYR B 92 35.09 14.24 38.92
N ARG B 93 35.74 13.24 38.33
CA ARG B 93 36.34 13.35 37.02
C ARG B 93 36.11 12.07 36.23
N ALA B 94 35.76 12.21 34.97
CA ALA B 94 35.52 11.09 34.08
C ALA B 94 36.47 11.17 32.90
N PHE B 95 36.99 10.02 32.47
CA PHE B 95 38.02 9.99 31.44
C PHE B 95 37.76 8.82 30.49
N TRP B 96 37.84 9.09 29.20
CA TRP B 96 37.73 8.06 28.17
C TRP B 96 38.71 8.39 27.06
N SER B 97 39.51 7.40 26.65
CA SER B 97 40.54 7.64 25.66
C SER B 97 40.74 6.39 24.81
N GLN B 98 41.16 6.60 23.57
CA GLN B 98 41.46 5.52 22.66
C GLN B 98 42.61 5.94 21.74
N ASN B 99 43.52 5.02 21.49
CA ASN B 99 44.68 5.28 20.66
C ASN B 99 44.86 4.16 19.64
N ARG B 100 45.51 4.49 18.54
CA ARG B 100 45.70 3.54 17.46
C ARG B 100 46.97 2.73 17.70
N ALA B 101 47.04 1.57 17.05
CA ALA B 101 48.21 0.72 17.17
C ALA B 101 49.45 1.43 16.62
N ARG B 102 50.54 1.36 17.39
CA ARG B 102 51.83 1.97 17.03
C ARG B 102 51.71 3.48 16.79
N ASN B 103 50.64 4.09 17.31
CA ASN B 103 50.41 5.53 17.19
C ASN B 103 50.48 5.99 15.74
N GLN B 104 49.90 5.22 14.84
CA GLN B 104 49.83 5.52 13.42
C GLN B 104 48.43 6.01 13.05
N PRO B 105 48.30 6.79 11.96
CA PRO B 105 46.97 7.22 11.54
C PRO B 105 46.16 6.08 10.94
N ASP B 106 46.70 4.87 11.00
CA ASP B 106 45.98 3.66 10.64
C ASP B 106 46.38 2.58 11.64
N GLY B 107 45.75 1.41 11.51
CA GLY B 107 46.02 0.30 12.39
C GLY B 107 44.84 -0.02 13.29
N ASN B 108 45.01 -1.07 14.08
CA ASN B 108 43.94 -1.57 14.92
C ASN B 108 43.54 -0.54 15.97
N LEU B 109 42.25 -0.49 16.26
CA LEU B 109 41.76 0.32 17.37
C LEU B 109 41.97 -0.43 18.67
N GLN B 110 42.84 0.09 19.53
CA GLN B 110 43.11 -0.58 20.79
C GLN B 110 41.90 -0.43 21.72
N VAL B 111 41.83 -1.34 22.70
CA VAL B 111 40.71 -1.29 23.65
C VAL B 111 40.79 0.01 24.44
N PRO B 112 39.69 0.76 24.57
CA PRO B 112 39.76 2.06 25.23
C PRO B 112 40.05 1.92 26.72
N ARG B 113 40.66 2.97 27.26
CA ARG B 113 41.00 3.05 28.68
C ARG B 113 40.14 4.12 29.33
N VAL B 114 39.41 3.74 30.37
CA VAL B 114 38.48 4.64 31.05
C VAL B 114 38.78 4.63 32.55
N GLU B 115 38.35 5.69 33.22
CA GLU B 115 38.54 5.79 34.66
C GLU B 115 37.55 6.80 35.23
N LEU B 116 37.31 6.67 36.53
CA LEU B 116 36.47 7.59 37.29
C LEU B 116 37.13 7.83 38.64
N ALA B 117 37.27 9.11 39.02
CA ALA B 117 38.04 9.44 40.21
C ALA B 117 37.48 10.68 40.87
N ARG B 118 37.79 10.82 42.15
CA ARG B 118 37.41 12.00 42.92
C ARG B 118 38.48 13.08 42.78
N CYS B 119 38.04 14.34 42.72
CA CYS B 119 38.98 15.45 42.74
C CYS B 119 39.37 15.85 44.15
N ALA B 120 38.67 15.34 45.16
CA ALA B 120 39.02 15.66 46.55
C ALA B 120 40.35 15.03 46.95
N ASP B 121 40.58 13.79 46.53
CA ASP B 121 41.80 13.08 46.93
C ASP B 121 42.48 12.34 45.78
N GLY B 122 41.90 12.32 44.58
CA GLY B 122 42.51 11.64 43.46
C GLY B 122 42.35 10.14 43.43
N LYS B 123 41.58 9.57 44.34
CA LYS B 123 41.42 8.12 44.39
C LYS B 123 40.68 7.62 43.16
N ILE B 124 41.20 6.56 42.54
CA ILE B 124 40.54 5.96 41.39
C ILE B 124 39.43 5.04 41.89
N LEU B 125 38.20 5.31 41.46
CA LEU B 125 37.04 4.57 41.92
C LEU B 125 36.67 3.42 41.00
N ALA B 126 36.90 3.54 39.70
CA ALA B 126 36.57 2.46 38.77
C ALA B 126 37.39 2.67 37.50
N ASP B 127 37.86 1.57 36.91
CA ASP B 127 38.61 1.62 35.66
C ASP B 127 38.04 0.71 34.57
N LYS B 128 37.31 -0.34 34.93
CA LYS B 128 36.64 -1.16 33.93
C LYS B 128 35.48 -0.39 33.32
N VAL B 129 35.13 -0.73 32.07
CA VAL B 129 34.05 -0.02 31.39
C VAL B 129 32.72 -0.27 32.09
N LYS B 130 32.40 -1.54 32.35
CA LYS B 130 31.12 -1.87 32.97
C LYS B 130 31.04 -1.32 34.38
N ASP B 131 32.11 -1.45 35.16
CA ASP B 131 32.11 -0.95 36.52
C ASP B 131 32.00 0.57 36.56
N LYS B 132 32.70 1.25 35.63
CA LYS B 132 32.59 2.70 35.57
C LYS B 132 31.17 3.13 35.22
N LEU B 133 30.55 2.46 34.25
CA LEU B 133 29.17 2.80 33.90
C LEU B 133 28.23 2.59 35.08
N GLU B 134 28.34 1.45 35.76
CA GLU B 134 27.47 1.17 36.88
C GLU B 134 27.67 2.19 38.01
N LEU B 135 28.93 2.49 38.31
CA LEU B 135 29.22 3.40 39.42
C LEU B 135 28.77 4.82 39.09
N THR B 136 28.99 5.29 37.86
CA THR B 136 28.55 6.63 37.51
C THR B 136 27.03 6.72 37.45
N ALA B 137 26.36 5.63 37.03
CA ALA B 137 24.90 5.61 37.06
C ALA B 137 24.39 5.70 38.49
N THR B 138 24.97 4.92 39.40
CA THR B 138 24.55 4.97 40.79
C THR B 138 24.82 6.35 41.40
N LEU B 139 25.98 6.93 41.10
CA LEU B 139 26.35 8.21 41.68
C LEU B 139 25.45 9.34 41.18
N THR B 140 25.30 9.45 39.86
CA THR B 140 24.56 10.57 39.29
C THR B 140 23.05 10.39 39.40
N GLY B 141 22.56 9.16 39.31
CA GLY B 141 21.15 8.89 39.18
C GLY B 141 20.63 8.89 37.76
N LEU B 142 21.49 9.23 36.79
CA LEU B 142 21.09 9.32 35.39
C LEU B 142 21.90 8.33 34.56
N ASP B 143 21.19 7.43 33.90
CA ASP B 143 21.79 6.62 32.84
C ASP B 143 21.89 7.48 31.57
N TYR B 144 22.34 6.86 30.48
CA TYR B 144 22.37 7.58 29.21
C TYR B 144 20.96 7.97 28.77
N GLY B 145 20.01 7.04 28.90
CA GLY B 145 18.65 7.26 28.46
C GLY B 145 17.88 8.26 29.29
N ARG B 146 18.43 8.70 30.41
CA ARG B 146 17.86 9.77 31.22
C ARG B 146 18.64 11.06 31.11
N PHE B 147 19.96 10.96 30.94
CA PHE B 147 20.78 12.13 30.66
C PHE B 147 20.34 12.79 29.35
N THR B 148 20.15 11.98 28.31
CA THR B 148 19.75 12.50 27.01
C THR B 148 18.30 12.96 26.96
N ARG B 149 17.51 12.71 28.01
CA ARG B 149 16.15 13.21 28.07
C ARG B 149 16.00 14.43 28.97
N SER B 150 16.79 14.52 30.04
CA SER B 150 16.67 15.63 30.98
C SER B 150 17.71 16.72 30.73
N MET B 151 18.99 16.35 30.64
CA MET B 151 20.04 17.37 30.62
C MET B 151 20.43 17.80 29.20
N LEU B 152 20.56 16.85 28.27
CA LEU B 152 21.01 17.16 26.92
C LEU B 152 19.88 16.87 25.95
N LEU B 153 19.48 17.88 25.19
CA LEU B 153 18.45 17.74 24.15
C LEU B 153 19.11 17.87 22.80
N SER B 154 19.32 16.74 22.13
CA SER B 154 19.96 16.74 20.82
C SER B 154 19.07 17.40 19.79
N GLN B 155 19.68 17.76 18.65
CA GLN B 155 18.94 18.40 17.57
C GLN B 155 18.03 17.37 16.90
N GLY B 156 16.74 17.66 16.86
CA GLY B 156 15.76 16.76 16.29
C GLY B 156 15.18 15.75 17.26
N GLN B 157 15.83 15.53 18.41
CA GLN B 157 15.34 14.59 19.41
C GLN B 157 14.77 15.29 20.64
N PHE B 158 14.40 16.56 20.53
CA PHE B 158 13.77 17.24 21.67
C PHE B 158 12.41 16.61 21.97
N ALA B 159 11.68 16.20 20.92
CA ALA B 159 10.37 15.59 21.10
C ALA B 159 10.44 14.07 21.20
N ALA B 160 11.60 13.51 21.53
CA ALA B 160 11.72 12.07 21.64
C ALA B 160 10.85 11.52 22.77
N PHE B 161 10.83 12.19 23.91
CA PHE B 161 9.98 11.76 25.02
C PHE B 161 8.51 11.88 24.65
N LEU B 162 8.12 12.95 23.97
CA LEU B 162 6.73 13.13 23.57
C LEU B 162 6.30 12.07 22.57
N ASN B 163 7.18 11.69 21.65
CA ASN B 163 6.86 10.73 20.60
C ASN B 163 7.37 9.32 20.90
N ALA B 164 7.84 9.06 22.12
CA ALA B 164 8.31 7.73 22.45
C ALA B 164 7.14 6.77 22.61
N LYS B 165 7.43 5.49 22.48
CA LYS B 165 6.35 4.52 22.66
C LYS B 165 6.12 4.27 24.15
N PRO B 166 4.92 3.82 24.53
CA PRO B 166 4.60 3.70 25.96
C PRO B 166 5.56 2.82 26.75
N LYS B 167 6.07 1.75 26.15
CA LYS B 167 6.99 0.87 26.85
C LYS B 167 8.23 1.63 27.33
N GLU B 168 8.86 2.38 26.43
CA GLU B 168 10.10 3.09 26.73
C GLU B 168 9.86 4.42 27.43
N ARG B 169 8.61 4.81 27.64
CA ARG B 169 8.30 5.92 28.54
C ARG B 169 8.09 5.41 29.96
N ALA B 170 7.35 4.32 30.10
CA ALA B 170 7.15 3.73 31.43
C ALA B 170 8.46 3.22 32.00
N GLU B 171 9.31 2.62 31.17
CA GLU B 171 10.61 2.16 31.65
C GLU B 171 11.48 3.32 32.12
N LEU B 172 11.42 4.45 31.41
CA LEU B 172 12.15 5.64 31.86
C LEU B 172 11.60 6.13 33.19
N LEU B 173 10.28 6.19 33.33
CA LEU B 173 9.68 6.72 34.55
C LEU B 173 10.01 5.86 35.76
N GLU B 174 9.93 4.53 35.63
CA GLU B 174 10.18 3.68 36.78
C GLU B 174 11.62 3.81 37.26
N GLU B 175 12.56 3.94 36.33
CA GLU B 175 13.96 4.09 36.73
C GLU B 175 14.22 5.47 37.30
N LEU B 176 13.56 6.49 36.75
CA LEU B 176 13.75 7.85 37.24
C LEU B 176 13.23 8.00 38.67
N THR B 177 12.08 7.41 38.97
CA THR B 177 11.49 7.58 40.28
C THR B 177 11.89 6.50 41.28
N GLY B 178 12.68 5.51 40.85
CA GLY B 178 13.09 4.45 41.75
C GLY B 178 11.95 3.60 42.25
N THR B 179 11.05 3.22 41.34
CA THR B 179 9.90 2.38 41.63
C THR B 179 9.87 1.17 40.72
N GLU B 180 11.01 0.46 40.63
CA GLU B 180 11.18 -0.58 39.62
C GLU B 180 10.51 -1.89 40.00
N ILE B 181 10.02 -2.03 41.24
CA ILE B 181 9.56 -3.33 41.72
C ILE B 181 8.40 -3.87 40.89
N TYR B 182 7.58 -2.97 40.34
CA TYR B 182 6.41 -3.41 39.59
C TYR B 182 6.79 -4.17 38.32
N GLY B 183 7.91 -3.84 37.68
CA GLY B 183 8.38 -4.60 36.54
C GLY B 183 8.79 -6.01 36.93
N GLN B 184 9.50 -6.13 38.05
CA GLN B 184 9.89 -7.44 38.55
C GLN B 184 8.67 -8.28 38.90
N ILE B 185 7.62 -7.62 39.42
CA ILE B 185 6.40 -8.37 39.75
C ILE B 185 5.79 -8.97 38.49
N SER B 186 5.68 -8.20 37.41
CA SER B 186 5.15 -8.73 36.16
C SER B 186 6.04 -9.83 35.60
N ALA B 187 7.35 -9.65 35.66
CA ALA B 187 8.26 -10.68 35.17
C ALA B 187 8.08 -11.98 35.94
N MET B 188 7.99 -11.89 37.26
CA MET B 188 7.79 -13.09 38.07
C MET B 188 6.43 -13.73 37.79
N VAL B 189 5.38 -12.93 37.63
CA VAL B 189 4.06 -13.48 37.34
C VAL B 189 4.08 -14.22 36.01
N PHE B 190 4.67 -13.60 34.99
CA PHE B 190 4.71 -14.23 33.67
C PHE B 190 5.54 -15.51 33.71
N GLU B 191 6.67 -15.49 34.42
CA GLU B 191 7.51 -16.68 34.51
C GLU B 191 6.78 -17.81 35.24
N GLN B 192 6.10 -17.48 36.33
CA GLN B 192 5.33 -18.49 37.05
C GLN B 192 4.23 -19.08 36.18
N HIS B 193 3.51 -18.22 35.44
CA HIS B 193 2.44 -18.72 34.59
C HIS B 193 2.97 -19.62 33.48
N LYS B 194 4.08 -19.21 32.86
CA LYS B 194 4.66 -20.01 31.79
C LYS B 194 5.15 -21.35 32.31
N SER B 195 5.79 -21.34 33.49
CA SER B 195 6.26 -22.59 34.08
C SER B 195 5.10 -23.51 34.43
N ALA B 196 4.01 -22.96 34.97
CA ALA B 196 2.84 -23.78 35.26
C ALA B 196 2.25 -24.35 33.97
N ARG B 197 2.18 -23.54 32.92
CA ARG B 197 1.59 -23.99 31.66
C ARG B 197 2.41 -25.10 31.02
N THR B 198 3.74 -24.97 31.04
CA THR B 198 4.59 -25.95 30.36
C THR B 198 4.47 -27.35 30.96
N GLU B 199 4.06 -27.46 32.22
CA GLU B 199 3.90 -28.79 32.82
C GLU B 199 2.75 -29.56 32.19
N LEU B 200 1.76 -28.88 31.63
CA LEU B 200 0.63 -29.54 31.01
C LEU B 200 0.92 -29.88 29.55
N THR B 874 -5.47 -28.04 35.83
CA THR B 874 -5.30 -27.64 37.22
C THR B 874 -5.87 -26.23 37.43
N GLN B 875 -6.61 -26.05 38.53
CA GLN B 875 -7.22 -24.75 38.80
C GLN B 875 -6.17 -23.70 39.14
N GLN B 876 -5.04 -24.13 39.72
CA GLN B 876 -3.96 -23.19 40.01
C GLN B 876 -3.41 -22.57 38.73
N VAL B 877 -3.30 -23.36 37.66
CA VAL B 877 -2.90 -22.80 36.37
C VAL B 877 -3.94 -21.80 35.88
N GLU B 878 -5.22 -22.08 36.10
CA GLU B 878 -6.26 -21.12 35.72
C GLU B 878 -6.12 -19.80 36.49
N ASP B 879 -5.85 -19.88 37.79
CA ASP B 879 -5.66 -18.67 38.58
C ASP B 879 -4.42 -17.90 38.13
N TRP B 880 -3.33 -18.62 37.83
CA TRP B 880 -2.13 -17.98 37.31
C TRP B 880 -2.41 -17.29 35.99
N GLY B 881 -3.18 -17.92 35.11
CA GLY B 881 -3.54 -17.29 33.85
C GLY B 881 -4.36 -16.03 34.04
N TYR B 882 -5.33 -16.09 34.96
CA TYR B 882 -6.15 -14.91 35.23
C TYR B 882 -5.29 -13.78 35.78
N LEU B 883 -4.37 -14.10 36.69
CA LEU B 883 -3.49 -13.07 37.24
C LEU B 883 -2.57 -12.51 36.17
N ASN B 884 -2.08 -13.35 35.26
CA ASN B 884 -1.22 -12.89 34.18
C ASN B 884 -1.97 -11.97 33.23
N SER B 885 -3.24 -12.25 32.95
CA SER B 885 -4.01 -11.37 32.07
C SER B 885 -4.20 -9.99 32.69
N LEU B 886 -4.14 -9.90 34.02
CA LEU B 886 -4.35 -8.61 34.68
C LEU B 886 -3.08 -7.77 34.67
N ILE B 887 -1.99 -8.31 35.20
CA ILE B 887 -0.77 -7.53 35.40
C ILE B 887 0.42 -8.19 34.73
N GLY B 888 0.33 -9.50 34.48
CA GLY B 888 1.49 -10.23 34.02
C GLY B 888 1.83 -9.94 32.56
N SER B 889 3.14 -9.86 32.30
CA SER B 889 3.69 -9.70 30.96
C SER B 889 5.20 -9.82 31.07
N LYS B 890 5.83 -10.31 30.00
CA LYS B 890 7.27 -10.39 29.97
C LYS B 890 7.88 -8.99 29.96
N GLU B 891 9.07 -8.88 30.54
CA GLU B 891 9.83 -7.64 30.67
C GLU B 891 9.10 -6.60 31.51
N GLY B 892 8.00 -6.97 32.16
CA GLY B 892 7.30 -6.10 33.07
C GLY B 892 6.64 -4.89 32.45
N ASP B 893 6.12 -4.99 31.22
CA ASP B 893 5.57 -3.82 30.56
C ASP B 893 4.20 -3.43 31.13
N LYS B 894 3.33 -4.42 31.36
CA LYS B 894 1.92 -4.12 31.60
C LYS B 894 1.70 -3.44 32.93
N PHE B 895 2.11 -4.09 34.03
CA PHE B 895 1.89 -3.52 35.35
C PHE B 895 2.72 -2.24 35.54
N ARG B 896 3.88 -2.15 34.89
CA ARG B 896 4.64 -0.92 34.93
C ARG B 896 3.86 0.24 34.31
N LYS B 897 3.28 -0.01 33.13
CA LYS B 897 2.47 1.02 32.49
C LYS B 897 1.27 1.39 33.34
N PHE B 898 0.64 0.39 33.96
CA PHE B 898 -0.50 0.65 34.83
C PHE B 898 -0.11 1.49 36.04
N ALA B 899 1.03 1.15 36.67
CA ALA B 899 1.40 1.79 37.93
C ALA B 899 1.95 3.20 37.70
N GLN B 900 2.66 3.43 36.60
CA GLN B 900 3.30 4.72 36.40
C GLN B 900 2.32 5.83 36.06
N GLY B 901 1.00 5.58 36.18
CA GLY B 901 0.05 6.65 35.96
C GLY B 901 0.21 7.79 36.95
N LEU B 902 0.45 7.46 38.22
CA LEU B 902 0.67 8.50 39.23
C LEU B 902 1.93 9.31 38.92
N THR B 903 2.99 8.63 38.51
CA THR B 903 4.22 9.33 38.15
C THR B 903 3.99 10.25 36.95
N LEU B 904 3.27 9.76 35.94
CA LEU B 904 2.97 10.60 34.79
C LEU B 904 2.10 11.79 35.17
N ASP B 905 1.18 11.61 36.12
CA ASP B 905 0.34 12.71 36.55
C ASP B 905 1.16 13.77 37.31
N ASN B 906 2.06 13.33 38.19
CA ASN B 906 2.94 14.28 38.86
C ASN B 906 3.82 15.02 37.86
N LEU B 907 4.36 14.29 36.89
CA LEU B 907 5.22 14.90 35.89
C LEU B 907 4.46 15.90 35.04
N VAL B 908 3.22 15.58 34.66
CA VAL B 908 2.46 16.51 33.83
C VAL B 908 2.02 17.72 34.66
N HIS B 909 1.78 17.54 35.95
CA HIS B 909 1.53 18.69 36.82
C HIS B 909 2.72 19.63 36.83
N LEU B 910 3.91 19.09 37.06
CA LEU B 910 5.12 19.92 37.08
C LEU B 910 5.34 20.57 35.71
N ALA B 911 5.12 19.82 34.64
CA ALA B 911 5.31 20.35 33.29
C ALA B 911 4.34 21.47 33.00
N ASN B 912 3.09 21.33 33.44
CA ASN B 912 2.11 22.40 33.25
C ASN B 912 2.53 23.64 34.02
N GLN B 913 2.97 23.46 35.27
CA GLN B 913 3.42 24.61 36.06
C GLN B 913 4.59 25.31 35.39
N GLN B 914 5.51 24.53 34.81
CA GLN B 914 6.64 25.12 34.10
C GLN B 914 6.19 25.81 32.82
N LEU B 915 5.18 25.25 32.14
CA LEU B 915 4.78 25.73 30.82
C LEU B 915 3.92 26.97 30.90
N THR B 916 3.27 27.21 32.05
CA THR B 916 2.47 28.42 32.20
C THR B 916 3.25 29.68 31.85
N ARG B 917 4.54 29.70 32.18
CA ARG B 917 5.38 30.86 31.89
C ARG B 917 6.15 30.73 30.58
N LEU B 918 6.31 29.52 30.07
CA LEU B 918 7.06 29.33 28.82
C LEU B 918 6.17 29.57 27.60
N HIS B 919 4.96 29.03 27.60
CA HIS B 919 3.99 29.28 26.55
C HIS B 919 2.61 29.31 27.20
N GLY B 920 1.99 30.49 27.22
CA GLY B 920 0.80 30.68 28.04
C GLY B 920 -0.46 30.10 27.44
N ARG B 921 -0.42 29.72 26.16
CA ARG B 921 -1.65 29.27 25.49
C ARG B 921 -2.09 27.90 25.98
N TYR B 922 -1.16 26.97 26.17
CA TYR B 922 -1.49 25.58 26.36
C TYR B 922 -1.34 25.15 27.82
N LEU B 923 -2.07 24.11 28.17
CA LEU B 923 -1.90 23.36 29.40
C LEU B 923 -1.66 21.91 29.03
N LEU B 924 -1.40 21.09 30.05
CA LEU B 924 -1.11 19.67 29.82
C LEU B 924 -1.86 18.82 30.83
N GLN B 925 -2.32 17.66 30.37
CA GLN B 925 -2.99 16.69 31.22
C GLN B 925 -2.87 15.31 30.60
N ARG B 926 -2.97 14.28 31.44
CA ARG B 926 -2.92 12.92 30.94
C ARG B 926 -4.29 12.49 30.45
N LYS B 927 -4.31 11.63 29.43
CA LYS B 927 -5.56 11.16 28.85
C LYS B 927 -5.98 9.83 29.49
N ALA B 928 -7.26 9.51 29.33
CA ALA B 928 -7.82 8.28 29.86
C ALA B 928 -7.57 7.15 28.87
N SER B 929 -6.33 6.67 28.86
CA SER B 929 -5.95 5.58 27.97
C SER B 929 -4.88 4.73 28.65
N GLU B 930 -4.79 3.47 28.25
CA GLU B 930 -3.78 2.58 28.82
C GLU B 930 -2.37 3.02 28.44
N ALA B 931 -2.19 3.59 27.26
CA ALA B 931 -0.88 4.10 26.86
C ALA B 931 -0.59 5.40 27.59
N LEU B 932 0.63 5.53 28.12
CA LEU B 932 0.99 6.74 28.84
C LEU B 932 1.12 7.90 27.86
N GLU B 933 0.08 8.73 27.79
CA GLU B 933 0.02 9.79 26.79
C GLU B 933 -0.49 11.06 27.45
N VAL B 934 -0.14 12.19 26.85
CA VAL B 934 -0.46 13.51 27.39
C VAL B 934 -1.23 14.29 26.32
N GLU B 935 -2.26 15.00 26.74
CA GLU B 935 -3.07 15.83 25.85
C GLU B 935 -2.97 17.29 26.29
N VAL B 936 -3.15 18.19 25.34
CA VAL B 936 -3.11 19.61 25.62
C VAL B 936 -4.53 20.14 25.77
N VAL B 937 -4.67 21.22 26.52
CA VAL B 937 -5.95 21.88 26.74
C VAL B 937 -5.80 23.32 26.27
N ASP B 938 -6.25 23.60 25.05
CA ASP B 938 -6.09 24.93 24.45
C ASP B 938 -7.00 25.90 25.19
N THR B 939 -6.41 26.66 26.11
CA THR B 939 -7.17 27.60 26.91
C THR B 939 -7.78 28.73 26.08
N TRP B 940 -7.24 29.03 24.91
CA TRP B 940 -7.82 30.06 24.06
C TRP B 940 -9.17 29.61 23.49
N GLN B 941 -9.26 28.36 23.05
CA GLN B 941 -10.46 27.84 22.40
C GLN B 941 -11.39 27.16 23.41
N ALA B 942 -11.72 27.90 24.47
CA ALA B 942 -12.68 27.46 25.48
C ALA B 942 -12.30 26.10 26.05
N ASP B 943 -11.02 25.92 26.34
CA ASP B 943 -10.50 24.69 26.96
C ASP B 943 -10.83 23.45 26.13
N ALA B 944 -10.70 23.56 24.81
CA ALA B 944 -10.90 22.40 23.95
C ALA B 944 -9.68 21.50 24.00
N VAL B 945 -9.88 20.25 24.41
CA VAL B 945 -8.77 19.33 24.60
C VAL B 945 -8.52 18.54 23.33
N ARG B 946 -7.25 18.39 22.96
CA ARG B 946 -6.86 17.64 21.77
C ARG B 946 -5.50 17.01 22.00
N ASP B 947 -5.16 16.03 21.16
CA ASP B 947 -3.92 15.28 21.32
C ASP B 947 -2.73 16.12 20.89
N THR B 948 -1.55 15.74 21.40
CA THR B 948 -0.32 16.48 21.10
C THR B 948 0.13 16.29 19.66
N ARG B 949 -0.40 15.29 18.95
CA ARG B 949 0.00 15.08 17.56
C ARG B 949 -0.39 16.26 16.67
N THR B 950 -1.35 17.07 17.12
CA THR B 950 -1.81 18.23 16.36
C THR B 950 -1.01 19.49 16.65
N LEU B 951 -0.05 19.43 17.57
CA LEU B 951 0.72 20.62 17.92
C LEU B 951 1.67 21.00 16.79
N SER B 952 1.84 22.30 16.59
CA SER B 952 2.79 22.81 15.63
C SER B 952 4.21 22.45 16.05
N GLY B 953 5.16 22.70 15.16
CA GLY B 953 6.55 22.38 15.48
C GLY B 953 7.06 23.16 16.67
N GLY B 954 6.83 24.48 16.68
CA GLY B 954 7.29 25.29 17.79
C GLY B 954 6.58 24.96 19.09
N GLU B 955 5.27 24.73 19.01
CA GLU B 955 4.51 24.39 20.21
C GLU B 955 4.97 23.05 20.78
N SER B 956 5.26 22.08 19.92
CA SER B 956 5.76 20.80 20.40
C SER B 956 7.15 20.93 20.97
N PHE B 957 7.99 21.80 20.39
CA PHE B 957 9.30 22.07 20.97
C PHE B 957 9.18 22.64 22.37
N LEU B 958 8.28 23.63 22.55
CA LEU B 958 8.11 24.22 23.87
C LEU B 958 7.53 23.21 24.86
N VAL B 959 6.59 22.38 24.41
CA VAL B 959 6.01 21.36 25.29
C VAL B 959 7.08 20.37 25.72
N SER B 960 7.93 19.93 24.78
CA SER B 960 9.01 19.01 25.10
C SER B 960 10.04 19.63 26.03
N LEU B 961 10.36 20.92 25.84
CA LEU B 961 11.27 21.60 26.76
C LEU B 961 10.68 21.66 28.15
N ALA B 962 9.38 21.97 28.26
CA ALA B 962 8.72 22.00 29.56
C ALA B 962 8.73 20.62 30.20
N LEU B 963 8.49 19.57 29.40
CA LEU B 963 8.50 18.22 29.94
C LEU B 963 9.89 17.82 30.41
N ALA B 964 10.93 18.25 29.70
CA ALA B 964 12.29 17.98 30.14
C ALA B 964 12.60 18.68 31.46
N LEU B 965 12.17 19.94 31.57
CA LEU B 965 12.38 20.67 32.83
C LEU B 965 11.61 20.01 33.97
N ALA B 966 10.41 19.50 33.69
CA ALA B 966 9.66 18.77 34.70
C ALA B 966 10.35 17.47 35.07
N LEU B 967 10.97 16.81 34.09
CA LEU B 967 11.77 15.62 34.39
C LEU B 967 12.91 15.96 35.34
N SER B 968 13.57 17.09 35.11
CA SER B 968 14.60 17.55 36.03
C SER B 968 14.04 17.86 37.42
N ASP B 969 12.88 18.49 37.48
CA ASP B 969 12.31 18.90 38.76
C ASP B 969 11.75 17.72 39.55
N LEU B 970 11.40 16.63 38.84
CA LEU B 970 10.74 15.51 39.50
C LEU B 970 11.62 14.87 40.57
N VAL B 971 12.92 14.69 40.27
CA VAL B 971 13.82 14.04 41.22
C VAL B 971 14.67 15.03 41.99
N SER B 972 14.24 16.29 42.09
CA SER B 972 15.04 17.29 42.80
C SER B 972 15.15 16.99 44.30
N HIS B 973 14.27 16.14 44.83
CA HIS B 973 14.35 15.76 46.24
C HIS B 973 15.20 14.54 46.50
N LYS B 974 15.70 13.89 45.45
CA LYS B 974 16.56 12.72 45.60
C LYS B 974 17.94 12.93 44.99
N THR B 975 18.03 13.55 43.82
CA THR B 975 19.30 13.95 43.24
C THR B 975 19.05 15.14 42.32
N ARG B 976 19.80 16.21 42.54
CA ARG B 976 19.55 17.49 41.88
C ARG B 976 20.47 17.66 40.69
N ILE B 977 19.89 17.94 39.53
CA ILE B 977 20.64 18.25 38.32
C ILE B 977 20.43 19.73 38.00
N ASP B 978 21.52 20.43 37.71
CA ASP B 978 21.51 21.88 37.59
C ASP B 978 22.01 22.37 36.24
N SER B 979 22.18 21.49 35.26
CA SER B 979 22.67 21.86 33.94
C SER B 979 21.70 21.41 32.87
N LEU B 980 21.56 22.20 31.81
CA LEU B 980 20.69 21.89 30.69
C LEU B 980 21.34 22.39 29.41
N PHE B 981 21.38 21.53 28.40
CA PHE B 981 21.95 21.87 27.10
C PHE B 981 20.92 21.62 26.02
N LEU B 982 20.62 22.65 25.23
CA LEU B 982 19.67 22.57 24.14
C LEU B 982 20.42 22.71 22.83
N ASP B 983 20.55 21.60 22.08
CA ASP B 983 21.35 21.62 20.83
C ASP B 983 20.69 22.49 19.76
N GLU B 984 19.40 22.29 19.47
CA GLU B 984 18.74 23.04 18.37
C GLU B 984 17.22 23.06 18.56
N GLY B 985 16.49 23.58 17.56
CA GLY B 985 15.02 23.66 17.65
C GLY B 985 14.54 25.06 17.99
N PHE B 986 15.47 25.99 18.21
CA PHE B 986 15.07 27.39 18.47
C PHE B 986 14.63 28.06 17.17
N GLY B 987 15.07 27.52 16.02
CA GLY B 987 14.64 28.09 14.72
C GLY B 987 13.15 27.91 14.48
N THR B 988 12.59 26.77 14.90
CA THR B 988 11.14 26.50 14.71
C THR B 988 10.30 27.64 15.31
N LEU B 989 10.89 28.52 16.12
CA LEU B 989 10.12 29.57 16.77
C LEU B 989 10.29 30.88 16.01
N ASP B 990 9.23 31.68 16.00
CA ASP B 990 9.29 33.01 15.42
C ASP B 990 9.88 34.00 16.43
N SER B 991 10.16 35.21 15.95
CA SER B 991 10.79 36.21 16.80
C SER B 991 9.90 36.59 17.98
N GLU B 992 8.60 36.76 17.74
CA GLU B 992 7.70 37.19 18.80
C GLU B 992 7.48 36.13 19.86
N THR B 993 7.81 34.87 19.59
CA THR B 993 7.75 33.80 20.57
C THR B 993 9.13 33.46 21.14
N LEU B 994 10.17 33.59 20.32
CA LEU B 994 11.52 33.27 20.77
C LEU B 994 11.94 34.18 21.92
N ASP B 995 11.56 35.45 21.86
CA ASP B 995 11.91 36.37 22.95
C ASP B 995 11.26 35.96 24.27
N THR B 996 9.98 35.55 24.22
CA THR B 996 9.32 35.09 25.43
C THR B 996 9.95 33.80 25.95
N ALA B 997 10.30 32.88 25.05
CA ALA B 997 10.96 31.65 25.47
C ALA B 997 12.30 31.95 26.13
N LEU B 998 13.06 32.89 25.57
CA LEU B 998 14.35 33.25 26.14
C LEU B 998 14.19 33.97 27.47
N ASP B 999 13.11 34.75 27.61
CA ASP B 999 12.84 35.39 28.90
C ASP B 999 12.53 34.35 29.97
N ALA B 1000 11.73 33.34 29.62
CA ALA B 1000 11.48 32.25 30.57
C ALA B 1000 12.75 31.49 30.90
N LEU B 1001 13.60 31.25 29.90
CA LEU B 1001 14.88 30.59 30.15
C LEU B 1001 15.77 31.43 31.06
N ASP B 1002 15.76 32.76 30.88
CA ASP B 1002 16.51 33.64 31.76
C ASP B 1002 15.99 33.58 33.18
N ALA B 1003 14.66 33.55 33.33
CA ALA B 1003 14.07 33.43 34.66
C ALA B 1003 14.49 32.13 35.32
N LEU B 1004 14.50 31.03 34.57
CA LEU B 1004 14.96 29.76 35.13
C LEU B 1004 16.45 29.80 35.47
N ASN B 1005 17.26 30.40 34.61
CA ASN B 1005 18.70 30.51 34.83
C ASN B 1005 19.04 31.39 36.02
N ALA B 1006 18.17 32.34 36.37
CA ALA B 1006 18.40 33.14 37.57
C ALA B 1006 18.45 32.26 38.81
N SER B 1007 17.85 31.07 38.75
CA SER B 1007 17.97 30.09 39.82
C SER B 1007 19.30 29.35 39.68
N GLY B 1008 19.45 28.24 40.40
CA GLY B 1008 20.70 27.51 40.38
C GLY B 1008 21.02 26.84 39.06
N LYS B 1009 20.03 26.64 38.20
CA LYS B 1009 20.25 25.95 36.95
C LYS B 1009 21.02 26.83 35.96
N THR B 1010 22.02 26.25 35.31
CA THR B 1010 22.77 26.90 34.25
C THR B 1010 22.49 26.19 32.93
N ILE B 1011 22.22 26.97 31.88
CA ILE B 1011 21.75 26.43 30.62
C ILE B 1011 22.56 27.01 29.47
N GLY B 1012 22.87 26.16 28.49
CA GLY B 1012 23.59 26.58 27.29
C GLY B 1012 22.84 26.20 26.03
N VAL B 1013 22.79 27.12 25.07
CA VAL B 1013 21.91 26.99 23.90
C VAL B 1013 22.76 27.13 22.64
N ILE B 1014 22.53 26.24 21.67
CA ILE B 1014 23.19 26.36 20.37
C ILE B 1014 22.17 26.74 19.32
N SER B 1015 22.47 27.79 18.56
CA SER B 1015 21.54 28.22 17.52
C SER B 1015 22.28 29.10 16.51
N HIS B 1016 21.70 29.21 15.32
CA HIS B 1016 22.22 30.08 14.28
C HIS B 1016 21.38 31.34 14.08
N VAL B 1017 20.21 31.42 14.72
CA VAL B 1017 19.32 32.56 14.50
C VAL B 1017 20.01 33.84 14.95
N GLU B 1018 19.81 34.90 14.17
CA GLU B 1018 20.46 36.17 14.42
C GLU B 1018 19.93 36.89 15.66
N ALA B 1019 18.70 36.61 16.07
CA ALA B 1019 18.15 37.26 17.26
C ALA B 1019 18.92 36.85 18.51
N MET B 1020 19.25 35.56 18.63
CA MET B 1020 19.96 35.08 19.82
C MET B 1020 21.41 35.51 19.84
N LYS B 1021 21.93 36.07 18.74
CA LYS B 1021 23.30 36.57 18.75
C LYS B 1021 23.47 37.73 19.73
N GLU B 1022 22.49 38.62 19.79
CA GLU B 1022 22.58 39.80 20.65
C GLU B 1022 22.16 39.52 22.08
N ARG B 1023 21.18 38.64 22.28
CA ARG B 1023 20.64 38.42 23.61
C ARG B 1023 21.61 37.71 24.54
N ILE B 1024 22.40 36.78 24.02
CA ILE B 1024 23.38 36.03 24.80
C ILE B 1024 24.74 36.70 24.60
N PRO B 1025 25.34 37.28 25.64
CA PRO B 1025 26.58 38.06 25.44
C PRO B 1025 27.84 37.22 25.39
N VAL B 1026 27.87 36.08 26.07
CA VAL B 1026 29.04 35.22 26.11
C VAL B 1026 28.82 34.05 25.17
N GLN B 1027 29.81 33.80 24.32
CA GLN B 1027 29.70 32.78 23.28
C GLN B 1027 30.98 31.97 23.21
N ILE B 1028 30.84 30.65 23.12
CA ILE B 1028 31.98 29.76 22.85
C ILE B 1028 32.06 29.65 21.33
N LYS B 1029 32.71 30.64 20.72
CA LYS B 1029 32.78 30.69 19.27
C LYS B 1029 33.65 29.57 18.72
N VAL B 1030 33.17 28.93 17.65
CA VAL B 1030 33.91 27.89 16.95
C VAL B 1030 34.02 28.30 15.49
N LYS B 1031 35.23 28.22 14.94
CA LYS B 1031 35.52 28.73 13.61
C LYS B 1031 36.23 27.67 12.79
N LYS B 1032 35.83 27.54 11.52
CA LYS B 1032 36.55 26.69 10.59
C LYS B 1032 37.73 27.45 9.97
N ILE B 1033 38.60 26.71 9.30
CA ILE B 1033 39.83 27.29 8.74
C ILE B 1033 39.83 27.01 7.24
N ASN B 1034 39.39 28.01 6.48
CA ASN B 1034 39.61 28.17 5.02
C ASN B 1034 39.54 26.86 4.25
N GLY B 1035 38.60 26.00 4.64
CA GLY B 1035 38.36 24.77 3.89
C GLY B 1035 39.37 23.68 4.08
N LEU B 1036 40.24 23.78 5.09
CA LEU B 1036 41.20 22.71 5.34
C LEU B 1036 40.53 21.44 5.86
N GLY B 1037 39.28 21.53 6.28
CA GLY B 1037 38.57 20.40 6.83
C GLY B 1037 38.59 20.29 8.34
N TYR B 1038 39.38 21.13 9.01
CA TYR B 1038 39.46 21.16 10.46
C TYR B 1038 38.85 22.46 10.98
N SER B 1039 38.74 22.55 12.30
CA SER B 1039 38.18 23.72 12.93
C SER B 1039 38.82 23.93 14.30
N LYS B 1040 38.81 25.17 14.75
CA LYS B 1040 39.36 25.54 16.05
C LYS B 1040 38.44 26.56 16.70
N LEU B 1041 38.37 26.51 18.02
CA LEU B 1041 37.69 27.52 18.81
C LEU B 1041 38.69 28.49 19.39
N GLU B 1042 38.21 29.38 20.25
CA GLU B 1042 39.02 30.49 20.74
C GLU B 1042 40.29 29.99 21.42
N SER B 1043 41.40 30.69 21.15
CA SER B 1043 42.70 30.24 21.63
C SER B 1043 42.79 30.21 23.15
N THR B 1044 41.94 30.99 23.83
CA THR B 1044 41.95 30.98 25.30
C THR B 1044 41.58 29.62 25.87
N PHE B 1045 40.95 28.75 25.06
CA PHE B 1045 40.61 27.40 25.47
C PHE B 1045 41.63 26.37 25.02
N ALA B 1046 42.73 26.80 24.39
CA ALA B 1046 43.73 25.86 23.89
C ALA B 1046 44.62 25.37 25.03
N VAL B 1047 44.97 24.10 24.97
CA VAL B 1047 45.86 23.51 25.97
C VAL B 1047 47.28 23.47 25.44
N MET C 1 -49.70 -11.88 -17.05
CA MET C 1 -48.42 -12.54 -17.18
C MET C 1 -47.75 -12.73 -15.83
N ARG C 2 -46.79 -13.63 -15.75
CA ARG C 2 -46.12 -13.96 -14.50
C ARG C 2 -44.62 -13.73 -14.65
N ILE C 3 -44.03 -13.12 -13.63
CA ILE C 3 -42.58 -12.93 -13.54
C ILE C 3 -42.13 -13.27 -12.14
N LEU C 4 -40.84 -13.57 -11.99
CA LEU C 4 -40.21 -13.70 -10.69
C LEU C 4 -39.36 -12.48 -10.38
N HIS C 5 -39.21 -12.19 -9.10
CA HIS C 5 -38.40 -11.07 -8.63
C HIS C 5 -37.39 -11.60 -7.63
N THR C 6 -36.12 -11.63 -8.03
CA THR C 6 -35.04 -12.08 -7.17
C THR C 6 -33.84 -11.18 -7.38
N SER C 7 -32.93 -11.19 -6.39
CA SER C 7 -31.72 -10.33 -6.46
C SER C 7 -30.75 -10.73 -5.36
N ASP C 8 -29.51 -10.24 -5.43
CA ASP C 8 -28.52 -10.48 -4.34
C ASP C 8 -28.06 -11.93 -4.35
N TRP C 9 -27.97 -12.56 -5.53
CA TRP C 9 -27.43 -13.92 -5.58
C TRP C 9 -26.04 -13.97 -4.98
N HIS C 10 -25.19 -12.97 -5.27
CA HIS C 10 -23.83 -12.90 -4.76
C HIS C 10 -23.07 -14.17 -5.09
N LEU C 11 -23.09 -14.53 -6.37
CA LEU C 11 -22.38 -15.72 -6.83
C LEU C 11 -20.88 -15.57 -6.61
N GLY C 12 -20.23 -16.66 -6.23
CA GLY C 12 -18.80 -16.63 -5.99
C GLY C 12 -18.39 -16.08 -4.65
N GLN C 13 -19.35 -15.72 -3.78
CA GLN C 13 -19.01 -15.21 -2.46
C GLN C 13 -18.29 -16.27 -1.64
N ASN C 14 -17.22 -15.86 -0.97
CA ASN C 14 -16.52 -16.70 -0.01
C ASN C 14 -16.93 -16.27 1.40
N PHE C 15 -17.39 -17.23 2.19
CA PHE C 15 -17.98 -16.95 3.50
C PHE C 15 -17.12 -17.62 4.56
N TYR C 16 -16.18 -16.86 5.13
CA TYR C 16 -15.20 -17.40 6.08
C TYR C 16 -14.45 -18.58 5.49
N SER C 17 -13.85 -18.34 4.32
CA SER C 17 -13.05 -19.32 3.58
C SER C 17 -13.89 -20.47 3.04
N LYS C 18 -15.20 -20.42 3.27
CA LYS C 18 -16.10 -21.42 2.70
C LYS C 18 -16.63 -20.96 1.35
N SER C 19 -17.12 -21.92 0.56
CA SER C 19 -17.66 -21.65 -0.76
C SER C 19 -19.13 -22.02 -0.81
N ARG C 20 -19.92 -21.20 -1.50
CA ARG C 20 -21.36 -21.40 -1.61
C ARG C 20 -21.77 -22.04 -2.93
N GLU C 21 -20.87 -22.79 -3.58
CA GLU C 21 -21.14 -23.31 -4.91
C GLU C 21 -22.31 -24.28 -4.90
N ALA C 22 -22.30 -25.24 -3.98
CA ALA C 22 -23.36 -26.24 -3.94
C ALA C 22 -24.70 -25.60 -3.62
N GLU C 23 -24.72 -24.67 -2.66
CA GLU C 23 -25.97 -24.00 -2.29
C GLU C 23 -26.52 -23.19 -3.45
N HIS C 24 -25.66 -22.46 -4.16
CA HIS C 24 -26.11 -21.68 -5.30
C HIS C 24 -26.64 -22.57 -6.42
N GLN C 25 -25.95 -23.69 -6.68
CA GLN C 25 -26.41 -24.60 -7.72
C GLN C 25 -27.77 -25.20 -7.37
N ALA C 26 -27.95 -25.60 -6.11
CA ALA C 26 -29.25 -26.13 -5.69
C ALA C 26 -30.34 -25.07 -5.81
N PHE C 27 -30.05 -23.84 -5.42
CA PHE C 27 -31.04 -22.77 -5.54
C PHE C 27 -31.40 -22.53 -7.01
N LEU C 28 -30.41 -22.53 -7.89
CA LEU C 28 -30.68 -22.29 -9.30
C LEU C 28 -31.53 -23.40 -9.90
N ASP C 29 -31.23 -24.66 -9.54
CA ASP C 29 -32.04 -25.78 -10.02
C ASP C 29 -33.48 -25.66 -9.50
N TRP C 30 -33.64 -25.30 -8.23
CA TRP C 30 -34.97 -25.14 -7.67
C TRP C 30 -35.72 -24.01 -8.37
N LEU C 31 -35.01 -22.92 -8.70
CA LEU C 31 -35.65 -21.81 -9.41
C LEU C 31 -36.10 -22.24 -10.80
N LEU C 32 -35.27 -23.03 -11.50
CA LEU C 32 -35.69 -23.54 -12.81
C LEU C 32 -36.93 -24.41 -12.68
N GLU C 33 -36.95 -25.30 -11.68
CA GLU C 33 -38.12 -26.14 -11.48
C GLU C 33 -39.36 -25.31 -11.18
N THR C 34 -39.21 -24.28 -10.34
CA THR C 34 -40.33 -23.43 -10.00
C THR C 34 -40.85 -22.67 -11.21
N ALA C 35 -39.95 -22.16 -12.05
CA ALA C 35 -40.37 -21.46 -13.25
C ALA C 35 -41.13 -22.40 -14.19
N GLN C 36 -40.63 -23.62 -14.37
CA GLN C 36 -41.33 -24.59 -15.21
C GLN C 36 -42.70 -24.92 -14.64
N THR C 37 -42.79 -25.10 -13.32
CA THR C 37 -44.06 -25.45 -12.70
C THR C 37 -45.08 -24.33 -12.83
N HIS C 38 -44.65 -23.09 -12.60
CA HIS C 38 -45.58 -21.95 -12.56
C HIS C 38 -45.75 -21.28 -13.91
N GLN C 39 -45.09 -21.78 -14.97
CA GLN C 39 -45.30 -21.28 -16.33
C GLN C 39 -44.98 -19.79 -16.42
N VAL C 40 -43.77 -19.43 -15.99
CA VAL C 40 -43.41 -18.02 -15.86
C VAL C 40 -42.97 -17.47 -17.21
N ASP C 41 -43.14 -16.15 -17.38
CA ASP C 41 -42.82 -15.50 -18.64
C ASP C 41 -41.45 -14.84 -18.62
N ALA C 42 -41.02 -14.31 -17.47
CA ALA C 42 -39.72 -13.66 -17.37
C ALA C 42 -39.21 -13.78 -15.94
N ILE C 43 -37.90 -13.63 -15.79
CA ILE C 43 -37.23 -13.61 -14.50
C ILE C 43 -36.36 -12.37 -14.43
N ILE C 44 -36.43 -11.64 -13.33
CA ILE C 44 -35.71 -10.38 -13.14
C ILE C 44 -34.74 -10.56 -11.98
N VAL C 45 -33.47 -10.23 -12.23
CA VAL C 45 -32.42 -10.32 -11.21
C VAL C 45 -31.93 -8.90 -10.95
N ALA C 46 -32.35 -8.36 -9.80
CA ALA C 46 -32.05 -6.95 -9.46
C ALA C 46 -30.68 -6.82 -8.80
N GLY C 47 -29.62 -6.98 -9.57
CA GLY C 47 -28.28 -6.56 -9.18
C GLY C 47 -27.59 -7.55 -8.27
N ASP C 48 -26.32 -7.22 -7.97
CA ASP C 48 -25.49 -8.13 -7.12
C ASP C 48 -25.65 -9.57 -7.61
N VAL C 49 -25.40 -9.81 -8.90
CA VAL C 49 -25.32 -11.19 -9.38
C VAL C 49 -24.01 -11.82 -8.93
N PHE C 50 -22.92 -11.09 -9.02
CA PHE C 50 -21.60 -11.56 -8.59
C PHE C 50 -21.15 -10.77 -7.38
N ASP C 51 -20.46 -11.46 -6.46
CA ASP C 51 -20.00 -10.82 -5.24
C ASP C 51 -18.76 -9.95 -5.45
N THR C 52 -18.21 -9.91 -6.67
CA THR C 52 -17.04 -9.09 -6.93
C THR C 52 -16.99 -8.78 -8.42
N GLY C 53 -16.11 -7.83 -8.77
CA GLY C 53 -15.99 -7.45 -10.16
C GLY C 53 -15.36 -8.53 -11.03
N SER C 54 -14.54 -9.39 -10.44
CA SER C 54 -13.88 -10.49 -11.15
C SER C 54 -14.23 -11.78 -10.44
N PRO C 55 -15.40 -12.35 -10.72
CA PRO C 55 -15.83 -13.55 -10.01
C PRO C 55 -14.94 -14.73 -10.35
N PRO C 56 -14.81 -15.70 -9.46
CA PRO C 56 -14.00 -16.88 -9.76
C PRO C 56 -14.59 -17.70 -10.89
N SER C 57 -13.85 -18.74 -11.28
CA SER C 57 -14.25 -19.54 -12.42
C SER C 57 -15.57 -20.28 -12.17
N TYR C 58 -15.77 -20.79 -10.96
CA TYR C 58 -16.97 -21.59 -10.72
C TYR C 58 -18.22 -20.72 -10.66
N ALA C 59 -18.09 -19.45 -10.25
CA ALA C 59 -19.24 -18.55 -10.31
C ALA C 59 -19.67 -18.32 -11.75
N ARG C 60 -18.71 -18.07 -12.64
CA ARG C 60 -19.04 -17.92 -14.06
C ARG C 60 -19.62 -19.22 -14.62
N THR C 61 -19.11 -20.37 -14.16
CA THR C 61 -19.65 -21.64 -14.60
C THR C 61 -21.11 -21.80 -14.18
N LEU C 62 -21.43 -21.41 -12.94
CA LEU C 62 -22.81 -21.48 -12.47
C LEU C 62 -23.71 -20.57 -13.29
N TYR C 63 -23.26 -19.34 -13.54
CA TYR C 63 -24.04 -18.41 -14.33
C TYR C 63 -24.29 -18.94 -15.74
N ASN C 64 -23.25 -19.50 -16.36
CA ASN C 64 -23.38 -20.05 -17.71
C ASN C 64 -24.32 -21.24 -17.72
N ARG C 65 -24.20 -22.13 -16.73
CA ARG C 65 -25.06 -23.30 -16.67
C ARG C 65 -26.51 -22.90 -16.48
N PHE C 66 -26.77 -21.91 -15.64
CA PHE C 66 -28.14 -21.43 -15.46
C PHE C 66 -28.68 -20.85 -16.77
N VAL C 67 -27.89 -20.01 -17.43
CA VAL C 67 -28.40 -19.32 -18.61
C VAL C 67 -28.53 -20.27 -19.79
N VAL C 68 -27.84 -21.41 -19.76
CA VAL C 68 -27.98 -22.37 -20.85
C VAL C 68 -29.10 -23.36 -20.55
N ASN C 69 -29.31 -23.68 -19.27
CA ASN C 69 -30.38 -24.60 -18.91
C ASN C 69 -31.74 -23.91 -18.93
N LEU C 70 -31.75 -22.58 -18.88
CA LEU C 70 -33.01 -21.85 -18.97
C LEU C 70 -33.62 -21.94 -20.36
N GLN C 71 -32.83 -22.35 -21.36
CA GLN C 71 -33.34 -22.40 -22.73
C GLN C 71 -34.43 -23.44 -22.89
N GLN C 72 -34.44 -24.48 -22.04
CA GLN C 72 -35.48 -25.49 -22.13
C GLN C 72 -36.85 -24.92 -21.83
N THR C 73 -36.94 -24.07 -20.80
CA THR C 73 -38.23 -23.50 -20.41
C THR C 73 -38.79 -22.56 -21.47
N GLY C 74 -37.92 -21.77 -22.10
CA GLY C 74 -38.36 -20.78 -23.06
C GLY C 74 -38.77 -19.46 -22.46
N CYS C 75 -38.65 -19.28 -21.15
CA CYS C 75 -38.99 -18.01 -20.51
C CYS C 75 -37.83 -17.04 -20.60
N HIS C 76 -38.16 -15.76 -20.72
CA HIS C 76 -37.17 -14.71 -20.82
C HIS C 76 -36.45 -14.50 -19.49
N LEU C 77 -35.33 -13.80 -19.53
CA LEU C 77 -34.57 -13.49 -18.33
C LEU C 77 -33.96 -12.11 -18.46
N VAL C 78 -34.01 -11.35 -17.37
CA VAL C 78 -33.42 -10.00 -17.32
C VAL C 78 -32.46 -9.97 -16.14
N VAL C 79 -31.22 -9.59 -16.40
CA VAL C 79 -30.18 -9.48 -15.37
C VAL C 79 -29.70 -8.04 -15.33
N LEU C 80 -29.67 -7.46 -14.13
CA LEU C 80 -29.27 -6.08 -13.92
C LEU C 80 -28.01 -6.02 -13.07
N ALA C 81 -27.23 -4.96 -13.28
CA ALA C 81 -26.02 -4.77 -12.51
C ALA C 81 -26.32 -4.14 -11.16
N GLY C 82 -25.65 -4.63 -10.13
CA GLY C 82 -25.76 -4.06 -8.80
C GLY C 82 -24.55 -3.21 -8.45
N ASN C 83 -24.46 -2.87 -7.16
CA ASN C 83 -23.30 -2.09 -6.66
C ASN C 83 -22.09 -3.02 -6.50
N GLN C 84 -22.28 -4.33 -6.61
CA GLN C 84 -21.19 -5.27 -6.35
C GLN C 84 -20.50 -5.69 -7.64
N ASP C 85 -21.25 -6.24 -8.59
CA ASP C 85 -20.67 -6.75 -9.82
C ASP C 85 -20.21 -5.61 -10.71
N SER C 86 -19.40 -5.96 -11.72
CA SER C 86 -18.73 -4.99 -12.57
C SER C 86 -19.49 -4.76 -13.86
N VAL C 87 -19.58 -3.49 -14.26
CA VAL C 87 -20.26 -3.13 -15.49
C VAL C 87 -19.61 -3.81 -16.69
N ALA C 88 -18.27 -3.77 -16.75
CA ALA C 88 -17.57 -4.43 -17.83
C ALA C 88 -17.72 -5.95 -17.77
N THR C 89 -17.70 -6.53 -16.57
CA THR C 89 -17.89 -7.98 -16.46
C THR C 89 -19.25 -8.43 -16.97
N LEU C 90 -20.31 -7.66 -16.69
CA LEU C 90 -21.61 -8.04 -17.22
C LEU C 90 -21.74 -7.70 -18.71
N ASN C 91 -21.14 -6.60 -19.16
CA ASN C 91 -21.18 -6.26 -20.57
C ASN C 91 -20.33 -7.19 -21.42
N GLU C 92 -19.46 -8.00 -20.79
CA GLU C 92 -18.73 -9.02 -21.53
C GLU C 92 -19.68 -9.91 -22.30
N SER C 93 -20.75 -10.37 -21.65
CA SER C 93 -21.66 -11.36 -22.22
C SER C 93 -22.94 -10.78 -22.78
N ARG C 94 -23.01 -9.45 -22.97
CA ARG C 94 -24.24 -8.82 -23.44
C ARG C 94 -24.72 -9.42 -24.76
N ASP C 95 -23.90 -9.30 -25.81
CA ASP C 95 -24.32 -9.74 -27.13
C ASP C 95 -24.46 -11.26 -27.23
N ILE C 96 -23.64 -12.01 -26.50
CA ILE C 96 -23.76 -13.46 -26.56
C ILE C 96 -25.04 -13.92 -25.86
N MET C 97 -25.42 -13.26 -24.77
CA MET C 97 -26.69 -13.58 -24.13
C MET C 97 -27.89 -13.11 -24.94
N ALA C 98 -27.70 -12.08 -25.79
CA ALA C 98 -28.81 -11.61 -26.61
C ALA C 98 -29.38 -12.70 -27.50
N PHE C 99 -28.61 -13.74 -27.82
CA PHE C 99 -29.11 -14.86 -28.61
C PHE C 99 -29.71 -15.97 -27.76
N LEU C 100 -29.65 -15.87 -26.43
CA LEU C 100 -30.05 -16.95 -25.55
C LEU C 100 -31.27 -16.60 -24.71
N ASN C 101 -32.19 -15.82 -25.28
CA ASN C 101 -33.40 -15.39 -24.58
C ASN C 101 -33.07 -14.70 -23.26
N THR C 102 -32.03 -13.88 -23.26
CA THR C 102 -31.57 -13.21 -22.05
C THR C 102 -31.09 -11.81 -22.41
N THR C 103 -31.40 -10.86 -21.52
CA THR C 103 -30.96 -9.48 -21.67
C THR C 103 -30.29 -9.04 -20.38
N VAL C 104 -29.08 -8.51 -20.50
CA VAL C 104 -28.34 -8.00 -19.36
C VAL C 104 -28.09 -6.51 -19.56
N VAL C 105 -28.32 -5.74 -18.49
CA VAL C 105 -28.10 -4.31 -18.50
C VAL C 105 -27.14 -3.96 -17.38
N ALA C 106 -26.11 -3.18 -17.71
CA ALA C 106 -25.12 -2.79 -16.71
C ALA C 106 -24.91 -1.28 -16.73
N SER C 107 -25.09 -0.67 -17.89
CA SER C 107 -24.85 0.77 -18.02
C SER C 107 -26.17 1.53 -18.06
N ALA C 108 -26.06 2.85 -17.88
CA ALA C 108 -27.23 3.70 -17.93
C ALA C 108 -27.59 4.04 -19.38
N GLY C 109 -28.79 4.58 -19.55
CA GLY C 109 -29.26 5.00 -20.86
C GLY C 109 -29.88 3.91 -21.71
N HIS C 110 -29.95 2.68 -21.22
CA HIS C 110 -30.49 1.59 -22.01
C HIS C 110 -32.01 1.77 -22.14
N ALA C 111 -32.50 1.88 -23.37
CA ALA C 111 -33.88 2.28 -23.61
C ALA C 111 -34.85 1.19 -23.16
N PRO C 112 -36.08 1.56 -22.84
CA PRO C 112 -37.07 0.55 -22.43
C PRO C 112 -37.36 -0.44 -23.54
N GLN C 113 -37.69 -1.66 -23.14
CA GLN C 113 -37.93 -2.75 -24.08
C GLN C 113 -39.19 -3.49 -23.68
N ILE C 114 -39.73 -4.26 -24.61
CA ILE C 114 -40.99 -4.96 -24.42
C ILE C 114 -40.70 -6.43 -24.13
N LEU C 115 -41.19 -6.92 -23.00
CA LEU C 115 -41.02 -8.32 -22.65
C LEU C 115 -42.07 -9.17 -23.36
N PRO C 116 -41.68 -10.15 -24.15
CA PRO C 116 -42.66 -11.01 -24.80
C PRO C 116 -43.12 -12.15 -23.90
N ARG C 117 -44.37 -12.55 -24.08
CA ARG C 117 -44.90 -13.69 -23.37
C ARG C 117 -44.32 -14.99 -23.94
N ARG C 118 -44.71 -16.11 -23.33
CA ARG C 118 -44.23 -17.41 -23.79
C ARG C 118 -44.65 -17.69 -25.22
N ASP C 119 -45.76 -17.11 -25.67
CA ASP C 119 -46.20 -17.28 -27.05
C ASP C 119 -45.68 -16.20 -27.98
N GLY C 120 -44.87 -15.27 -27.48
CA GLY C 120 -44.27 -14.24 -28.30
C GLY C 120 -45.03 -12.93 -28.38
N THR C 121 -46.24 -12.87 -27.82
CA THR C 121 -47.00 -11.63 -27.86
C THR C 121 -46.42 -10.62 -26.85
N PRO C 122 -46.54 -9.32 -27.13
CA PRO C 122 -46.05 -8.31 -26.19
C PRO C 122 -46.73 -8.40 -24.83
N GLY C 123 -45.94 -8.60 -23.77
CA GLY C 123 -46.51 -8.79 -22.45
C GLY C 123 -46.41 -7.58 -21.54
N ALA C 124 -45.24 -6.93 -21.50
CA ALA C 124 -45.05 -5.81 -20.60
C ALA C 124 -43.89 -4.95 -21.10
N VAL C 125 -43.82 -3.73 -20.59
CA VAL C 125 -42.71 -2.82 -20.85
C VAL C 125 -41.74 -2.91 -19.69
N LEU C 126 -40.51 -3.31 -19.98
CA LEU C 126 -39.54 -3.62 -18.93
C LEU C 126 -39.00 -2.40 -18.21
N CYS C 127 -38.61 -1.36 -18.94
CA CYS C 127 -37.99 -0.15 -18.40
C CYS C 127 -36.82 -0.53 -17.47
N PRO C 128 -35.75 -1.11 -18.01
CA PRO C 128 -34.66 -1.60 -17.15
C PRO C 128 -33.78 -0.46 -16.68
N ILE C 129 -33.47 -0.45 -15.39
CA ILE C 129 -32.58 0.54 -14.79
C ILE C 129 -31.62 -0.17 -13.86
N PRO C 130 -30.33 -0.20 -14.17
CA PRO C 130 -29.38 -0.87 -13.28
C PRO C 130 -28.92 0.04 -12.14
N PHE C 131 -27.98 -0.42 -11.33
CA PHE C 131 -27.38 0.43 -10.31
C PHE C 131 -26.71 1.63 -10.97
N LEU C 132 -27.24 2.82 -10.73
CA LEU C 132 -26.76 4.02 -11.41
C LEU C 132 -25.51 4.52 -10.70
N ARG C 133 -24.35 4.18 -11.25
CA ARG C 133 -23.10 4.67 -10.69
C ARG C 133 -23.01 6.18 -10.89
N PRO C 134 -22.49 6.92 -9.91
CA PRO C 134 -22.40 8.38 -10.06
C PRO C 134 -21.55 8.80 -11.25
N ARG C 135 -20.55 8.02 -11.63
CA ARG C 135 -19.70 8.38 -12.75
C ARG C 135 -20.43 8.35 -14.09
N ASP C 136 -21.63 7.76 -14.12
CA ASP C 136 -22.38 7.63 -15.36
C ASP C 136 -23.41 8.74 -15.56
N ILE C 137 -23.98 9.26 -14.47
CA ILE C 137 -25.13 10.15 -14.59
C ILE C 137 -24.83 11.61 -14.23
N ILE C 138 -23.73 11.90 -13.54
CA ILE C 138 -23.39 13.25 -13.15
C ILE C 138 -21.97 13.58 -13.58
N THR C 139 -21.69 14.88 -13.68
CA THR C 139 -20.36 15.39 -13.98
C THR C 139 -19.90 16.26 -12.81
N SER C 140 -18.74 15.94 -12.25
CA SER C 140 -18.25 16.66 -11.10
C SER C 140 -17.81 18.07 -11.48
N GLN C 141 -17.98 19.00 -10.55
CA GLN C 141 -17.56 20.38 -10.74
C GLN C 141 -17.00 20.92 -9.43
N ALA C 142 -16.08 21.87 -9.54
CA ALA C 142 -15.39 22.38 -8.37
C ALA C 142 -16.23 23.41 -7.63
N GLY C 143 -16.03 23.48 -6.32
CA GLY C 143 -16.76 24.43 -5.50
C GLY C 143 -17.99 23.89 -4.82
N LEU C 144 -18.03 22.60 -4.53
CA LEU C 144 -19.17 21.97 -3.88
C LEU C 144 -18.77 21.33 -2.57
N ASN C 145 -19.77 20.99 -1.76
CA ASN C 145 -19.55 20.34 -0.49
C ASN C 145 -19.97 18.88 -0.54
N GLY C 146 -19.66 18.15 0.54
CA GLY C 146 -20.01 16.75 0.61
C GLY C 146 -21.49 16.49 0.56
N ILE C 147 -22.30 17.38 1.13
CA ILE C 147 -23.75 17.22 1.10
C ILE C 147 -24.33 17.80 -0.18
N GLU C 148 -23.73 18.86 -0.73
CA GLU C 148 -24.22 19.41 -1.98
C GLU C 148 -24.03 18.45 -3.14
N LYS C 149 -22.91 17.72 -3.16
CA LYS C 149 -22.71 16.71 -4.19
C LYS C 149 -23.75 15.60 -4.09
N GLN C 150 -24.07 15.18 -2.86
CA GLN C 150 -25.10 14.16 -2.68
C GLN C 150 -26.47 14.67 -3.13
N GLN C 151 -26.78 15.94 -2.84
CA GLN C 151 -28.03 16.52 -3.31
C GLN C 151 -28.10 16.52 -4.83
N HIS C 152 -27.00 16.89 -5.48
CA HIS C 152 -26.97 16.86 -6.94
C HIS C 152 -27.17 15.45 -7.47
N LEU C 153 -26.53 14.47 -6.83
CA LEU C 153 -26.69 13.08 -7.25
C LEU C 153 -28.14 12.62 -7.12
N LEU C 154 -28.78 12.95 -5.99
CA LEU C 154 -30.17 12.56 -5.80
C LEU C 154 -31.09 13.23 -6.82
N ALA C 155 -30.88 14.52 -7.08
CA ALA C 155 -31.68 15.20 -8.09
C ALA C 155 -31.49 14.55 -9.46
N ALA C 156 -30.24 14.21 -9.80
CA ALA C 156 -29.97 13.61 -11.09
C ALA C 156 -30.61 12.24 -11.23
N ILE C 157 -30.54 11.41 -10.18
CA ILE C 157 -31.12 10.08 -10.28
C ILE C 157 -32.65 10.16 -10.35
N THR C 158 -33.25 11.10 -9.61
CA THR C 158 -34.70 11.28 -9.72
C THR C 158 -35.10 11.73 -11.12
N ASP C 159 -34.35 12.66 -11.69
CA ASP C 159 -34.64 13.12 -13.04
C ASP C 159 -34.47 11.99 -14.05
N TYR C 160 -33.45 11.15 -13.87
CA TYR C 160 -33.25 10.01 -14.76
C TYR C 160 -34.43 9.06 -14.69
N TYR C 161 -34.89 8.73 -13.48
CA TYR C 161 -36.05 7.86 -13.34
C TYR C 161 -37.27 8.47 -14.02
N GLN C 162 -37.52 9.76 -13.80
CA GLN C 162 -38.70 10.39 -14.38
C GLN C 162 -38.64 10.38 -15.90
N GLN C 163 -37.50 10.77 -16.48
CA GLN C 163 -37.38 10.82 -17.94
C GLN C 163 -37.50 9.43 -18.55
N HIS C 164 -36.88 8.43 -17.92
CA HIS C 164 -36.93 7.09 -18.47
C HIS C 164 -38.33 6.51 -18.39
N TYR C 165 -39.07 6.82 -17.32
CA TYR C 165 -40.46 6.37 -17.24
C TYR C 165 -41.33 7.08 -18.27
N ALA C 166 -41.07 8.36 -18.53
CA ALA C 166 -41.80 9.05 -19.59
C ALA C 166 -41.54 8.41 -20.95
N ASP C 167 -40.29 8.05 -21.23
CA ASP C 167 -39.98 7.36 -22.47
C ASP C 167 -40.67 5.99 -22.54
N ALA C 168 -40.71 5.28 -21.41
CA ALA C 168 -41.41 4.00 -21.38
C ALA C 168 -42.90 4.16 -21.65
N CYS C 169 -43.52 5.20 -21.08
CA CYS C 169 -44.93 5.46 -21.37
C CYS C 169 -45.14 5.78 -22.84
N LYS C 170 -44.24 6.58 -23.42
CA LYS C 170 -44.33 6.87 -24.86
C LYS C 170 -44.24 5.59 -25.67
N LEU C 171 -43.34 4.69 -25.31
CA LEU C 171 -43.23 3.41 -26.01
C LEU C 171 -44.51 2.59 -25.85
N ARG C 172 -45.08 2.56 -24.65
CA ARG C 172 -46.28 1.76 -24.42
C ARG C 172 -47.45 2.26 -25.25
N GLY C 173 -47.73 3.56 -25.17
CA GLY C 173 -48.87 4.10 -25.90
C GLY C 173 -50.18 3.59 -25.36
N ASP C 174 -50.97 2.95 -26.23
CA ASP C 174 -52.34 2.57 -25.89
C ASP C 174 -52.49 1.12 -25.47
N GLN C 175 -51.54 0.25 -25.82
CA GLN C 175 -51.67 -1.16 -25.49
C GLN C 175 -51.64 -1.35 -23.98
N PRO C 176 -52.55 -2.18 -23.43
CA PRO C 176 -52.59 -2.40 -21.97
C PRO C 176 -51.45 -3.28 -21.48
N LEU C 177 -50.28 -2.66 -21.28
CA LEU C 177 -49.10 -3.36 -20.81
C LEU C 177 -48.64 -2.76 -19.48
N PRO C 178 -48.42 -3.58 -18.45
CA PRO C 178 -47.94 -3.03 -17.18
C PRO C 178 -46.48 -2.61 -17.29
N ILE C 179 -46.22 -1.34 -16.98
CA ILE C 179 -44.86 -0.82 -17.06
C ILE C 179 -44.11 -1.20 -15.79
N ILE C 180 -43.40 -2.32 -15.84
CA ILE C 180 -42.55 -2.73 -14.74
C ILE C 180 -41.36 -1.78 -14.65
N ALA C 181 -40.84 -1.59 -13.44
CA ALA C 181 -39.65 -0.79 -13.22
C ALA C 181 -38.67 -1.60 -12.37
N THR C 182 -37.41 -1.18 -12.39
CA THR C 182 -36.37 -1.90 -11.68
C THR C 182 -35.33 -0.91 -11.18
N GLY C 183 -34.61 -1.31 -10.14
CA GLY C 183 -33.54 -0.50 -9.60
C GLY C 183 -32.78 -1.29 -8.56
N HIS C 184 -31.64 -0.73 -8.14
CA HIS C 184 -30.82 -1.38 -7.08
C HIS C 184 -30.30 -0.25 -6.18
N LEU C 185 -31.15 0.25 -5.28
CA LEU C 185 -30.76 1.41 -4.43
C LEU C 185 -31.52 1.34 -3.10
N THR C 186 -31.05 2.07 -2.08
CA THR C 186 -31.69 2.04 -0.74
C THR C 186 -32.86 3.03 -0.66
N THR C 187 -34.02 2.58 -0.13
CA THR C 187 -35.16 3.45 0.05
C THR C 187 -35.58 3.41 1.51
N VAL C 188 -36.17 4.51 1.98
CA VAL C 188 -36.59 4.62 3.37
C VAL C 188 -38.07 4.98 3.44
N GLY C 189 -38.78 4.78 2.35
CA GLY C 189 -40.20 5.08 2.31
C GLY C 189 -40.51 6.55 2.20
N LEU C 204 -29.87 13.51 4.15
CA LEU C 204 -29.84 12.06 4.06
C LEU C 204 -29.37 11.63 2.68
N ASP C 205 -28.80 10.42 2.58
CA ASP C 205 -28.26 9.92 1.34
C ASP C 205 -29.11 8.85 0.67
N ALA C 206 -30.15 8.34 1.35
CA ALA C 206 -31.01 7.34 0.74
C ALA C 206 -31.96 8.00 -0.25
N PHE C 207 -32.58 7.17 -1.09
CA PHE C 207 -33.48 7.65 -2.13
C PHE C 207 -34.92 7.55 -1.64
N PRO C 208 -35.63 8.67 -1.51
CA PRO C 208 -37.02 8.61 -1.03
C PRO C 208 -37.91 7.82 -1.98
N ALA C 209 -38.87 7.08 -1.40
CA ALA C 209 -39.74 6.25 -2.23
C ALA C 209 -40.72 7.09 -3.04
N GLN C 210 -41.12 8.26 -2.52
CA GLN C 210 -42.10 9.09 -3.22
C GLN C 210 -41.55 9.69 -4.50
N ASN C 211 -40.23 9.62 -4.73
CA ASN C 211 -39.65 10.11 -5.96
C ASN C 211 -39.77 9.10 -7.11
N PHE C 212 -40.18 7.88 -6.82
CA PHE C 212 -40.33 6.89 -7.87
C PHE C 212 -41.49 7.27 -8.80
N PRO C 213 -41.40 6.89 -10.07
CA PRO C 213 -42.49 7.19 -11.00
C PRO C 213 -43.69 6.30 -10.72
N PRO C 214 -44.88 6.68 -11.19
CA PRO C 214 -46.07 5.86 -10.93
C PRO C 214 -46.13 4.61 -11.80
N ALA C 215 -45.09 3.78 -11.75
CA ALA C 215 -45.07 2.55 -12.53
C ALA C 215 -45.99 1.51 -11.89
N ASP C 216 -46.42 0.55 -12.71
CA ASP C 216 -47.30 -0.50 -12.22
C ASP C 216 -46.59 -1.45 -11.26
N TYR C 217 -45.26 -1.51 -11.31
CA TYR C 217 -44.49 -2.35 -10.41
C TYR C 217 -43.04 -1.91 -10.46
N ILE C 218 -42.38 -1.97 -9.30
CA ILE C 218 -40.98 -1.56 -9.17
C ILE C 218 -40.28 -2.66 -8.39
N ALA C 219 -39.40 -3.40 -9.07
CA ALA C 219 -38.68 -4.51 -8.46
C ALA C 219 -37.29 -4.05 -8.06
N LEU C 220 -37.14 -3.69 -6.78
CA LEU C 220 -35.85 -3.06 -6.33
C LEU C 220 -34.82 -4.08 -5.86
N GLY C 221 -33.66 -3.59 -5.41
CA GLY C 221 -32.55 -4.46 -4.96
C GLY C 221 -31.68 -3.70 -3.97
N HIS C 222 -30.63 -4.31 -3.46
CA HIS C 222 -29.67 -3.68 -2.50
C HIS C 222 -30.12 -3.97 -1.06
N ILE C 223 -31.22 -4.67 -0.86
CA ILE C 223 -31.63 -5.07 0.51
C ILE C 223 -31.79 -6.60 0.53
N HIS C 224 -31.19 -7.28 1.50
CA HIS C 224 -31.20 -8.78 1.53
C HIS C 224 -32.46 -9.28 2.26
N ARG C 225 -33.28 -8.37 2.79
CA ARG C 225 -34.49 -8.78 3.56
C ARG C 225 -35.74 -8.39 2.78
N ALA C 226 -36.67 -9.33 2.59
CA ALA C 226 -37.93 -9.05 1.85
C ALA C 226 -38.81 -8.11 2.67
N GLN C 227 -39.22 -6.97 2.08
CA GLN C 227 -40.04 -6.00 2.79
C GLN C 227 -40.78 -5.13 1.79
N ILE C 228 -41.81 -4.46 2.28
CA ILE C 228 -42.57 -3.50 1.49
C ILE C 228 -42.19 -2.09 1.91
N ILE C 229 -42.07 -1.19 0.94
CA ILE C 229 -41.60 0.17 1.18
C ILE C 229 -42.77 1.14 1.14
N GLY C 230 -42.92 1.90 2.22
CA GLY C 230 -43.96 2.91 2.29
C GLY C 230 -45.36 2.37 2.26
N GLY C 231 -45.56 1.09 2.54
CA GLY C 231 -46.86 0.49 2.45
C GLY C 231 -47.38 0.30 1.05
N MET C 232 -46.57 0.58 0.04
CA MET C 232 -46.97 0.43 -1.36
C MET C 232 -46.58 -0.97 -1.81
N GLU C 233 -47.58 -1.81 -2.06
CA GLU C 233 -47.33 -3.20 -2.41
C GLU C 233 -46.69 -3.34 -3.79
N HIS C 234 -46.78 -2.32 -4.64
CA HIS C 234 -46.18 -2.39 -5.96
C HIS C 234 -44.71 -1.99 -5.97
N VAL C 235 -44.15 -1.63 -4.81
CA VAL C 235 -42.72 -1.38 -4.66
C VAL C 235 -42.23 -2.30 -3.55
N ARG C 236 -41.35 -3.24 -3.90
CA ARG C 236 -40.95 -4.28 -2.95
C ARG C 236 -39.46 -4.55 -3.06
N TYR C 237 -38.90 -5.08 -1.97
CA TYR C 237 -37.50 -5.56 -1.97
C TYR C 237 -37.61 -7.08 -1.90
N CYS C 238 -37.03 -7.79 -2.85
CA CYS C 238 -37.19 -9.27 -2.91
C CYS C 238 -36.24 -9.93 -1.92
N GLY C 239 -35.07 -9.32 -1.71
CA GLY C 239 -34.10 -9.86 -0.74
C GLY C 239 -33.26 -10.96 -1.35
N SER C 240 -32.25 -11.44 -0.60
CA SER C 240 -31.41 -12.52 -1.08
C SER C 240 -32.16 -13.85 -0.98
N PRO C 241 -31.89 -14.78 -1.90
CA PRO C 241 -32.53 -16.10 -1.79
C PRO C 241 -31.83 -17.05 -0.84
N ILE C 242 -30.61 -16.75 -0.41
CA ILE C 242 -29.87 -17.58 0.52
C ILE C 242 -29.31 -16.72 1.64
N PRO C 243 -29.07 -17.32 2.81
CA PRO C 243 -28.49 -16.55 3.92
C PRO C 243 -27.01 -16.25 3.70
N LEU C 244 -26.67 -14.98 3.55
CA LEU C 244 -25.31 -14.57 3.25
C LEU C 244 -24.51 -14.18 4.49
N SER C 245 -25.10 -14.25 5.68
CA SER C 245 -24.40 -13.92 6.91
C SER C 245 -25.14 -14.54 8.09
N PHE C 246 -24.46 -14.58 9.23
CA PHE C 246 -25.06 -15.17 10.42
C PHE C 246 -26.18 -14.32 11.00
N ASP C 247 -26.22 -13.04 10.67
CA ASP C 247 -27.28 -12.18 11.19
C ASP C 247 -28.64 -12.48 10.58
N GLU C 248 -28.69 -13.29 9.53
CA GLU C 248 -29.94 -13.70 8.90
C GLU C 248 -30.06 -15.20 8.76
N CYS C 249 -29.34 -15.97 9.56
CA CYS C 249 -29.33 -17.43 9.40
C CYS C 249 -30.70 -18.03 9.67
N GLY C 250 -31.38 -17.59 10.73
CA GLY C 250 -32.66 -18.18 11.09
C GLY C 250 -33.86 -17.67 10.31
N LYS C 251 -33.71 -16.58 9.57
CA LYS C 251 -34.82 -16.04 8.80
C LYS C 251 -35.02 -16.83 7.52
N SER C 252 -36.29 -17.00 7.13
CA SER C 252 -36.59 -17.64 5.86
C SER C 252 -36.46 -16.64 4.71
N LYS C 253 -36.07 -17.16 3.54
CA LYS C 253 -35.82 -16.34 2.37
C LYS C 253 -36.90 -16.60 1.33
N TYR C 254 -37.29 -15.53 0.63
CA TYR C 254 -38.42 -15.58 -0.28
C TYR C 254 -38.01 -15.09 -1.65
N VAL C 255 -38.70 -15.60 -2.67
CA VAL C 255 -38.64 -15.06 -4.03
C VAL C 255 -40.06 -14.74 -4.47
N HIS C 256 -40.27 -13.52 -4.93
CA HIS C 256 -41.62 -13.06 -5.25
C HIS C 256 -42.07 -13.60 -6.60
N LEU C 257 -43.33 -14.01 -6.67
CA LEU C 257 -43.98 -14.42 -7.91
C LEU C 257 -45.08 -13.42 -8.20
N VAL C 258 -44.92 -12.62 -9.25
CA VAL C 258 -45.78 -11.48 -9.52
C VAL C 258 -46.66 -11.80 -10.72
N THR C 259 -47.93 -11.43 -10.62
CA THR C 259 -48.92 -11.69 -11.67
C THR C 259 -49.58 -10.37 -12.05
N PHE C 260 -49.83 -10.21 -13.36
CA PHE C 260 -50.46 -9.01 -13.89
C PHE C 260 -51.71 -9.41 -14.67
N SER C 261 -52.68 -8.50 -14.71
CA SER C 261 -53.94 -8.75 -15.39
C SER C 261 -54.47 -7.46 -15.99
N ASN C 262 -54.82 -7.52 -17.28
CA ASN C 262 -55.46 -6.41 -17.99
C ASN C 262 -54.62 -5.14 -17.89
N GLY C 263 -53.31 -5.28 -17.92
CA GLY C 263 -52.43 -4.14 -17.90
C GLY C 263 -52.25 -3.49 -16.54
N LYS C 264 -52.64 -4.17 -15.46
CA LYS C 264 -52.47 -3.65 -14.12
C LYS C 264 -52.00 -4.77 -13.20
N LEU C 265 -51.31 -4.39 -12.13
CA LEU C 265 -50.81 -5.36 -11.17
C LEU C 265 -51.95 -6.08 -10.47
N GLU C 266 -51.80 -7.39 -10.28
CA GLU C 266 -52.83 -8.19 -9.64
C GLU C 266 -52.48 -8.58 -8.21
N SER C 267 -51.35 -9.26 -8.02
CA SER C 267 -51.01 -9.77 -6.69
C SER C 267 -49.53 -10.13 -6.67
N VAL C 268 -49.02 -10.35 -5.45
CA VAL C 268 -47.66 -10.79 -5.22
C VAL C 268 -47.71 -11.98 -4.27
N GLU C 269 -46.98 -13.04 -4.62
CA GLU C 269 -46.95 -14.27 -3.82
C GLU C 269 -45.52 -14.56 -3.41
N ASN C 270 -45.33 -14.93 -2.14
CA ASN C 270 -44.00 -15.24 -1.63
C ASN C 270 -43.75 -16.74 -1.71
N LEU C 271 -42.61 -17.12 -2.29
CA LEU C 271 -42.21 -18.51 -2.42
C LEU C 271 -40.98 -18.75 -1.57
N ASN C 272 -41.07 -19.71 -0.65
CA ASN C 272 -39.95 -20.00 0.25
C ASN C 272 -38.86 -20.75 -0.51
N VAL C 273 -37.62 -20.29 -0.36
CA VAL C 273 -36.47 -21.00 -0.91
C VAL C 273 -36.00 -22.00 0.15
N PRO C 274 -35.99 -23.29 -0.16
CA PRO C 274 -35.57 -24.29 0.83
C PRO C 274 -34.13 -24.06 1.26
N VAL C 275 -33.87 -24.28 2.55
CA VAL C 275 -32.54 -24.07 3.09
C VAL C 275 -31.69 -25.29 2.75
N THR C 276 -30.51 -25.04 2.17
CA THR C 276 -29.61 -26.13 1.79
C THR C 276 -28.50 -26.34 2.82
N GLN C 277 -27.90 -25.26 3.31
CA GLN C 277 -26.83 -25.34 4.30
C GLN C 277 -27.32 -24.73 5.61
N PRO C 278 -27.68 -25.55 6.60
CA PRO C 278 -28.18 -24.98 7.86
C PRO C 278 -27.10 -24.22 8.61
N MET C 279 -27.51 -23.16 9.29
CA MET C 279 -26.61 -22.38 10.14
C MET C 279 -27.35 -21.98 11.40
N ALA C 280 -26.58 -21.73 12.47
CA ALA C 280 -27.15 -21.33 13.74
C ALA C 280 -26.15 -20.45 14.48
N VAL C 281 -26.67 -19.67 15.43
CA VAL C 281 -25.87 -18.78 16.24
C VAL C 281 -26.19 -19.02 17.71
N LEU C 282 -25.16 -18.99 18.56
CA LEU C 282 -25.31 -19.30 19.98
C LEU C 282 -24.77 -18.16 20.82
N LYS C 283 -25.35 -18.01 22.01
CA LYS C 283 -24.95 -17.00 22.99
C LYS C 283 -24.69 -17.66 24.32
N GLY C 284 -24.22 -16.86 25.27
CA GLY C 284 -24.05 -17.32 26.64
C GLY C 284 -22.66 -17.83 26.94
N ASP C 285 -22.49 -18.25 28.19
CA ASP C 285 -21.21 -18.77 28.65
C ASP C 285 -20.93 -20.16 28.07
N LEU C 286 -19.82 -20.75 28.50
CA LEU C 286 -19.44 -22.07 27.99
C LEU C 286 -20.47 -23.13 28.36
N ALA C 287 -21.06 -23.04 29.56
CA ALA C 287 -22.11 -23.98 29.93
C ALA C 287 -23.31 -23.86 29.01
N SER C 288 -23.73 -22.63 28.69
CA SER C 288 -24.84 -22.44 27.78
C SER C 288 -24.50 -22.95 26.38
N ILE C 289 -23.25 -22.75 25.95
CA ILE C 289 -22.81 -23.26 24.65
C ILE C 289 -22.89 -24.78 24.62
N THR C 290 -22.45 -25.44 25.69
CA THR C 290 -22.56 -26.89 25.76
C THR C 290 -24.02 -27.34 25.74
N ALA C 291 -24.87 -26.64 26.49
CA ALA C 291 -26.29 -26.99 26.52
C ALA C 291 -26.92 -26.86 25.14
N GLN C 292 -26.57 -25.80 24.41
CA GLN C 292 -27.14 -25.60 23.08
C GLN C 292 -26.55 -26.59 22.07
N LEU C 293 -25.30 -26.99 22.27
CA LEU C 293 -24.70 -28.01 21.41
C LEU C 293 -25.27 -29.39 21.69
N GLU C 294 -25.86 -29.60 22.88
CA GLU C 294 -26.48 -30.88 23.20
C GLU C 294 -27.55 -31.27 22.18
N GLN C 295 -28.19 -30.29 21.54
CA GLN C 295 -29.29 -30.59 20.64
C GLN C 295 -28.83 -31.24 19.34
N TRP C 296 -27.53 -31.26 19.07
CA TRP C 296 -26.99 -31.91 17.88
C TRP C 296 -26.22 -33.19 18.21
N ARG C 297 -26.48 -33.79 19.37
CA ARG C 297 -25.67 -34.93 19.82
C ARG C 297 -25.71 -36.09 18.83
N ASP C 298 -26.90 -36.46 18.36
CA ASP C 298 -27.04 -37.57 17.43
C ASP C 298 -28.04 -37.18 16.34
N VAL C 299 -27.53 -36.53 15.30
CA VAL C 299 -28.32 -36.17 14.13
C VAL C 299 -27.45 -36.38 12.89
N SER C 300 -28.02 -36.98 11.85
CA SER C 300 -27.33 -37.10 10.57
C SER C 300 -27.51 -35.80 9.79
N GLN C 301 -26.47 -34.98 9.77
CA GLN C 301 -26.52 -33.65 9.17
C GLN C 301 -25.73 -33.65 7.87
N GLU C 302 -26.41 -33.39 6.76
CA GLU C 302 -25.79 -33.30 5.45
C GLU C 302 -26.22 -31.98 4.80
N PRO C 303 -25.34 -30.98 4.70
CA PRO C 303 -23.97 -30.92 5.24
C PRO C 303 -23.96 -30.55 6.72
N PRO C 304 -22.80 -30.61 7.37
CA PRO C 304 -22.72 -30.17 8.77
C PRO C 304 -23.13 -28.71 8.93
N VAL C 305 -23.78 -28.42 10.06
CA VAL C 305 -24.29 -27.08 10.32
C VAL C 305 -23.16 -26.15 10.74
N TRP C 306 -23.21 -24.91 10.26
CA TRP C 306 -22.20 -23.90 10.55
C TRP C 306 -22.67 -23.02 11.70
N LEU C 307 -21.81 -22.80 12.68
CA LEU C 307 -22.18 -22.11 13.91
C LEU C 307 -21.34 -20.86 14.14
N ASP C 308 -22.00 -19.83 14.66
CA ASP C 308 -21.35 -18.64 15.19
C ASP C 308 -21.59 -18.62 16.68
N ILE C 309 -20.52 -18.57 17.46
CA ILE C 309 -20.59 -18.67 18.92
C ILE C 309 -20.13 -17.35 19.53
N GLU C 310 -20.99 -16.74 20.32
CA GLU C 310 -20.68 -15.50 21.02
C GLU C 310 -20.68 -15.80 22.52
N ILE C 311 -19.49 -16.02 23.07
CA ILE C 311 -19.35 -16.35 24.48
C ILE C 311 -19.46 -15.08 25.31
N THR C 312 -20.46 -15.04 26.19
CA THR C 312 -20.64 -13.91 27.09
C THR C 312 -19.51 -13.90 28.12
N THR C 313 -18.88 -12.73 28.29
CA THR C 313 -17.67 -12.65 29.10
C THR C 313 -18.00 -12.55 30.58
N ASP C 314 -17.39 -13.44 31.36
CA ASP C 314 -17.34 -13.31 32.81
C ASP C 314 -15.90 -13.40 33.31
N GLU C 315 -14.96 -12.94 32.48
CA GLU C 315 -13.52 -12.98 32.78
C GLU C 315 -13.03 -14.42 32.99
N TYR C 316 -13.49 -15.32 32.13
CA TYR C 316 -12.91 -16.66 32.07
C TYR C 316 -11.48 -16.62 31.55
N LEU C 317 -11.26 -15.86 30.47
CA LEU C 317 -9.91 -15.57 29.95
C LEU C 317 -9.14 -16.85 29.63
N HIS C 318 -9.81 -17.85 29.07
CA HIS C 318 -9.15 -19.10 28.74
C HIS C 318 -8.90 -19.20 27.23
N ASP C 319 -8.12 -20.22 26.85
CA ASP C 319 -7.88 -20.53 25.44
C ASP C 319 -9.13 -21.22 24.89
N ILE C 320 -10.13 -20.40 24.58
CA ILE C 320 -11.46 -20.90 24.26
C ILE C 320 -11.49 -21.62 22.91
N GLN C 321 -10.54 -21.35 22.02
CA GLN C 321 -10.51 -22.06 20.75
C GLN C 321 -10.33 -23.57 20.97
N ARG C 322 -9.43 -23.94 21.87
CA ARG C 322 -9.24 -25.36 22.19
C ARG C 322 -10.48 -25.96 22.84
N LYS C 323 -11.13 -25.22 23.73
CA LYS C 323 -12.35 -25.73 24.36
C LYS C 323 -13.44 -25.97 23.34
N ILE C 324 -13.63 -25.02 22.41
CA ILE C 324 -14.64 -25.20 21.37
C ILE C 324 -14.27 -26.39 20.48
N GLN C 325 -12.99 -26.52 20.13
CA GLN C 325 -12.56 -27.64 19.29
C GLN C 325 -12.83 -28.97 19.97
N ALA C 326 -12.57 -29.05 21.28
CA ALA C 326 -12.81 -30.29 22.00
C ALA C 326 -14.31 -30.57 22.14
N LEU C 327 -15.11 -29.54 22.42
CA LEU C 327 -16.55 -29.74 22.58
C LEU C 327 -17.19 -30.18 21.27
N THR C 328 -16.77 -29.58 20.16
CA THR C 328 -17.39 -29.86 18.86
C THR C 328 -16.66 -30.92 18.06
N GLU C 329 -15.69 -31.61 18.64
CA GLU C 329 -14.94 -32.61 17.88
C GLU C 329 -15.80 -33.81 17.54
N SER C 330 -16.52 -34.37 18.53
CA SER C 330 -17.34 -35.55 18.29
C SER C 330 -18.67 -35.21 17.62
N LEU C 331 -19.06 -33.96 17.61
CA LEU C 331 -20.32 -33.52 17.04
C LEU C 331 -20.21 -33.41 15.53
N PRO C 332 -21.33 -33.54 14.81
CA PRO C 332 -21.38 -33.21 13.37
C PRO C 332 -21.47 -31.70 13.14
N VAL C 333 -20.50 -30.97 13.67
CA VAL C 333 -20.53 -29.52 13.74
C VAL C 333 -19.20 -28.95 13.26
N GLU C 334 -19.29 -27.91 12.44
CA GLU C 334 -18.12 -27.13 12.01
C GLU C 334 -18.27 -25.71 12.51
N VAL C 335 -17.26 -25.22 13.22
CA VAL C 335 -17.31 -23.90 13.85
C VAL C 335 -16.59 -22.91 12.95
N LEU C 336 -17.31 -21.88 12.50
CA LEU C 336 -16.72 -20.88 11.62
C LEU C 336 -16.13 -19.70 12.38
N LEU C 337 -16.79 -19.26 13.45
CA LEU C 337 -16.33 -18.09 14.18
C LEU C 337 -16.76 -18.19 15.64
N VAL C 338 -15.87 -17.73 16.51
CA VAL C 338 -16.17 -17.54 17.92
C VAL C 338 -15.54 -16.22 18.37
N ARG C 339 -16.29 -15.44 19.15
CA ARG C 339 -15.81 -14.15 19.62
C ARG C 339 -16.26 -13.92 21.05
N ARG C 340 -15.80 -12.81 21.63
CA ARG C 340 -16.17 -12.44 22.98
C ARG C 340 -16.06 -10.93 23.13
N SER C 341 -16.79 -10.38 24.11
CA SER C 341 -16.76 -8.94 24.39
C SER C 341 -15.90 -8.69 25.63
N ARG C 342 -14.60 -8.57 25.37
CA ARG C 342 -13.61 -8.37 26.44
C ARG C 342 -13.12 -6.94 26.55
N GLU C 343 -13.73 -5.99 25.83
CA GLU C 343 -13.19 -4.65 25.75
C GLU C 343 -13.35 -3.90 27.07
N GLN C 344 -12.25 -3.33 27.55
CA GLN C 344 -12.25 -2.56 28.79
C GLN C 344 -10.92 -1.83 28.92
N ARG C 345 -10.95 -0.65 29.50
CA ARG C 345 -9.74 0.12 29.75
C ARG C 345 -9.11 -0.28 31.08
N GLU C 346 -7.80 -0.09 31.19
CA GLU C 346 -7.05 -0.45 32.39
C GLU C 346 -6.07 0.68 32.69
N ARG C 347 -6.42 1.52 33.66
CA ARG C 347 -5.57 2.64 34.06
C ARG C 347 -5.93 3.09 35.46
N VAL C 348 -4.97 3.75 36.11
CA VAL C 348 -5.16 4.24 37.48
C VAL C 348 -5.78 5.63 37.43
N LEU C 349 -6.70 5.89 38.34
CA LEU C 349 -7.25 7.23 38.55
C LEU C 349 -6.61 7.82 39.81
N ALA C 350 -5.95 8.96 39.64
CA ALA C 350 -5.32 9.65 40.77
C ALA C 350 -6.37 10.49 41.48
N SER C 351 -6.83 10.02 42.65
CA SER C 351 -7.87 10.74 43.37
C SER C 351 -7.40 12.13 43.78
N GLN C 352 -6.16 12.24 44.26
CA GLN C 352 -5.58 13.53 44.61
C GLN C 352 -4.10 13.50 44.26
N GLN C 353 -3.55 14.69 43.98
CA GLN C 353 -2.14 14.78 43.62
C GLN C 353 -1.21 14.42 44.77
N ARG C 354 -1.71 14.37 45.99
CA ARG C 354 -0.85 14.09 47.15
C ARG C 354 -0.36 12.65 47.19
N GLU C 355 -0.98 11.75 46.43
CA GLU C 355 -0.51 10.38 46.40
C GLU C 355 0.51 10.18 45.28
N THR C 356 1.66 9.64 45.65
CA THR C 356 2.72 9.35 44.68
C THR C 356 3.08 7.88 44.79
N LEU C 357 3.64 7.34 43.72
CA LEU C 357 3.88 5.91 43.65
C LEU C 357 4.81 5.39 44.75
N SER C 358 5.63 6.26 45.34
CA SER C 358 6.48 5.84 46.45
C SER C 358 5.68 5.62 47.73
N GLU C 359 4.68 6.47 47.98
CA GLU C 359 3.90 6.35 49.20
C GLU C 359 3.03 5.09 49.19
N LEU C 360 2.32 4.84 48.09
CA LEU C 360 1.43 3.70 48.02
C LEU C 360 2.21 2.40 48.03
N SER C 361 1.72 1.42 48.78
CA SER C 361 2.37 0.12 48.85
C SER C 361 1.99 -0.72 47.63
N VAL C 362 2.77 -1.79 47.41
CA VAL C 362 2.50 -2.70 46.30
C VAL C 362 1.13 -3.33 46.47
N GLU C 363 0.79 -3.76 47.68
CA GLU C 363 -0.52 -4.33 47.93
C GLU C 363 -1.63 -3.32 47.69
N GLU C 364 -1.39 -2.05 48.06
CA GLU C 364 -2.38 -1.01 47.81
C GLU C 364 -2.60 -0.81 46.32
N VAL C 365 -1.52 -0.79 45.54
CA VAL C 365 -1.65 -0.62 44.09
C VAL C 365 -2.38 -1.82 43.48
N PHE C 366 -2.06 -3.03 43.95
CA PHE C 366 -2.74 -4.21 43.43
C PHE C 366 -4.23 -4.19 43.77
N ASN C 367 -4.57 -3.73 44.97
CA ASN C 367 -5.98 -3.61 45.34
C ASN C 367 -6.68 -2.57 44.46
N ARG C 368 -6.00 -1.47 44.16
CA ARG C 368 -6.56 -0.49 43.23
C ARG C 368 -6.78 -1.11 41.86
N ARG C 369 -5.84 -1.95 41.42
CA ARG C 369 -6.00 -2.66 40.15
C ARG C 369 -7.23 -3.55 40.17
N LEU C 370 -7.38 -4.35 41.22
CA LEU C 370 -8.48 -5.29 41.30
C LEU C 370 -9.82 -4.60 41.43
N ALA C 371 -9.86 -3.45 42.12
CA ALA C 371 -11.12 -2.74 42.31
C ALA C 371 -11.72 -2.27 40.99
N LEU C 372 -10.90 -2.08 39.96
CA LEU C 372 -11.42 -1.72 38.65
C LEU C 372 -12.09 -2.90 37.95
N GLU C 373 -11.81 -4.13 38.38
CA GLU C 373 -12.48 -5.32 37.88
C GLU C 373 -13.65 -5.65 38.81
N GLU C 374 -14.71 -6.20 38.22
CA GLU C 374 -15.94 -6.43 38.97
C GLU C 374 -16.03 -7.86 39.49
N LEU C 375 -14.87 -8.46 39.80
CA LEU C 375 -14.85 -9.80 40.36
C LEU C 375 -15.36 -9.81 41.79
N ASP C 376 -15.53 -11.00 42.34
CA ASP C 376 -16.14 -11.18 43.65
C ASP C 376 -15.16 -11.87 44.58
N GLU C 377 -15.59 -12.03 45.85
CA GLU C 377 -14.74 -12.63 46.86
C GLU C 377 -14.51 -14.12 46.63
N SER C 378 -15.28 -14.74 45.73
CA SER C 378 -15.06 -16.15 45.41
C SER C 378 -13.67 -16.38 44.81
N GLN C 379 -13.09 -15.36 44.18
CA GLN C 379 -11.73 -15.46 43.65
C GLN C 379 -10.81 -14.35 44.11
N GLN C 380 -11.32 -13.29 44.74
CA GLN C 380 -10.46 -12.20 45.18
C GLN C 380 -9.47 -12.67 46.24
N GLN C 381 -9.94 -13.47 47.19
CA GLN C 381 -9.07 -13.98 48.24
C GLN C 381 -7.94 -14.82 47.66
N ARG C 382 -8.28 -15.74 46.74
CA ARG C 382 -7.26 -16.59 46.14
C ARG C 382 -6.29 -15.79 45.29
N LEU C 383 -6.79 -14.81 44.54
CA LEU C 383 -5.89 -13.97 43.74
C LEU C 383 -4.95 -13.16 44.62
N GLN C 384 -5.46 -12.62 45.73
CA GLN C 384 -4.61 -11.88 46.65
C GLN C 384 -3.55 -12.78 47.28
N HIS C 385 -3.95 -14.02 47.63
CA HIS C 385 -2.98 -14.97 48.17
C HIS C 385 -1.89 -15.27 47.14
N LEU C 386 -2.31 -15.49 45.88
CA LEU C 386 -1.33 -15.78 44.82
C LEU C 386 -0.40 -14.60 44.61
N PHE C 387 -0.94 -13.38 44.66
CA PHE C 387 -0.11 -12.19 44.50
C PHE C 387 0.90 -12.07 45.63
N THR C 388 0.45 -12.33 46.87
CA THR C 388 1.36 -12.28 48.00
C THR C 388 2.42 -13.38 47.95
N THR C 389 2.13 -14.51 47.30
CA THR C 389 3.16 -15.53 47.13
C THR C 389 4.33 -15.00 46.30
N THR C 390 4.05 -14.16 45.30
CA THR C 390 5.14 -13.59 44.52
C THR C 390 6.04 -12.70 45.37
N LEU C 391 5.44 -11.83 46.19
CA LEU C 391 6.24 -11.00 47.08
C LEU C 391 6.98 -11.87 48.11
N HIS C 392 6.39 -13.01 48.48
CA HIS C 392 7.05 -13.92 49.40
C HIS C 392 8.30 -14.53 48.77
N THR C 393 8.21 -14.93 47.50
CA THR C 393 9.33 -15.63 46.87
C THR C 393 10.44 -14.70 46.42
N LEU C 394 10.17 -13.40 46.30
CA LEU C 394 11.27 -12.45 46.10
C LEU C 394 11.93 -12.05 47.41
N ALA C 395 11.42 -12.50 48.55
CA ALA C 395 12.05 -12.21 49.83
C ALA C 395 12.20 -13.49 50.65
N MET D 1 -14.62 -27.27 -50.40
CA MET D 1 -14.55 -27.10 -48.96
C MET D 1 -13.29 -26.35 -48.56
N ARG D 2 -13.45 -25.34 -47.69
CA ARG D 2 -12.36 -24.45 -47.32
C ARG D 2 -12.32 -24.32 -45.81
N ILE D 3 -11.11 -24.11 -45.27
CA ILE D 3 -10.90 -23.93 -43.84
C ILE D 3 -9.79 -22.92 -43.64
N LEU D 4 -10.06 -21.89 -42.84
CA LEU D 4 -9.04 -20.91 -42.45
C LEU D 4 -8.34 -21.41 -41.19
N HIS D 5 -7.02 -21.45 -41.22
CA HIS D 5 -6.22 -21.95 -40.12
C HIS D 5 -5.43 -20.81 -39.51
N THR D 6 -5.71 -20.50 -38.24
CA THR D 6 -4.99 -19.47 -37.50
C THR D 6 -4.79 -19.96 -36.07
N SER D 7 -3.83 -19.33 -35.38
CA SER D 7 -3.53 -19.71 -34.00
C SER D 7 -2.69 -18.61 -33.37
N ASP D 8 -2.44 -18.77 -32.07
CA ASP D 8 -1.65 -17.83 -31.29
C ASP D 8 -2.19 -16.41 -31.36
N TRP D 9 -3.48 -16.23 -31.09
CA TRP D 9 -4.05 -14.89 -31.07
C TRP D 9 -3.47 -14.04 -29.94
N HIS D 10 -3.28 -14.64 -28.77
CA HIS D 10 -2.79 -13.94 -27.58
C HIS D 10 -3.64 -12.70 -27.30
N LEU D 11 -4.93 -12.93 -27.11
CA LEU D 11 -5.85 -11.84 -26.78
C LEU D 11 -5.55 -11.31 -25.38
N GLY D 12 -5.70 -10.01 -25.20
CA GLY D 12 -5.47 -9.39 -23.92
C GLY D 12 -4.03 -9.26 -23.52
N GLN D 13 -3.10 -9.50 -24.44
CA GLN D 13 -1.68 -9.38 -24.12
C GLN D 13 -1.30 -7.93 -23.94
N ASN D 14 -0.74 -7.60 -22.78
CA ASN D 14 -0.24 -6.21 -22.57
C ASN D 14 1.18 -6.14 -23.15
N PHE D 15 1.34 -5.41 -24.26
CA PHE D 15 2.70 -5.23 -24.84
C PHE D 15 3.35 -4.08 -24.09
N TYR D 16 4.15 -4.39 -23.07
CA TYR D 16 4.72 -3.33 -22.20
C TYR D 16 3.56 -2.50 -21.64
N SER D 17 3.65 -1.17 -21.70
CA SER D 17 2.52 -0.31 -21.27
C SER D 17 1.33 -0.47 -22.22
N LYS D 18 1.58 -0.62 -23.53
CA LYS D 18 0.49 -0.64 -24.54
C LYS D 18 -0.41 -1.88 -24.50
N SER D 19 -1.55 -1.82 -25.20
CA SER D 19 -2.49 -2.93 -25.31
C SER D 19 -2.81 -3.17 -26.77
N ARG D 20 -3.20 -4.41 -27.09
CA ARG D 20 -3.40 -4.83 -28.47
C ARG D 20 -4.87 -4.87 -28.88
N GLU D 21 -5.73 -4.12 -28.20
CA GLU D 21 -7.17 -4.20 -28.46
C GLU D 21 -7.50 -3.76 -29.88
N ALA D 22 -6.96 -2.62 -30.30
CA ALA D 22 -7.27 -2.11 -31.64
C ALA D 22 -6.75 -3.03 -32.72
N GLU D 23 -5.52 -3.54 -32.57
CA GLU D 23 -4.97 -4.47 -33.55
C GLU D 23 -5.81 -5.73 -33.63
N HIS D 24 -6.21 -6.27 -32.48
CA HIS D 24 -7.00 -7.49 -32.47
C HIS D 24 -8.37 -7.27 -33.11
N GLN D 25 -8.99 -6.12 -32.85
CA GLN D 25 -10.30 -5.84 -33.44
C GLN D 25 -10.19 -5.69 -34.95
N ALA D 26 -9.19 -4.94 -35.42
CA ALA D 26 -8.99 -4.76 -36.85
C ALA D 26 -8.52 -6.04 -37.53
N PHE D 27 -8.02 -7.00 -36.77
CA PHE D 27 -7.75 -8.32 -37.33
C PHE D 27 -9.01 -9.17 -37.40
N LEU D 28 -9.83 -9.15 -36.34
CA LEU D 28 -10.99 -10.03 -36.28
C LEU D 28 -12.04 -9.62 -37.30
N ASP D 29 -12.29 -8.32 -37.46
CA ASP D 29 -13.26 -7.90 -38.47
C ASP D 29 -12.78 -8.25 -39.88
N TRP D 30 -11.48 -8.07 -40.14
CA TRP D 30 -10.93 -8.46 -41.44
C TRP D 30 -11.04 -9.97 -41.65
N LEU D 31 -10.80 -10.76 -40.60
CA LEU D 31 -10.93 -12.20 -40.73
C LEU D 31 -12.36 -12.61 -41.05
N LEU D 32 -13.33 -11.99 -40.40
CA LEU D 32 -14.73 -12.28 -40.72
C LEU D 32 -15.06 -11.88 -42.15
N GLU D 33 -14.56 -10.72 -42.59
CA GLU D 33 -14.81 -10.28 -43.95
C GLU D 33 -14.22 -11.24 -44.98
N THR D 34 -12.99 -11.69 -44.74
CA THR D 34 -12.36 -12.63 -45.68
C THR D 34 -13.04 -14.00 -45.64
N ALA D 35 -13.50 -14.42 -44.46
CA ALA D 35 -14.26 -15.66 -44.38
C ALA D 35 -15.53 -15.58 -45.20
N GLN D 36 -16.25 -14.46 -45.11
CA GLN D 36 -17.45 -14.28 -45.92
C GLN D 36 -17.10 -14.24 -47.41
N THR D 37 -16.01 -13.56 -47.76
CA THR D 37 -15.63 -13.44 -49.16
C THR D 37 -15.28 -14.80 -49.76
N HIS D 38 -14.52 -15.61 -49.03
CA HIS D 38 -14.11 -16.92 -49.53
C HIS D 38 -15.11 -18.02 -49.21
N GLN D 39 -16.24 -17.68 -48.59
CA GLN D 39 -17.31 -18.63 -48.24
C GLN D 39 -16.74 -19.90 -47.60
N VAL D 40 -15.84 -19.66 -46.64
CA VAL D 40 -15.14 -20.75 -45.96
C VAL D 40 -16.12 -21.57 -45.15
N ASP D 41 -15.81 -22.85 -44.96
CA ASP D 41 -16.73 -23.73 -44.25
C ASP D 41 -16.49 -23.74 -42.75
N ALA D 42 -15.24 -23.53 -42.32
CA ALA D 42 -14.93 -23.54 -40.90
C ALA D 42 -13.69 -22.69 -40.63
N ILE D 43 -13.59 -22.21 -39.39
CA ILE D 43 -12.43 -21.47 -38.92
C ILE D 43 -11.90 -22.17 -37.69
N ILE D 44 -10.60 -22.44 -37.66
CA ILE D 44 -9.98 -23.22 -36.59
C ILE D 44 -8.91 -22.36 -35.91
N VAL D 45 -8.92 -22.35 -34.58
CA VAL D 45 -7.97 -21.59 -33.78
C VAL D 45 -7.30 -22.59 -32.85
N ALA D 46 -6.05 -22.96 -33.15
CA ALA D 46 -5.36 -24.02 -32.42
C ALA D 46 -4.40 -23.43 -31.38
N GLY D 47 -4.97 -22.99 -30.27
CA GLY D 47 -4.19 -22.69 -29.08
C GLY D 47 -3.88 -21.21 -28.90
N ASP D 48 -3.56 -20.87 -27.66
CA ASP D 48 -3.18 -19.51 -27.25
C ASP D 48 -4.17 -18.47 -27.73
N VAL D 49 -5.44 -18.71 -27.43
CA VAL D 49 -6.46 -17.70 -27.69
C VAL D 49 -6.29 -16.52 -26.76
N PHE D 50 -6.02 -16.78 -25.49
CA PHE D 50 -5.81 -15.74 -24.49
C PHE D 50 -4.36 -15.72 -24.04
N ASP D 51 -3.85 -14.53 -23.75
CA ASP D 51 -2.47 -14.39 -23.33
C ASP D 51 -2.19 -15.04 -21.98
N THR D 52 -3.20 -15.12 -21.11
CA THR D 52 -2.99 -15.66 -19.77
C THR D 52 -4.26 -16.36 -19.30
N GLY D 53 -4.17 -16.96 -18.12
CA GLY D 53 -5.27 -17.72 -17.56
C GLY D 53 -6.39 -16.88 -16.97
N SER D 54 -6.16 -15.58 -16.77
CA SER D 54 -7.16 -14.65 -16.25
C SER D 54 -7.22 -13.46 -17.19
N PRO D 55 -7.88 -13.62 -18.35
CA PRO D 55 -7.86 -12.56 -19.34
C PRO D 55 -8.56 -11.32 -18.82
N PRO D 56 -8.17 -10.15 -19.29
CA PRO D 56 -8.83 -8.91 -18.87
C PRO D 56 -10.24 -8.81 -19.47
N SER D 57 -10.93 -7.75 -19.08
CA SER D 57 -12.33 -7.59 -19.49
C SER D 57 -12.45 -7.41 -21.00
N TYR D 58 -11.59 -6.58 -21.60
CA TYR D 58 -11.77 -6.23 -23.01
C TYR D 58 -11.45 -7.41 -23.92
N ALA D 59 -10.52 -8.27 -23.53
CA ALA D 59 -10.21 -9.45 -24.34
C ALA D 59 -11.42 -10.36 -24.48
N ARG D 60 -12.13 -10.58 -23.37
CA ARG D 60 -13.33 -11.42 -23.42
C ARG D 60 -14.43 -10.76 -24.24
N THR D 61 -14.55 -9.43 -24.17
CA THR D 61 -15.52 -8.74 -25.02
C THR D 61 -15.18 -8.92 -26.49
N LEU D 62 -13.91 -8.82 -26.85
CA LEU D 62 -13.50 -9.03 -28.24
C LEU D 62 -13.83 -10.44 -28.69
N TYR D 63 -13.51 -11.43 -27.84
CA TYR D 63 -13.79 -12.82 -28.19
C TYR D 63 -15.29 -13.05 -28.40
N ASN D 64 -16.11 -12.55 -27.47
CA ASN D 64 -17.55 -12.73 -27.57
C ASN D 64 -18.12 -12.00 -28.78
N ARG D 65 -17.62 -10.79 -29.05
CA ARG D 65 -18.09 -10.04 -30.22
C ARG D 65 -17.75 -10.77 -31.51
N PHE D 66 -16.55 -11.35 -31.59
CA PHE D 66 -16.18 -12.12 -32.78
C PHE D 66 -17.08 -13.33 -32.95
N VAL D 67 -17.36 -14.04 -31.84
CA VAL D 67 -18.24 -15.20 -31.94
C VAL D 67 -19.65 -14.79 -32.34
N VAL D 68 -20.13 -13.65 -31.83
CA VAL D 68 -21.46 -13.17 -32.19
C VAL D 68 -21.52 -12.82 -33.68
N ASN D 69 -20.51 -12.09 -34.17
CA ASN D 69 -20.46 -11.74 -35.58
C ASN D 69 -20.28 -12.95 -36.47
N LEU D 70 -19.75 -14.05 -35.92
CA LEU D 70 -19.64 -15.29 -36.70
C LEU D 70 -21.01 -15.79 -37.14
N GLN D 71 -22.05 -15.62 -36.31
CA GLN D 71 -23.37 -16.15 -36.63
C GLN D 71 -23.91 -15.53 -37.91
N GLN D 72 -23.67 -14.24 -38.11
CA GLN D 72 -24.10 -13.58 -39.36
C GLN D 72 -23.39 -14.17 -40.58
N THR D 73 -22.22 -14.78 -40.39
CA THR D 73 -21.48 -15.35 -41.51
C THR D 73 -21.93 -16.77 -41.82
N GLY D 74 -22.13 -17.59 -40.80
CA GLY D 74 -22.59 -18.95 -40.98
C GLY D 74 -21.53 -20.02 -40.91
N CYS D 75 -20.27 -19.66 -40.63
CA CYS D 75 -19.20 -20.63 -40.58
C CYS D 75 -19.13 -21.31 -39.22
N HIS D 76 -18.83 -22.60 -39.23
CA HIS D 76 -18.50 -23.29 -38.00
C HIS D 76 -17.14 -22.84 -37.50
N LEU D 77 -16.89 -23.05 -36.21
CA LEU D 77 -15.65 -22.59 -35.60
C LEU D 77 -15.21 -23.55 -34.51
N VAL D 78 -13.90 -23.63 -34.30
CA VAL D 78 -13.30 -24.52 -33.31
C VAL D 78 -12.29 -23.70 -32.51
N VAL D 79 -12.27 -23.92 -31.19
CA VAL D 79 -11.31 -23.28 -30.29
C VAL D 79 -10.53 -24.36 -29.56
N LEU D 80 -9.22 -24.17 -29.45
CA LEU D 80 -8.36 -25.08 -28.72
C LEU D 80 -7.58 -24.31 -27.66
N ALA D 81 -7.29 -24.99 -26.56
CA ALA D 81 -6.52 -24.38 -25.48
C ALA D 81 -5.03 -24.56 -25.72
N GLY D 82 -4.29 -23.47 -25.66
CA GLY D 82 -2.85 -23.50 -25.84
C GLY D 82 -2.11 -23.65 -24.52
N ASN D 83 -0.79 -23.44 -24.60
CA ASN D 83 0.03 -23.52 -23.40
C ASN D 83 -0.27 -22.40 -22.42
N GLN D 84 -0.61 -21.21 -22.91
CA GLN D 84 -0.96 -20.09 -22.04
C GLN D 84 -2.44 -20.07 -21.69
N ASP D 85 -3.30 -20.60 -22.56
CA ASP D 85 -4.71 -20.72 -22.22
C ASP D 85 -4.89 -21.70 -21.07
N SER D 86 -5.98 -21.51 -20.33
CA SER D 86 -6.24 -22.30 -19.13
C SER D 86 -7.62 -22.93 -19.21
N VAL D 87 -7.73 -24.16 -18.74
CA VAL D 87 -9.04 -24.78 -18.57
C VAL D 87 -9.79 -24.00 -17.48
N ALA D 88 -11.12 -24.10 -17.51
CA ALA D 88 -12.03 -23.34 -16.65
C ALA D 88 -12.02 -21.85 -16.98
N THR D 89 -11.40 -21.49 -18.10
CA THR D 89 -11.51 -20.17 -18.70
C THR D 89 -12.02 -20.26 -20.13
N LEU D 90 -11.59 -21.27 -20.88
CA LEU D 90 -12.21 -21.58 -22.17
C LEU D 90 -13.29 -22.63 -22.01
N ASN D 91 -13.08 -23.58 -21.09
CA ASN D 91 -14.02 -24.68 -20.88
C ASN D 91 -15.23 -24.27 -20.06
N GLU D 92 -15.20 -23.11 -19.40
CA GLU D 92 -16.33 -22.69 -18.59
C GLU D 92 -17.52 -22.26 -19.43
N SER D 93 -17.29 -21.65 -20.59
CA SER D 93 -18.35 -21.20 -21.47
C SER D 93 -18.65 -22.18 -22.60
N ARG D 94 -18.11 -23.40 -22.52
CA ARG D 94 -18.24 -24.36 -23.62
C ARG D 94 -19.70 -24.63 -23.96
N ASP D 95 -20.55 -24.82 -22.94
CA ASP D 95 -21.94 -25.17 -23.17
C ASP D 95 -22.69 -24.07 -23.91
N ILE D 96 -22.46 -22.80 -23.57
CA ILE D 96 -23.09 -21.70 -24.30
C ILE D 96 -22.58 -21.65 -25.73
N MET D 97 -21.28 -21.94 -25.91
CA MET D 97 -20.67 -21.82 -27.22
C MET D 97 -21.24 -22.84 -28.20
N ALA D 98 -21.76 -23.96 -27.69
CA ALA D 98 -22.33 -24.98 -28.56
C ALA D 98 -23.53 -24.48 -29.34
N PHE D 99 -24.37 -23.65 -28.71
CA PHE D 99 -25.56 -23.12 -29.38
C PHE D 99 -25.22 -22.17 -30.52
N LEU D 100 -23.97 -21.70 -30.60
CA LEU D 100 -23.57 -20.70 -31.58
C LEU D 100 -22.67 -21.29 -32.67
N ASN D 101 -22.87 -22.57 -33.00
CA ASN D 101 -22.08 -23.26 -34.03
C ASN D 101 -20.59 -23.26 -33.72
N THR D 102 -20.23 -23.29 -32.44
CA THR D 102 -18.83 -23.27 -32.02
C THR D 102 -18.56 -24.40 -31.04
N THR D 103 -17.49 -25.13 -31.26
CA THR D 103 -17.05 -26.17 -30.35
C THR D 103 -15.71 -25.77 -29.72
N VAL D 104 -15.64 -25.91 -28.40
CA VAL D 104 -14.46 -25.54 -27.63
C VAL D 104 -13.93 -26.78 -26.93
N VAL D 105 -12.65 -27.09 -27.16
CA VAL D 105 -12.00 -28.24 -26.55
C VAL D 105 -10.77 -27.76 -25.81
N ALA D 106 -10.67 -28.13 -24.53
CA ALA D 106 -9.53 -27.76 -23.72
C ALA D 106 -8.91 -29.00 -23.07
N SER D 107 -9.76 -29.96 -22.70
CA SER D 107 -9.29 -31.19 -22.10
C SER D 107 -9.11 -32.27 -23.16
N ALA D 108 -8.10 -33.10 -22.96
CA ALA D 108 -7.82 -34.17 -23.91
C ALA D 108 -8.87 -35.28 -23.82
N GLY D 109 -8.78 -36.22 -24.75
CA GLY D 109 -9.69 -37.34 -24.78
C GLY D 109 -11.01 -37.08 -25.45
N HIS D 110 -11.20 -35.91 -26.04
CA HIS D 110 -12.45 -35.61 -26.73
C HIS D 110 -12.56 -36.45 -28.00
N ALA D 111 -13.74 -37.05 -28.21
CA ALA D 111 -13.96 -37.88 -29.37
C ALA D 111 -13.95 -37.03 -30.64
N PRO D 112 -13.49 -37.59 -31.76
CA PRO D 112 -13.48 -36.84 -33.01
C PRO D 112 -14.89 -36.43 -33.43
N GLN D 113 -14.98 -35.26 -34.05
CA GLN D 113 -16.25 -34.68 -34.47
C GLN D 113 -16.31 -34.58 -35.98
N ILE D 114 -17.52 -34.67 -36.52
CA ILE D 114 -17.74 -34.47 -37.94
C ILE D 114 -18.04 -33.00 -38.19
N LEU D 115 -17.22 -32.37 -39.04
CA LEU D 115 -17.36 -30.95 -39.31
C LEU D 115 -18.27 -30.74 -40.50
N PRO D 116 -19.43 -30.13 -40.32
CA PRO D 116 -20.40 -29.98 -41.41
C PRO D 116 -20.03 -28.86 -42.38
N ARG D 117 -20.48 -29.02 -43.61
CA ARG D 117 -20.32 -28.00 -44.63
C ARG D 117 -21.36 -26.90 -44.42
N ARG D 118 -21.33 -25.91 -45.34
CA ARG D 118 -22.32 -24.84 -45.26
C ARG D 118 -23.71 -25.33 -45.61
N ASP D 119 -23.82 -26.42 -46.38
CA ASP D 119 -25.11 -26.98 -46.73
C ASP D 119 -25.62 -27.99 -45.71
N GLY D 120 -24.83 -28.32 -44.69
CA GLY D 120 -25.23 -29.28 -43.69
C GLY D 120 -24.67 -30.68 -43.90
N THR D 121 -24.13 -30.98 -45.07
CA THR D 121 -23.53 -32.29 -45.31
C THR D 121 -22.18 -32.38 -44.60
N PRO D 122 -21.77 -33.59 -44.21
CA PRO D 122 -20.47 -33.76 -43.56
C PRO D 122 -19.34 -33.31 -44.47
N GLY D 123 -18.33 -32.68 -43.87
CA GLY D 123 -17.21 -32.17 -44.63
C GLY D 123 -15.87 -32.79 -44.33
N ALA D 124 -15.65 -33.17 -43.07
CA ALA D 124 -14.37 -33.73 -42.65
C ALA D 124 -14.50 -34.26 -41.24
N VAL D 125 -13.40 -34.83 -40.75
CA VAL D 125 -13.27 -35.24 -39.35
C VAL D 125 -12.24 -34.33 -38.70
N LEU D 126 -12.59 -33.78 -37.54
CA LEU D 126 -11.80 -32.71 -36.94
C LEU D 126 -10.62 -33.18 -36.11
N CYS D 127 -10.77 -34.29 -35.36
CA CYS D 127 -9.77 -34.78 -34.41
C CYS D 127 -9.33 -33.65 -33.47
N PRO D 128 -10.23 -33.11 -32.65
CA PRO D 128 -9.85 -32.01 -31.77
C PRO D 128 -8.88 -32.46 -30.69
N ILE D 129 -7.62 -32.02 -30.79
CA ILE D 129 -6.59 -32.37 -29.83
C ILE D 129 -5.92 -31.08 -29.36
N PRO D 130 -6.19 -30.61 -28.15
CA PRO D 130 -5.56 -29.36 -27.69
C PRO D 130 -4.15 -29.58 -27.16
N PHE D 131 -3.56 -28.55 -26.58
CA PHE D 131 -2.26 -28.68 -25.95
C PHE D 131 -2.32 -29.74 -24.85
N LEU D 132 -1.63 -30.86 -25.06
CA LEU D 132 -1.76 -32.01 -24.18
C LEU D 132 -0.90 -31.82 -22.93
N ARG D 133 -1.56 -31.64 -21.80
CA ARG D 133 -0.82 -31.56 -20.55
C ARG D 133 -0.20 -32.92 -20.24
N PRO D 134 1.05 -32.96 -19.77
CA PRO D 134 1.65 -34.26 -19.40
C PRO D 134 0.87 -34.98 -18.33
N ARG D 135 0.28 -34.24 -17.39
CA ARG D 135 -0.54 -34.85 -16.35
C ARG D 135 -1.79 -35.50 -16.93
N ASP D 136 -2.29 -35.01 -18.07
CA ASP D 136 -3.49 -35.57 -18.69
C ASP D 136 -3.21 -36.86 -19.45
N ILE D 137 -1.96 -37.22 -19.65
CA ILE D 137 -1.61 -38.45 -20.36
C ILE D 137 -0.57 -39.24 -19.57
N LEU D 153 7.25 -39.96 -22.69
CA LEU D 153 6.24 -38.96 -23.06
C LEU D 153 6.17 -38.77 -24.57
N LEU D 154 7.33 -38.89 -25.23
CA LEU D 154 7.36 -38.75 -26.68
C LEU D 154 6.52 -39.83 -27.34
N ALA D 155 6.63 -41.08 -26.86
CA ALA D 155 5.77 -42.14 -27.37
C ALA D 155 4.33 -41.91 -26.96
N ALA D 156 4.11 -41.39 -25.75
CA ALA D 156 2.76 -41.16 -25.27
C ALA D 156 2.02 -40.15 -26.15
N ILE D 157 2.73 -39.12 -26.62
CA ILE D 157 2.12 -38.20 -27.59
C ILE D 157 1.86 -38.92 -28.90
N THR D 158 2.80 -39.75 -29.34
CA THR D 158 2.67 -40.41 -30.63
C THR D 158 1.53 -41.43 -30.64
N ASP D 159 1.48 -42.30 -29.62
CA ASP D 159 0.42 -43.31 -29.61
C ASP D 159 -0.95 -42.70 -29.35
N TYR D 160 -1.02 -41.62 -28.57
CA TYR D 160 -2.27 -40.90 -28.42
C TYR D 160 -2.74 -40.36 -29.76
N TYR D 161 -1.82 -39.77 -30.53
CA TYR D 161 -2.18 -39.27 -31.86
C TYR D 161 -2.60 -40.41 -32.77
N GLN D 162 -1.87 -41.53 -32.73
CA GLN D 162 -2.23 -42.68 -33.56
C GLN D 162 -3.57 -43.27 -33.13
N GLN D 163 -3.77 -43.44 -31.82
CA GLN D 163 -5.03 -43.98 -31.33
C GLN D 163 -6.19 -43.05 -31.65
N HIS D 164 -6.00 -41.74 -31.46
CA HIS D 164 -7.05 -40.79 -31.76
C HIS D 164 -7.36 -40.77 -33.26
N TYR D 165 -6.33 -40.83 -34.10
CA TYR D 165 -6.55 -40.91 -35.54
C TYR D 165 -7.23 -42.22 -35.91
N ALA D 166 -6.84 -43.32 -35.27
CA ALA D 166 -7.48 -44.61 -35.54
C ALA D 166 -8.96 -44.58 -35.20
N ASP D 167 -9.30 -43.94 -34.07
CA ASP D 167 -10.71 -43.81 -33.72
C ASP D 167 -11.47 -42.99 -34.76
N ALA D 168 -10.85 -41.91 -35.23
CA ALA D 168 -11.47 -41.11 -36.29
C ALA D 168 -11.59 -41.91 -37.58
N CYS D 169 -10.57 -42.72 -37.89
CA CYS D 169 -10.62 -43.56 -39.09
C CYS D 169 -11.78 -44.55 -39.02
N LYS D 170 -12.01 -45.13 -37.84
CA LYS D 170 -13.16 -46.00 -37.66
C LYS D 170 -14.46 -45.23 -37.84
N LEU D 171 -14.52 -43.99 -37.33
CA LEU D 171 -15.72 -43.18 -37.46
C LEU D 171 -15.99 -42.84 -38.92
N ARG D 172 -14.95 -42.49 -39.68
CA ARG D 172 -15.14 -42.11 -41.07
C ARG D 172 -15.55 -43.30 -41.93
N GLY D 173 -15.05 -44.49 -41.61
CA GLY D 173 -15.37 -45.65 -42.42
C GLY D 173 -14.83 -45.51 -43.82
N ASP D 174 -15.70 -45.74 -44.81
CA ASP D 174 -15.33 -45.65 -46.22
C ASP D 174 -15.82 -44.36 -46.87
N GLN D 175 -16.29 -43.40 -46.08
CA GLN D 175 -16.79 -42.16 -46.65
C GLN D 175 -15.63 -41.35 -47.24
N PRO D 176 -15.83 -40.68 -48.37
CA PRO D 176 -14.76 -39.87 -48.99
C PRO D 176 -14.66 -38.48 -48.38
N LEU D 177 -14.07 -38.41 -47.19
CA LEU D 177 -13.88 -37.15 -46.50
C LEU D 177 -12.44 -37.00 -46.01
N PRO D 178 -11.91 -35.79 -46.02
CA PRO D 178 -10.57 -35.59 -45.45
C PRO D 178 -10.58 -35.71 -43.94
N ILE D 179 -9.43 -36.08 -43.39
CA ILE D 179 -9.23 -36.17 -41.94
C ILE D 179 -8.21 -35.11 -41.55
N ILE D 180 -8.59 -34.26 -40.60
CA ILE D 180 -7.74 -33.19 -40.13
C ILE D 180 -7.37 -33.46 -38.68
N ALA D 181 -6.17 -33.03 -38.28
CA ALA D 181 -5.69 -33.20 -36.93
C ALA D 181 -5.17 -31.88 -36.41
N THR D 182 -5.12 -31.75 -35.09
CA THR D 182 -4.75 -30.52 -34.43
C THR D 182 -3.66 -30.79 -33.40
N GLY D 183 -2.99 -29.73 -32.97
CA GLY D 183 -1.96 -29.86 -31.97
C GLY D 183 -1.34 -28.53 -31.64
N HIS D 184 -0.85 -28.43 -30.40
CA HIS D 184 -0.16 -27.23 -29.90
C HIS D 184 1.14 -27.71 -29.26
N LEU D 185 2.18 -27.84 -30.08
CA LEU D 185 3.45 -28.39 -29.61
C LEU D 185 4.58 -27.92 -30.51
N THR D 186 5.80 -28.01 -29.98
CA THR D 186 6.99 -27.65 -30.73
C THR D 186 7.48 -28.86 -31.51
N THR D 187 8.11 -28.60 -32.67
CA THR D 187 8.57 -29.65 -33.56
C THR D 187 9.99 -29.36 -34.02
N VAL D 188 10.70 -30.42 -34.39
CA VAL D 188 12.07 -30.27 -34.87
C VAL D 188 12.08 -29.41 -36.13
N GLY D 189 13.15 -28.64 -36.29
CA GLY D 189 13.29 -27.77 -37.44
C GLY D 189 12.54 -26.46 -37.35
N ALA D 190 11.88 -26.18 -36.23
CA ALA D 190 11.14 -24.93 -36.08
C ALA D 190 12.06 -23.82 -35.60
N SER D 191 11.66 -22.58 -35.87
CA SER D 191 12.38 -21.40 -35.42
C SER D 191 11.52 -20.67 -34.40
N LYS D 192 12.09 -20.43 -33.22
CA LYS D 192 11.37 -19.85 -32.10
C LYS D 192 11.61 -18.36 -32.01
N SER D 193 10.97 -17.73 -31.03
CA SER D 193 11.10 -16.30 -30.79
C SER D 193 11.15 -16.06 -29.28
N ASP D 194 11.37 -14.79 -28.92
CA ASP D 194 11.46 -14.44 -27.51
C ASP D 194 10.12 -14.58 -26.81
N ALA D 195 9.01 -14.24 -27.49
CA ALA D 195 7.69 -14.30 -26.88
C ALA D 195 7.15 -15.71 -26.76
N VAL D 196 7.79 -16.70 -27.40
CA VAL D 196 7.33 -18.08 -27.35
C VAL D 196 7.71 -18.70 -26.02
N ARG D 197 6.72 -18.94 -25.16
CA ARG D 197 6.99 -19.59 -23.88
C ARG D 197 7.23 -21.08 -24.10
N ASP D 198 8.30 -21.59 -23.50
CA ASP D 198 8.67 -22.98 -23.68
C ASP D 198 7.75 -23.90 -22.89
N ILE D 199 7.65 -25.16 -23.35
CA ILE D 199 6.80 -26.16 -22.73
C ILE D 199 7.59 -27.45 -22.56
N TYR D 200 7.16 -28.26 -21.59
CA TYR D 200 7.88 -29.49 -21.22
C TYR D 200 9.35 -29.21 -20.94
N ILE D 201 9.62 -28.31 -20.01
CA ILE D 201 10.98 -27.87 -19.75
C ILE D 201 11.87 -29.01 -19.29
N GLY D 202 11.34 -29.93 -18.49
CA GLY D 202 12.12 -31.01 -17.93
C GLY D 202 11.87 -32.39 -18.48
N THR D 203 10.99 -32.56 -19.46
CA THR D 203 10.70 -33.90 -19.93
C THR D 203 10.94 -34.10 -21.42
N LEU D 204 10.56 -33.15 -22.26
CA LEU D 204 10.67 -33.30 -23.70
C LEU D 204 11.33 -32.06 -24.29
N ASP D 205 12.15 -32.28 -25.32
CA ASP D 205 12.86 -31.20 -26.00
C ASP D 205 12.19 -30.79 -27.30
N ALA D 206 11.81 -31.76 -28.14
CA ALA D 206 11.13 -31.46 -29.39
C ALA D 206 10.43 -32.72 -29.89
N PHE D 207 9.29 -32.52 -30.54
CA PHE D 207 8.56 -33.63 -31.13
C PHE D 207 9.03 -33.88 -32.55
N PRO D 208 9.31 -35.14 -32.91
CA PRO D 208 9.71 -35.46 -34.29
C PRO D 208 8.53 -35.36 -35.24
N ALA D 209 8.73 -34.67 -36.36
CA ALA D 209 7.63 -34.43 -37.29
C ALA D 209 7.16 -35.70 -37.99
N GLN D 210 7.96 -36.77 -37.97
CA GLN D 210 7.58 -37.98 -38.70
C GLN D 210 6.60 -38.85 -37.92
N ASN D 211 6.33 -38.53 -36.66
CA ASN D 211 5.45 -39.34 -35.83
C ASN D 211 3.99 -38.90 -35.90
N PHE D 212 3.66 -37.91 -36.71
CA PHE D 212 2.26 -37.53 -36.87
C PHE D 212 1.53 -38.60 -37.66
N PRO D 213 0.31 -38.94 -37.27
CA PRO D 213 -0.46 -39.94 -38.01
C PRO D 213 -0.81 -39.44 -39.40
N PRO D 214 -1.02 -40.33 -40.36
CA PRO D 214 -1.22 -39.89 -41.75
C PRO D 214 -2.55 -39.19 -41.98
N ALA D 215 -2.79 -38.11 -41.26
CA ALA D 215 -3.97 -37.30 -41.49
C ALA D 215 -3.79 -36.46 -42.75
N ASP D 216 -4.91 -36.13 -43.39
CA ASP D 216 -4.86 -35.38 -44.64
C ASP D 216 -4.35 -33.96 -44.46
N TYR D 217 -4.43 -33.41 -43.25
CA TYR D 217 -3.89 -32.08 -42.96
C TYR D 217 -3.68 -31.95 -41.46
N ILE D 218 -2.68 -31.16 -41.08
CA ILE D 218 -2.35 -30.91 -39.68
C ILE D 218 -2.36 -29.41 -39.46
N ALA D 219 -3.03 -28.97 -38.40
CA ALA D 219 -3.03 -27.57 -37.99
C ALA D 219 -2.34 -27.46 -36.63
N LEU D 220 -1.32 -26.61 -36.55
CA LEU D 220 -0.51 -26.48 -35.35
C LEU D 220 -0.34 -25.02 -34.97
N GLY D 221 0.00 -24.77 -33.70
CA GLY D 221 0.25 -23.39 -33.22
C GLY D 221 1.54 -23.32 -32.43
N HIS D 222 1.56 -22.58 -31.32
CA HIS D 222 2.76 -22.46 -30.44
C HIS D 222 3.85 -21.58 -31.08
N ILE D 223 4.35 -21.97 -32.26
CA ILE D 223 5.37 -21.15 -32.98
C ILE D 223 4.68 -19.93 -33.60
N HIS D 224 5.28 -18.74 -33.47
CA HIS D 224 4.64 -17.50 -33.98
C HIS D 224 5.06 -17.23 -35.43
N ARG D 225 5.92 -18.09 -36.00
CA ARG D 225 6.40 -17.86 -37.36
C ARG D 225 5.87 -18.95 -38.28
N ALA D 226 5.31 -18.54 -39.41
CA ALA D 226 4.78 -19.51 -40.37
C ALA D 226 5.90 -20.37 -40.93
N GLN D 227 5.75 -21.69 -40.80
CA GLN D 227 6.80 -22.60 -41.19
C GLN D 227 6.21 -23.89 -41.74
N ILE D 228 6.79 -24.39 -42.81
CA ILE D 228 6.48 -25.74 -43.29
C ILE D 228 7.48 -26.70 -42.66
N ILE D 229 6.97 -27.63 -41.86
CA ILE D 229 7.81 -28.45 -41.00
C ILE D 229 7.84 -29.88 -41.53
N GLY D 230 9.02 -30.49 -41.49
CA GLY D 230 9.22 -31.85 -41.95
C GLY D 230 9.38 -32.01 -43.44
N GLY D 231 9.13 -30.96 -44.22
CA GLY D 231 9.22 -31.03 -45.66
C GLY D 231 7.95 -31.43 -46.38
N MET D 232 6.91 -31.86 -45.66
CA MET D 232 5.66 -32.22 -46.29
C MET D 232 4.65 -31.07 -46.17
N GLU D 233 3.76 -30.97 -47.15
CA GLU D 233 2.83 -29.85 -47.22
C GLU D 233 1.71 -29.97 -46.19
N HIS D 234 1.28 -31.18 -45.89
CA HIS D 234 0.10 -31.38 -45.05
C HIS D 234 0.36 -31.14 -43.57
N VAL D 235 1.53 -30.62 -43.20
CA VAL D 235 1.79 -30.18 -41.82
C VAL D 235 2.31 -28.75 -41.90
N ARG D 236 1.73 -27.87 -41.08
CA ARG D 236 2.01 -26.44 -41.19
C ARG D 236 2.01 -25.78 -39.82
N TYR D 237 2.77 -24.70 -39.71
CA TYR D 237 2.58 -23.72 -38.64
C TYR D 237 1.97 -22.46 -39.25
N CYS D 238 0.86 -22.01 -38.69
CA CYS D 238 0.20 -20.81 -39.19
C CYS D 238 0.67 -19.55 -38.47
N GLY D 239 1.11 -19.66 -37.22
CA GLY D 239 1.68 -18.53 -36.53
C GLY D 239 0.63 -17.52 -36.07
N SER D 240 1.10 -16.57 -35.29
CA SER D 240 0.22 -15.52 -34.80
C SER D 240 -0.19 -14.61 -35.96
N PRO D 241 -1.34 -13.94 -35.86
CA PRO D 241 -1.75 -13.01 -36.93
C PRO D 241 -1.21 -11.61 -36.76
N ILE D 242 -0.69 -11.27 -35.59
CA ILE D 242 -0.10 -9.95 -35.34
C ILE D 242 1.25 -10.14 -34.65
N PRO D 243 2.17 -9.18 -34.83
CA PRO D 243 3.49 -9.32 -34.21
C PRO D 243 3.40 -9.24 -32.70
N LEU D 244 3.80 -10.33 -32.03
CA LEU D 244 3.78 -10.40 -30.58
C LEU D 244 5.15 -10.19 -29.95
N SER D 245 6.14 -9.78 -30.73
CA SER D 245 7.47 -9.50 -30.21
C SER D 245 8.16 -8.54 -31.16
N PHE D 246 9.22 -7.90 -30.67
CA PHE D 246 9.94 -6.94 -31.49
C PHE D 246 10.92 -7.61 -32.46
N ASP D 247 11.18 -8.90 -32.30
CA ASP D 247 12.08 -9.60 -33.20
C ASP D 247 11.40 -10.11 -34.45
N GLU D 248 10.08 -9.89 -34.60
CA GLU D 248 9.37 -10.34 -35.79
C GLU D 248 8.49 -9.23 -36.38
N CYS D 249 8.89 -7.97 -36.23
CA CYS D 249 8.05 -6.87 -36.71
C CYS D 249 7.97 -6.83 -38.23
N GLY D 250 9.11 -7.00 -38.90
CA GLY D 250 9.15 -6.82 -40.34
C GLY D 250 8.57 -7.97 -41.14
N LYS D 251 8.36 -9.12 -40.53
CA LYS D 251 7.82 -10.27 -41.24
C LYS D 251 6.30 -10.19 -41.30
N SER D 252 5.75 -10.32 -42.50
CA SER D 252 4.30 -10.32 -42.66
C SER D 252 3.70 -11.58 -42.06
N LYS D 253 2.48 -11.46 -41.55
CA LYS D 253 1.80 -12.55 -40.87
C LYS D 253 0.81 -13.21 -41.82
N TYR D 254 0.61 -14.51 -41.67
CA TYR D 254 -0.15 -15.31 -42.61
C TYR D 254 -1.30 -16.05 -41.92
N VAL D 255 -2.36 -16.27 -42.69
CA VAL D 255 -3.43 -17.19 -42.32
C VAL D 255 -3.68 -18.11 -43.52
N HIS D 256 -3.76 -19.40 -43.26
CA HIS D 256 -3.76 -20.42 -44.31
C HIS D 256 -5.19 -20.81 -44.64
N LEU D 257 -5.54 -20.77 -45.93
CA LEU D 257 -6.88 -21.17 -46.39
C LEU D 257 -6.75 -22.49 -47.14
N VAL D 258 -6.85 -23.58 -46.38
CA VAL D 258 -6.70 -24.91 -46.95
C VAL D 258 -7.97 -25.30 -47.68
N THR D 259 -7.83 -26.15 -48.70
CA THR D 259 -8.94 -26.60 -49.52
C THR D 259 -8.86 -28.12 -49.66
N PHE D 260 -10.02 -28.77 -49.71
CA PHE D 260 -10.09 -30.22 -49.84
C PHE D 260 -11.09 -30.59 -50.92
N SER D 261 -10.86 -31.75 -51.53
CA SER D 261 -11.74 -32.25 -52.58
C SER D 261 -11.49 -33.74 -52.75
N ASN D 262 -12.58 -34.50 -52.83
CA ASN D 262 -12.53 -35.95 -53.03
C ASN D 262 -11.66 -36.62 -51.96
N GLY D 263 -11.82 -36.15 -50.72
CA GLY D 263 -11.12 -36.75 -49.61
C GLY D 263 -9.62 -36.57 -49.60
N LYS D 264 -9.10 -35.58 -50.33
CA LYS D 264 -7.67 -35.33 -50.37
C LYS D 264 -7.43 -33.83 -50.44
N LEU D 265 -6.23 -33.43 -50.04
CA LEU D 265 -5.86 -32.02 -50.02
C LEU D 265 -5.78 -31.49 -51.44
N GLU D 266 -6.31 -30.28 -51.66
CA GLU D 266 -6.28 -29.66 -52.98
C GLU D 266 -5.17 -28.62 -53.10
N SER D 267 -5.17 -27.61 -52.25
CA SER D 267 -4.14 -26.59 -52.26
C SER D 267 -4.20 -25.82 -50.95
N VAL D 268 -3.10 -25.12 -50.65
CA VAL D 268 -3.01 -24.27 -49.46
C VAL D 268 -2.55 -22.89 -49.91
N GLU D 269 -3.22 -21.85 -49.40
CA GLU D 269 -2.97 -20.49 -49.82
C GLU D 269 -2.68 -19.63 -48.59
N ASN D 270 -1.80 -18.65 -48.76
CA ASN D 270 -1.44 -17.72 -47.70
C ASN D 270 -2.10 -16.38 -47.94
N LEU D 271 -2.73 -15.83 -46.91
CA LEU D 271 -3.36 -14.51 -46.96
C LEU D 271 -2.60 -13.56 -46.05
N ASN D 272 -2.25 -12.40 -46.58
CA ASN D 272 -1.52 -11.40 -45.80
C ASN D 272 -2.47 -10.60 -44.93
N VAL D 273 -2.21 -10.59 -43.63
CA VAL D 273 -2.97 -9.75 -42.70
C VAL D 273 -2.48 -8.32 -42.83
N PRO D 274 -3.36 -7.37 -43.18
CA PRO D 274 -2.91 -5.98 -43.31
C PRO D 274 -2.46 -5.42 -41.98
N VAL D 275 -1.23 -4.92 -41.94
CA VAL D 275 -0.67 -4.36 -40.71
C VAL D 275 -1.29 -3.01 -40.44
N THR D 276 -1.75 -2.80 -39.20
CA THR D 276 -2.35 -1.53 -38.80
C THR D 276 -1.52 -0.76 -37.79
N GLN D 277 -0.62 -1.43 -37.08
CA GLN D 277 0.21 -0.80 -36.06
C GLN D 277 1.68 -0.89 -36.47
N PRO D 278 2.27 0.16 -37.03
CA PRO D 278 3.68 0.10 -37.40
C PRO D 278 4.58 -0.07 -36.19
N MET D 279 5.57 -0.95 -36.33
CA MET D 279 6.60 -1.13 -35.31
C MET D 279 7.96 -1.22 -35.99
N ALA D 280 8.95 -0.55 -35.41
CA ALA D 280 10.28 -0.50 -35.99
C ALA D 280 11.32 -0.69 -34.89
N VAL D 281 12.49 -1.16 -35.29
CA VAL D 281 13.61 -1.40 -34.38
C VAL D 281 14.78 -0.56 -34.85
N LEU D 282 15.40 0.17 -33.92
CA LEU D 282 16.55 1.00 -34.22
C LEU D 282 17.82 0.35 -33.68
N LYS D 283 18.96 0.78 -34.20
CA LYS D 283 20.23 0.15 -33.90
C LYS D 283 21.34 1.18 -33.95
N GLY D 284 22.47 0.82 -33.35
CA GLY D 284 23.68 1.62 -33.46
C GLY D 284 23.86 2.63 -32.34
N ASP D 285 24.84 3.50 -32.56
CA ASP D 285 25.20 4.52 -31.59
C ASP D 285 24.11 5.61 -31.58
N LEU D 286 24.26 6.55 -30.63
CA LEU D 286 23.33 7.66 -30.54
C LEU D 286 23.37 8.52 -31.80
N ALA D 287 24.56 8.68 -32.40
CA ALA D 287 24.67 9.40 -33.65
C ALA D 287 23.89 8.71 -34.77
N SER D 288 23.96 7.39 -34.83
CA SER D 288 23.21 6.64 -35.83
C SER D 288 21.71 6.74 -35.58
N ILE D 289 21.30 6.71 -34.31
CA ILE D 289 19.88 6.78 -33.99
C ILE D 289 19.31 8.16 -34.30
N THR D 290 20.11 9.22 -34.09
CA THR D 290 19.66 10.55 -34.43
C THR D 290 19.36 10.71 -35.90
N ALA D 291 19.95 9.87 -36.75
CA ALA D 291 19.65 9.87 -38.18
C ALA D 291 18.52 8.90 -38.52
N GLN D 292 18.50 7.74 -37.85
CA GLN D 292 17.44 6.76 -38.10
C GLN D 292 16.07 7.29 -37.68
N LEU D 293 16.03 8.17 -36.68
CA LEU D 293 14.76 8.74 -36.25
C LEU D 293 14.16 9.68 -37.29
N GLU D 294 14.97 10.15 -38.25
CA GLU D 294 14.47 11.06 -39.27
C GLU D 294 13.59 10.37 -40.31
N GLN D 295 13.41 9.05 -40.21
CA GLN D 295 12.48 8.34 -41.08
C GLN D 295 11.04 8.80 -40.86
N TRP D 296 10.74 9.33 -39.67
CA TRP D 296 9.39 9.76 -39.33
C TRP D 296 9.26 11.25 -39.11
N ARG D 297 10.22 12.05 -39.56
CA ARG D 297 10.14 13.50 -39.42
C ARG D 297 9.05 14.08 -40.31
N ASP D 298 8.02 14.66 -39.70
CA ASP D 298 6.94 15.33 -40.41
C ASP D 298 6.22 14.39 -41.39
N VAL D 299 6.19 13.10 -41.05
CA VAL D 299 5.44 12.13 -41.85
C VAL D 299 3.98 12.03 -41.44
N SER D 300 3.68 12.30 -40.16
CA SER D 300 2.32 12.33 -39.65
C SER D 300 1.62 10.97 -39.78
N GLN D 301 2.24 9.96 -39.19
CA GLN D 301 1.60 8.65 -39.07
C GLN D 301 0.50 8.74 -38.03
N GLU D 302 -0.75 8.54 -38.46
CA GLU D 302 -1.86 8.68 -37.52
C GLU D 302 -1.88 7.58 -36.45
N PRO D 303 -1.42 6.35 -36.70
CA PRO D 303 -1.09 5.48 -35.58
C PRO D 303 0.35 5.67 -35.17
N PRO D 304 0.60 6.08 -33.93
CA PRO D 304 1.98 6.26 -33.48
C PRO D 304 2.77 4.96 -33.59
N VAL D 305 4.02 5.09 -34.02
CA VAL D 305 4.85 3.91 -34.25
C VAL D 305 5.51 3.48 -32.95
N TRP D 306 5.59 2.16 -32.75
CA TRP D 306 6.21 1.61 -31.55
C TRP D 306 7.66 1.22 -31.87
N LEU D 307 8.59 1.75 -31.09
CA LEU D 307 10.02 1.62 -31.38
C LEU D 307 10.74 0.89 -30.27
N ASP D 308 11.65 0.00 -30.66
CA ASP D 308 12.62 -0.62 -29.77
C ASP D 308 13.99 -0.10 -30.17
N ILE D 309 14.68 0.55 -29.25
CA ILE D 309 15.94 1.22 -29.53
C ILE D 309 17.06 0.42 -28.87
N GLU D 310 17.94 -0.14 -29.70
CA GLU D 310 19.09 -0.90 -29.22
C GLU D 310 20.32 0.00 -29.25
N ILE D 311 20.40 0.89 -28.27
CA ILE D 311 21.51 1.84 -28.22
C ILE D 311 22.79 1.10 -27.84
N THR D 312 23.86 1.37 -28.59
CA THR D 312 25.17 0.78 -28.34
C THR D 312 26.04 1.83 -27.63
N THR D 313 25.77 2.04 -26.34
CA THR D 313 26.55 2.96 -25.53
C THR D 313 26.72 2.36 -24.14
N ASP D 314 27.70 2.89 -23.40
CA ASP D 314 27.92 2.52 -22.01
C ASP D 314 27.35 3.55 -21.04
N GLU D 315 26.74 4.62 -21.56
CA GLU D 315 26.19 5.66 -20.71
C GLU D 315 24.98 5.14 -19.94
N TYR D 316 24.68 5.78 -18.82
CA TYR D 316 23.59 5.36 -17.95
C TYR D 316 22.26 5.38 -18.70
N LEU D 317 21.46 4.34 -18.51
CA LEU D 317 20.18 4.24 -19.20
C LEU D 317 19.23 5.33 -18.75
N HIS D 318 19.17 5.60 -17.44
CA HIS D 318 18.27 6.62 -16.91
C HIS D 318 18.68 8.02 -17.30
N ASP D 319 19.88 8.19 -17.88
CA ASP D 319 20.34 9.47 -18.40
C ASP D 319 20.16 9.55 -19.91
N ILE D 320 20.32 8.44 -20.63
CA ILE D 320 20.19 8.46 -22.08
C ILE D 320 18.73 8.47 -22.50
N GLN D 321 17.85 7.91 -21.67
CA GLN D 321 16.43 7.92 -21.99
C GLN D 321 15.89 9.34 -22.04
N ARG D 322 16.47 10.25 -21.25
CA ARG D 322 16.03 11.64 -21.27
C ARG D 322 16.27 12.28 -22.63
N LYS D 323 17.47 12.12 -23.19
CA LYS D 323 17.74 12.71 -24.50
C LYS D 323 17.00 11.96 -25.60
N ILE D 324 16.78 10.65 -25.42
CA ILE D 324 15.96 9.92 -26.39
C ILE D 324 14.55 10.51 -26.44
N GLN D 325 13.95 10.74 -25.27
CA GLN D 325 12.63 11.35 -25.23
C GLN D 325 12.65 12.76 -25.78
N ALA D 326 13.73 13.50 -25.53
CA ALA D 326 13.84 14.85 -26.07
C ALA D 326 13.83 14.82 -27.60
N LEU D 327 14.56 13.89 -28.19
CA LEU D 327 14.55 13.76 -29.65
C LEU D 327 13.19 13.33 -30.17
N THR D 328 12.53 12.41 -29.46
CA THR D 328 11.25 11.90 -29.94
C THR D 328 10.13 12.93 -29.82
N GLU D 329 10.23 13.87 -28.86
CA GLU D 329 9.16 14.82 -28.64
C GLU D 329 8.80 15.63 -29.87
N SER D 330 9.75 15.82 -30.80
CA SER D 330 9.48 16.56 -32.02
C SER D 330 8.98 15.68 -33.16
N LEU D 331 8.71 14.41 -32.89
CA LEU D 331 8.33 13.43 -33.90
C LEU D 331 7.01 12.79 -33.53
N PRO D 332 6.23 12.32 -34.53
CA PRO D 332 5.01 11.55 -34.27
C PRO D 332 5.29 10.08 -33.97
N VAL D 333 6.09 9.84 -32.94
CA VAL D 333 6.56 8.49 -32.61
C VAL D 333 6.46 8.31 -31.10
N GLU D 334 6.36 7.04 -30.67
CA GLU D 334 6.26 6.70 -29.26
C GLU D 334 7.19 5.53 -28.97
N VAL D 335 8.18 5.76 -28.12
CA VAL D 335 9.18 4.74 -27.79
C VAL D 335 8.64 3.87 -26.66
N LEU D 336 8.74 2.55 -26.84
CA LEU D 336 8.32 1.62 -25.80
C LEU D 336 9.47 1.02 -25.02
N LEU D 337 10.58 0.71 -25.69
CA LEU D 337 11.68 0.00 -25.04
C LEU D 337 13.01 0.61 -25.47
N VAL D 338 13.93 0.73 -24.52
CA VAL D 338 15.31 1.15 -24.77
C VAL D 338 16.23 0.18 -24.04
N ARG D 339 17.16 -0.43 -24.78
CA ARG D 339 18.08 -1.40 -24.21
C ARG D 339 19.50 -1.11 -24.67
N ARG D 340 20.45 -1.25 -23.77
CA ARG D 340 21.85 -0.99 -24.07
C ARG D 340 22.47 -2.23 -24.70
N SER D 341 23.06 -2.07 -25.89
CA SER D 341 23.67 -3.19 -26.59
C SER D 341 25.19 -3.12 -26.48
N ARG D 354 26.78 2.62 -16.26
CA ARG D 354 26.79 1.28 -15.68
C ARG D 354 25.39 0.66 -15.78
N GLU D 355 25.29 -0.63 -15.46
CA GLU D 355 24.06 -1.37 -15.62
C GLU D 355 23.01 -0.91 -14.61
N THR D 356 21.75 -1.07 -15.01
CA THR D 356 20.61 -0.78 -14.14
C THR D 356 19.82 -2.07 -13.92
N LEU D 357 19.05 -2.11 -12.83
CA LEU D 357 18.30 -3.31 -12.49
C LEU D 357 17.21 -3.61 -13.52
N SER D 358 16.75 -2.60 -14.25
CA SER D 358 15.72 -2.83 -15.26
C SER D 358 16.26 -3.55 -16.49
N GLU D 359 17.58 -3.74 -16.58
CA GLU D 359 18.19 -4.38 -17.73
C GLU D 359 18.47 -5.86 -17.50
N LEU D 360 19.16 -6.18 -16.42
CA LEU D 360 19.69 -7.53 -16.22
C LEU D 360 18.57 -8.54 -16.07
N SER D 361 18.87 -9.79 -16.45
CA SER D 361 17.93 -10.88 -16.30
C SER D 361 17.96 -11.40 -14.86
N VAL D 362 16.83 -12.00 -14.46
CA VAL D 362 16.72 -12.54 -13.11
C VAL D 362 17.73 -13.66 -12.90
N GLU D 363 17.96 -14.48 -13.92
CA GLU D 363 18.96 -15.54 -13.81
C GLU D 363 20.34 -14.97 -13.57
N GLU D 364 20.70 -13.92 -14.31
CA GLU D 364 22.02 -13.29 -14.13
C GLU D 364 22.14 -12.68 -12.73
N VAL D 365 21.09 -12.02 -12.27
CA VAL D 365 21.11 -11.44 -10.93
C VAL D 365 21.26 -12.50 -9.84
N PHE D 366 20.56 -13.62 -9.97
CA PHE D 366 20.73 -14.70 -9.00
C PHE D 366 22.11 -15.34 -9.08
N ASN D 367 22.66 -15.50 -10.30
CA ASN D 367 24.00 -16.04 -10.45
C ASN D 367 25.03 -15.14 -9.77
N ARG D 368 24.84 -13.83 -9.88
CA ARG D 368 25.74 -12.91 -9.18
C ARG D 368 25.69 -13.10 -7.67
N ARG D 369 24.59 -13.64 -7.13
CA ARG D 369 24.55 -14.02 -5.73
C ARG D 369 25.30 -15.33 -5.50
N LEU D 370 25.20 -16.27 -6.46
CA LEU D 370 25.87 -17.55 -6.33
C LEU D 370 27.39 -17.37 -6.40
N ALA D 371 27.86 -16.41 -7.20
CA ALA D 371 29.30 -16.19 -7.35
C ALA D 371 29.96 -15.79 -6.04
N LEU D 372 29.32 -14.93 -5.25
CA LEU D 372 29.85 -14.56 -3.94
C LEU D 372 29.88 -15.73 -2.97
N GLU D 373 28.96 -16.67 -3.13
CA GLU D 373 28.98 -17.92 -2.37
C GLU D 373 29.96 -18.89 -3.04
N GLU D 374 30.29 -19.98 -2.36
CA GLU D 374 31.23 -20.96 -2.91
C GLU D 374 30.75 -21.45 -4.26
N LEU D 375 31.69 -21.59 -5.20
CA LEU D 375 31.37 -21.85 -6.61
C LEU D 375 31.41 -23.32 -6.97
N ASP D 376 31.05 -24.21 -6.04
CA ASP D 376 31.04 -25.64 -6.31
C ASP D 376 29.87 -25.97 -7.25
N GLU D 377 30.19 -26.51 -8.43
CA GLU D 377 29.16 -26.84 -9.42
C GLU D 377 28.19 -27.90 -8.90
N SER D 378 28.69 -28.81 -8.05
CA SER D 378 27.87 -29.91 -7.56
C SER D 378 26.60 -29.41 -6.89
N GLN D 379 26.68 -28.27 -6.21
CA GLN D 379 25.52 -27.61 -5.65
C GLN D 379 24.96 -26.53 -6.55
N GLN D 380 25.80 -25.92 -7.39
CA GLN D 380 25.34 -24.85 -8.27
C GLN D 380 24.29 -25.34 -9.25
N GLN D 381 24.47 -26.54 -9.80
CA GLN D 381 23.49 -27.05 -10.77
C GLN D 381 22.13 -27.25 -10.11
N ARG D 382 22.10 -27.84 -8.92
CA ARG D 382 20.83 -28.07 -8.23
C ARG D 382 20.19 -26.75 -7.83
N LEU D 383 20.99 -25.81 -7.34
CA LEU D 383 20.44 -24.51 -6.96
C LEU D 383 19.90 -23.75 -8.17
N GLN D 384 20.59 -23.84 -9.30
CA GLN D 384 20.10 -23.19 -10.52
C GLN D 384 18.79 -23.81 -10.98
N HIS D 385 18.69 -25.14 -10.95
CA HIS D 385 17.43 -25.78 -11.32
C HIS D 385 16.31 -25.36 -10.39
N LEU D 386 16.59 -25.31 -9.08
CA LEU D 386 15.58 -24.92 -8.11
C LEU D 386 15.13 -23.48 -8.32
N PHE D 387 16.07 -22.58 -8.56
CA PHE D 387 15.72 -21.18 -8.80
C PHE D 387 14.90 -21.03 -10.08
N THR D 388 15.28 -21.77 -11.13
CA THR D 388 14.53 -21.69 -12.38
C THR D 388 13.12 -22.20 -12.22
N THR D 389 12.94 -23.32 -11.49
CA THR D 389 11.59 -23.84 -11.30
C THR D 389 10.76 -22.92 -10.42
N THR D 390 11.38 -22.27 -9.43
CA THR D 390 10.67 -21.28 -8.63
C THR D 390 10.20 -20.11 -9.50
N LEU D 391 11.10 -19.59 -10.34
CA LEU D 391 10.73 -18.48 -11.21
C LEU D 391 9.62 -18.87 -12.17
N HIS D 392 9.69 -20.08 -12.71
CA HIS D 392 8.63 -20.57 -13.59
C HIS D 392 7.30 -20.74 -12.86
N THR D 393 7.33 -21.20 -11.61
CA THR D 393 6.10 -21.24 -10.82
C THR D 393 5.54 -19.86 -10.53
N LEU D 394 6.39 -18.83 -10.44
CA LEU D 394 5.85 -17.48 -10.39
C LEU D 394 5.12 -17.13 -11.69
N ALA D 395 5.70 -17.49 -12.82
CA ALA D 395 5.13 -17.17 -14.13
C ALA D 395 4.04 -18.17 -14.53
#